data_1R22
# 
_entry.id   1R22 
# 
_audit_conform.dict_name       mmcif_pdbx.dic 
_audit_conform.dict_version    5.386 
_audit_conform.dict_location   http://mmcif.pdb.org/dictionaries/ascii/mmcif_pdbx.dic 
# 
loop_
_database_2.database_id 
_database_2.database_code 
_database_2.pdbx_database_accession 
_database_2.pdbx_DOI 
PDB   1R22         pdb_00001r22 10.2210/pdb1r22/pdb 
RCSB  RCSB020342   ?            ?                   
WWPDB D_1000020342 ?            ?                   
# 
loop_
_pdbx_audit_revision_history.ordinal 
_pdbx_audit_revision_history.data_content_type 
_pdbx_audit_revision_history.major_revision 
_pdbx_audit_revision_history.minor_revision 
_pdbx_audit_revision_history.revision_date 
1 'Structure model' 1 0 2004-05-18 
2 'Structure model' 1 1 2008-04-29 
3 'Structure model' 1 2 2011-07-13 
4 'Structure model' 1 3 2021-10-27 
5 'Structure model' 1 4 2024-02-14 
# 
_pdbx_audit_revision_details.ordinal             1 
_pdbx_audit_revision_details.revision_ordinal    1 
_pdbx_audit_revision_details.data_content_type   'Structure model' 
_pdbx_audit_revision_details.provider            repository 
_pdbx_audit_revision_details.type                'Initial release' 
_pdbx_audit_revision_details.description         ? 
_pdbx_audit_revision_details.details             ? 
# 
loop_
_pdbx_audit_revision_group.ordinal 
_pdbx_audit_revision_group.revision_ordinal 
_pdbx_audit_revision_group.data_content_type 
_pdbx_audit_revision_group.group 
1 2 'Structure model' 'Version format compliance' 
2 3 'Structure model' 'Version format compliance' 
3 4 'Structure model' 'Database references'       
4 4 'Structure model' 'Derived calculations'      
5 5 'Structure model' 'Data collection'           
# 
loop_
_pdbx_audit_revision_category.ordinal 
_pdbx_audit_revision_category.revision_ordinal 
_pdbx_audit_revision_category.data_content_type 
_pdbx_audit_revision_category.category 
1 4 'Structure model' database_2         
2 4 'Structure model' struct_conn        
3 4 'Structure model' struct_ref_seq_dif 
4 4 'Structure model' struct_site        
5 5 'Structure model' chem_comp_atom     
6 5 'Structure model' chem_comp_bond     
# 
loop_
_pdbx_audit_revision_item.ordinal 
_pdbx_audit_revision_item.revision_ordinal 
_pdbx_audit_revision_item.data_content_type 
_pdbx_audit_revision_item.item 
1  4 'Structure model' '_database_2.pdbx_DOI'                
2  4 'Structure model' '_database_2.pdbx_database_accession' 
3  4 'Structure model' '_struct_conn.pdbx_dist_value'        
4  4 'Structure model' '_struct_conn.ptnr1_auth_asym_id'     
5  4 'Structure model' '_struct_conn.ptnr1_auth_comp_id'     
6  4 'Structure model' '_struct_conn.ptnr1_auth_seq_id'      
7  4 'Structure model' '_struct_conn.ptnr1_label_asym_id'    
8  4 'Structure model' '_struct_conn.ptnr1_label_atom_id'    
9  4 'Structure model' '_struct_conn.ptnr1_label_comp_id'    
10 4 'Structure model' '_struct_conn.ptnr1_label_seq_id'     
11 4 'Structure model' '_struct_conn.ptnr2_auth_asym_id'     
12 4 'Structure model' '_struct_conn.ptnr2_auth_comp_id'     
13 4 'Structure model' '_struct_conn.ptnr2_auth_seq_id'      
14 4 'Structure model' '_struct_conn.ptnr2_label_asym_id'    
15 4 'Structure model' '_struct_conn.ptnr2_label_atom_id'    
16 4 'Structure model' '_struct_conn.ptnr2_label_comp_id'    
17 4 'Structure model' '_struct_conn.ptnr2_label_seq_id'     
18 4 'Structure model' '_struct_ref_seq_dif.details'         
19 4 'Structure model' '_struct_site.pdbx_auth_asym_id'      
20 4 'Structure model' '_struct_site.pdbx_auth_comp_id'      
21 4 'Structure model' '_struct_site.pdbx_auth_seq_id'       
# 
_pdbx_database_status.status_code                     REL 
_pdbx_database_status.entry_id                        1R22 
_pdbx_database_status.recvd_initial_deposition_date   2003-09-25 
_pdbx_database_status.deposit_site                    RCSB 
_pdbx_database_status.process_site                    RCSB 
_pdbx_database_status.SG_entry                        . 
_pdbx_database_status.pdb_format_compatible           Y 
_pdbx_database_status.status_code_mr                  ? 
_pdbx_database_status.status_code_sf                  ? 
_pdbx_database_status.status_code_cs                  ? 
_pdbx_database_status.status_code_nmr_data            ? 
_pdbx_database_status.methods_development_category    ? 
# 
loop_
_pdbx_database_related.db_name 
_pdbx_database_related.db_id 
_pdbx_database_related.details 
_pdbx_database_related.content_type 
PDB 1R1T 'The same protein in its apo-form (1.7 Ang)' unspecified 
PDB 1SMT 'The same protein in its apo-form (2.2 Ang)' unspecified 
PDB 1R1U apo-CzrA                                     unspecified 
PDB 1R1V Zn2CzrA                                      unspecified 
PDB 1R23 'SmtB in the Zn1-form'                       unspecified 
# 
loop_
_audit_author.name 
_audit_author.pdbx_ordinal 
'Eicken, C.'        1 
'Pennella, M.A.'    2 
'Chen, X.'          3 
'Koshlap, K.M.'     4 
'VanZile, M.L.'     5 
'Sacchettini, J.C.' 6 
'Giedroc, D.P.'     7 
# 
_citation.id                        primary 
_citation.title                     
'A metal-ligand-mediated intersubunit allosteric switch in related SmtB/ArsR zinc sensor proteins.' 
_citation.journal_abbrev            J.Mol.Biol. 
_citation.journal_volume            333 
_citation.page_first                683 
_citation.page_last                 695 
_citation.year                      2003 
_citation.journal_id_ASTM           JMOBAK 
_citation.country                   UK 
_citation.journal_id_ISSN           0022-2836 
_citation.journal_id_CSD            0070 
_citation.book_publisher            ? 
_citation.pdbx_database_id_PubMed   14568530 
_citation.pdbx_database_id_DOI      10.1016/j.jmb.2003.09.007 
# 
loop_
_citation_author.citation_id 
_citation_author.name 
_citation_author.ordinal 
_citation_author.identifier_ORCID 
primary 'Eicken, C.'        1 ? 
primary 'Pennella, M.A.'    2 ? 
primary 'Chen, X.'          3 ? 
primary 'Koshlap, K.M.'     4 ? 
primary 'VanZile, M.L.'     5 ? 
primary 'Sacchettini, J.C.' 6 ? 
primary 'Giedroc, D.P.'     7 ? 
# 
loop_
_entity.id 
_entity.type 
_entity.src_method 
_entity.pdbx_description 
_entity.formula_weight 
_entity.pdbx_number_of_molecules 
_entity.pdbx_ec 
_entity.pdbx_mutation 
_entity.pdbx_fragment 
_entity.details 
1 polymer     man 'Transcriptional repressor smtB' 13513.278 2  ? 'C14S, C61S, C121S' ? ? 
2 non-polymer syn 'ZINC ION'                       65.409    2  ? ?                   ? ? 
3 water       nat water                            18.015    60 ? ?                   ? ? 
# 
_entity_poly.entity_id                      1 
_entity_poly.type                           'polypeptide(L)' 
_entity_poly.nstd_linkage                   no 
_entity_poly.nstd_monomer                   no 
_entity_poly.pdbx_seq_one_letter_code       
;MTKPVLQDGETVVSQGTHAAIASELQAIAPEVAQSLAEFFAVLADPNRLRLLSLLARSELSVGDLAQAIGVSESAVSHQL
RSLRNLRLVSYRKQGRHVYYQLQDHHIVALYQNALDHLQESR
;
_entity_poly.pdbx_seq_one_letter_code_can   
;MTKPVLQDGETVVSQGTHAAIASELQAIAPEVAQSLAEFFAVLADPNRLRLLSLLARSELSVGDLAQAIGVSESAVSHQL
RSLRNLRLVSYRKQGRHVYYQLQDHHIVALYQNALDHLQESR
;
_entity_poly.pdbx_strand_id                 A,B 
_entity_poly.pdbx_target_identifier         ? 
# 
loop_
_pdbx_entity_nonpoly.entity_id 
_pdbx_entity_nonpoly.name 
_pdbx_entity_nonpoly.comp_id 
2 'ZINC ION' ZN  
3 water      HOH 
# 
loop_
_entity_poly_seq.entity_id 
_entity_poly_seq.num 
_entity_poly_seq.mon_id 
_entity_poly_seq.hetero 
1 1   MET n 
1 2   THR n 
1 3   LYS n 
1 4   PRO n 
1 5   VAL n 
1 6   LEU n 
1 7   GLN n 
1 8   ASP n 
1 9   GLY n 
1 10  GLU n 
1 11  THR n 
1 12  VAL n 
1 13  VAL n 
1 14  SER n 
1 15  GLN n 
1 16  GLY n 
1 17  THR n 
1 18  HIS n 
1 19  ALA n 
1 20  ALA n 
1 21  ILE n 
1 22  ALA n 
1 23  SER n 
1 24  GLU n 
1 25  LEU n 
1 26  GLN n 
1 27  ALA n 
1 28  ILE n 
1 29  ALA n 
1 30  PRO n 
1 31  GLU n 
1 32  VAL n 
1 33  ALA n 
1 34  GLN n 
1 35  SER n 
1 36  LEU n 
1 37  ALA n 
1 38  GLU n 
1 39  PHE n 
1 40  PHE n 
1 41  ALA n 
1 42  VAL n 
1 43  LEU n 
1 44  ALA n 
1 45  ASP n 
1 46  PRO n 
1 47  ASN n 
1 48  ARG n 
1 49  LEU n 
1 50  ARG n 
1 51  LEU n 
1 52  LEU n 
1 53  SER n 
1 54  LEU n 
1 55  LEU n 
1 56  ALA n 
1 57  ARG n 
1 58  SER n 
1 59  GLU n 
1 60  LEU n 
1 61  SER n 
1 62  VAL n 
1 63  GLY n 
1 64  ASP n 
1 65  LEU n 
1 66  ALA n 
1 67  GLN n 
1 68  ALA n 
1 69  ILE n 
1 70  GLY n 
1 71  VAL n 
1 72  SER n 
1 73  GLU n 
1 74  SER n 
1 75  ALA n 
1 76  VAL n 
1 77  SER n 
1 78  HIS n 
1 79  GLN n 
1 80  LEU n 
1 81  ARG n 
1 82  SER n 
1 83  LEU n 
1 84  ARG n 
1 85  ASN n 
1 86  LEU n 
1 87  ARG n 
1 88  LEU n 
1 89  VAL n 
1 90  SER n 
1 91  TYR n 
1 92  ARG n 
1 93  LYS n 
1 94  GLN n 
1 95  GLY n 
1 96  ARG n 
1 97  HIS n 
1 98  VAL n 
1 99  TYR n 
1 100 TYR n 
1 101 GLN n 
1 102 LEU n 
1 103 GLN n 
1 104 ASP n 
1 105 HIS n 
1 106 HIS n 
1 107 ILE n 
1 108 VAL n 
1 109 ALA n 
1 110 LEU n 
1 111 TYR n 
1 112 GLN n 
1 113 ASN n 
1 114 ALA n 
1 115 LEU n 
1 116 ASP n 
1 117 HIS n 
1 118 LEU n 
1 119 GLN n 
1 120 GLU n 
1 121 SER n 
1 122 ARG n 
# 
_entity_src_gen.entity_id                          1 
_entity_src_gen.pdbx_src_id                        1 
_entity_src_gen.pdbx_alt_source_flag               sample 
_entity_src_gen.pdbx_seq_type                      ? 
_entity_src_gen.pdbx_beg_seq_num                   ? 
_entity_src_gen.pdbx_end_seq_num                   ? 
_entity_src_gen.gene_src_common_name               ? 
_entity_src_gen.gene_src_genus                     Synechococcus 
_entity_src_gen.pdbx_gene_src_gene                 SMTB 
_entity_src_gen.gene_src_species                   'Synechococcus elongatus' 
_entity_src_gen.gene_src_strain                    PCC7942 
_entity_src_gen.gene_src_tissue                    ? 
_entity_src_gen.gene_src_tissue_fraction           ? 
_entity_src_gen.gene_src_details                   ? 
_entity_src_gen.pdbx_gene_src_fragment             ? 
_entity_src_gen.pdbx_gene_src_scientific_name      'Synechococcus elongatus PCC 7942' 
_entity_src_gen.pdbx_gene_src_ncbi_taxonomy_id     1140 
_entity_src_gen.pdbx_gene_src_variant              ? 
_entity_src_gen.pdbx_gene_src_cell_line            ? 
_entity_src_gen.pdbx_gene_src_atcc                 ? 
_entity_src_gen.pdbx_gene_src_organ                ? 
_entity_src_gen.pdbx_gene_src_organelle            ? 
_entity_src_gen.pdbx_gene_src_cell                 ? 
_entity_src_gen.pdbx_gene_src_cellular_location    ? 
_entity_src_gen.host_org_common_name               ? 
_entity_src_gen.pdbx_host_org_scientific_name      'Escherichia coli BL21(DE3)' 
_entity_src_gen.pdbx_host_org_ncbi_taxonomy_id     469008 
_entity_src_gen.host_org_genus                     Escherichia 
_entity_src_gen.pdbx_host_org_gene                 ? 
_entity_src_gen.pdbx_host_org_organ                ? 
_entity_src_gen.host_org_species                   'Escherichia coli' 
_entity_src_gen.pdbx_host_org_tissue               ? 
_entity_src_gen.pdbx_host_org_tissue_fraction      ? 
_entity_src_gen.pdbx_host_org_strain               'BL21(DE3)' 
_entity_src_gen.pdbx_host_org_variant              ? 
_entity_src_gen.pdbx_host_org_cell_line            ? 
_entity_src_gen.pdbx_host_org_atcc                 ? 
_entity_src_gen.pdbx_host_org_culture_collection   ? 
_entity_src_gen.pdbx_host_org_cell                 ? 
_entity_src_gen.pdbx_host_org_organelle            ? 
_entity_src_gen.pdbx_host_org_cellular_location    ? 
_entity_src_gen.pdbx_host_org_vector_type          PLASMID 
_entity_src_gen.pdbx_host_org_vector               ? 
_entity_src_gen.host_org_details                   ? 
_entity_src_gen.expression_system_id               ? 
_entity_src_gen.plasmid_name                       ? 
_entity_src_gen.plasmid_details                    ? 
_entity_src_gen.pdbx_description                   ? 
# 
loop_
_chem_comp.id 
_chem_comp.type 
_chem_comp.mon_nstd_flag 
_chem_comp.name 
_chem_comp.pdbx_synonyms 
_chem_comp.formula 
_chem_comp.formula_weight 
ALA 'L-peptide linking' y ALANINE         ? 'C3 H7 N O2'     89.093  
ARG 'L-peptide linking' y ARGININE        ? 'C6 H15 N4 O2 1' 175.209 
ASN 'L-peptide linking' y ASPARAGINE      ? 'C4 H8 N2 O3'    132.118 
ASP 'L-peptide linking' y 'ASPARTIC ACID' ? 'C4 H7 N O4'     133.103 
CYS 'L-peptide linking' y CYSTEINE        ? 'C3 H7 N O2 S'   121.158 
GLN 'L-peptide linking' y GLUTAMINE       ? 'C5 H10 N2 O3'   146.144 
GLU 'L-peptide linking' y 'GLUTAMIC ACID' ? 'C5 H9 N O4'     147.129 
GLY 'peptide linking'   y GLYCINE         ? 'C2 H5 N O2'     75.067  
HIS 'L-peptide linking' y HISTIDINE       ? 'C6 H10 N3 O2 1' 156.162 
HOH non-polymer         . WATER           ? 'H2 O'           18.015  
ILE 'L-peptide linking' y ISOLEUCINE      ? 'C6 H13 N O2'    131.173 
LEU 'L-peptide linking' y LEUCINE         ? 'C6 H13 N O2'    131.173 
LYS 'L-peptide linking' y LYSINE          ? 'C6 H15 N2 O2 1' 147.195 
MET 'L-peptide linking' y METHIONINE      ? 'C5 H11 N O2 S'  149.211 
PHE 'L-peptide linking' y PHENYLALANINE   ? 'C9 H11 N O2'    165.189 
PRO 'L-peptide linking' y PROLINE         ? 'C5 H9 N O2'     115.130 
SER 'L-peptide linking' y SERINE          ? 'C3 H7 N O3'     105.093 
THR 'L-peptide linking' y THREONINE       ? 'C4 H9 N O3'     119.119 
TYR 'L-peptide linking' y TYROSINE        ? 'C9 H11 N O3'    181.189 
VAL 'L-peptide linking' y VALINE          ? 'C5 H11 N O2'    117.146 
ZN  non-polymer         . 'ZINC ION'      ? 'Zn 2'           65.409  
# 
loop_
_pdbx_poly_seq_scheme.asym_id 
_pdbx_poly_seq_scheme.entity_id 
_pdbx_poly_seq_scheme.seq_id 
_pdbx_poly_seq_scheme.mon_id 
_pdbx_poly_seq_scheme.ndb_seq_num 
_pdbx_poly_seq_scheme.pdb_seq_num 
_pdbx_poly_seq_scheme.auth_seq_num 
_pdbx_poly_seq_scheme.pdb_mon_id 
_pdbx_poly_seq_scheme.auth_mon_id 
_pdbx_poly_seq_scheme.pdb_strand_id 
_pdbx_poly_seq_scheme.pdb_ins_code 
_pdbx_poly_seq_scheme.hetero 
A 1 1   MET 1   1   ?   ?   ?   A . n 
A 1 2   THR 2   2   ?   ?   ?   A . n 
A 1 3   LYS 3   3   ?   ?   ?   A . n 
A 1 4   PRO 4   4   ?   ?   ?   A . n 
A 1 5   VAL 5   5   ?   ?   ?   A . n 
A 1 6   LEU 6   6   ?   ?   ?   A . n 
A 1 7   GLN 7   7   ?   ?   ?   A . n 
A 1 8   ASP 8   8   ?   ?   ?   A . n 
A 1 9   GLY 9   9   ?   ?   ?   A . n 
A 1 10  GLU 10  10  ?   ?   ?   A . n 
A 1 11  THR 11  11  ?   ?   ?   A . n 
A 1 12  VAL 12  12  ?   ?   ?   A . n 
A 1 13  VAL 13  13  ?   ?   ?   A . n 
A 1 14  SER 14  14  ?   ?   ?   A . n 
A 1 15  GLN 15  15  ?   ?   ?   A . n 
A 1 16  GLY 16  16  ?   ?   ?   A . n 
A 1 17  THR 17  17  ?   ?   ?   A . n 
A 1 18  HIS 18  18  ?   ?   ?   A . n 
A 1 19  ALA 19  19  ?   ?   ?   A . n 
A 1 20  ALA 20  20  ?   ?   ?   A . n 
A 1 21  ILE 21  21  ?   ?   ?   A . n 
A 1 22  ALA 22  22  ?   ?   ?   A . n 
A 1 23  SER 23  23  ?   ?   ?   A . n 
A 1 24  GLU 24  24  ?   ?   ?   A . n 
A 1 25  LEU 25  25  25  LEU LEU A . n 
A 1 26  GLN 26  26  26  GLN GLN A . n 
A 1 27  ALA 27  27  27  ALA ALA A . n 
A 1 28  ILE 28  28  28  ILE ILE A . n 
A 1 29  ALA 29  29  29  ALA ALA A . n 
A 1 30  PRO 30  30  30  PRO PRO A . n 
A 1 31  GLU 31  31  31  GLU GLU A . n 
A 1 32  VAL 32  32  32  VAL VAL A . n 
A 1 33  ALA 33  33  33  ALA ALA A . n 
A 1 34  GLN 34  34  34  GLN GLN A . n 
A 1 35  SER 35  35  35  SER SER A . n 
A 1 36  LEU 36  36  36  LEU LEU A . n 
A 1 37  ALA 37  37  37  ALA ALA A . n 
A 1 38  GLU 38  38  38  GLU GLU A . n 
A 1 39  PHE 39  39  39  PHE PHE A . n 
A 1 40  PHE 40  40  40  PHE PHE A . n 
A 1 41  ALA 41  41  41  ALA ALA A . n 
A 1 42  VAL 42  42  42  VAL VAL A . n 
A 1 43  LEU 43  43  43  LEU LEU A . n 
A 1 44  ALA 44  44  44  ALA ALA A . n 
A 1 45  ASP 45  45  45  ASP ASP A . n 
A 1 46  PRO 46  46  46  PRO PRO A . n 
A 1 47  ASN 47  47  47  ASN ASN A . n 
A 1 48  ARG 48  48  48  ARG ARG A . n 
A 1 49  LEU 49  49  49  LEU LEU A . n 
A 1 50  ARG 50  50  50  ARG ARG A . n 
A 1 51  LEU 51  51  51  LEU LEU A . n 
A 1 52  LEU 52  52  52  LEU LEU A . n 
A 1 53  SER 53  53  53  SER SER A . n 
A 1 54  LEU 54  54  54  LEU LEU A . n 
A 1 55  LEU 55  55  55  LEU LEU A . n 
A 1 56  ALA 56  56  56  ALA ALA A . n 
A 1 57  ARG 57  57  57  ARG ARG A . n 
A 1 58  SER 58  58  58  SER SER A . n 
A 1 59  GLU 59  59  59  GLU GLU A . n 
A 1 60  LEU 60  60  60  LEU LEU A . n 
A 1 61  SER 61  61  61  SER ALA A . n 
A 1 62  VAL 62  62  62  VAL VAL A . n 
A 1 63  GLY 63  63  63  GLY GLY A . n 
A 1 64  ASP 64  64  64  ASP ASP A . n 
A 1 65  LEU 65  65  65  LEU LEU A . n 
A 1 66  ALA 66  66  66  ALA ALA A . n 
A 1 67  GLN 67  67  67  GLN GLN A . n 
A 1 68  ALA 68  68  68  ALA ALA A . n 
A 1 69  ILE 69  69  69  ILE ILE A . n 
A 1 70  GLY 70  70  70  GLY GLY A . n 
A 1 71  VAL 71  71  71  VAL VAL A . n 
A 1 72  SER 72  72  72  SER SER A . n 
A 1 73  GLU 73  73  73  GLU GLU A . n 
A 1 74  SER 74  74  74  SER SER A . n 
A 1 75  ALA 75  75  75  ALA ALA A . n 
A 1 76  VAL 76  76  76  VAL VAL A . n 
A 1 77  SER 77  77  77  SER SER A . n 
A 1 78  HIS 78  78  78  HIS HIS A . n 
A 1 79  GLN 79  79  79  GLN GLN A . n 
A 1 80  LEU 80  80  80  LEU LEU A . n 
A 1 81  ARG 81  81  81  ARG ARG A . n 
A 1 82  SER 82  82  82  SER SER A . n 
A 1 83  LEU 83  83  83  LEU LEU A . n 
A 1 84  ARG 84  84  84  ARG ARG A . n 
A 1 85  ASN 85  85  85  ASN ASN A . n 
A 1 86  LEU 86  86  86  LEU LEU A . n 
A 1 87  ARG 87  87  87  ARG ARG A . n 
A 1 88  LEU 88  88  88  LEU LEU A . n 
A 1 89  VAL 89  89  89  VAL VAL A . n 
A 1 90  SER 90  90  90  SER SER A . n 
A 1 91  TYR 91  91  91  TYR TYR A . n 
A 1 92  ARG 92  92  92  ARG ARG A . n 
A 1 93  LYS 93  93  ?   ?   ?   A . n 
A 1 94  GLN 94  94  ?   ?   ?   A . n 
A 1 95  GLY 95  95  ?   ?   ?   A . n 
A 1 96  ARG 96  96  ?   ?   ?   A . n 
A 1 97  HIS 97  97  97  HIS HIS A . n 
A 1 98  VAL 98  98  98  VAL VAL A . n 
A 1 99  TYR 99  99  99  TYR TYR A . n 
A 1 100 TYR 100 100 100 TYR TYR A . n 
A 1 101 GLN 101 101 101 GLN GLN A . n 
A 1 102 LEU 102 102 102 LEU LEU A . n 
A 1 103 GLN 103 103 103 GLN GLN A . n 
A 1 104 ASP 104 104 104 ASP ASP A . n 
A 1 105 HIS 105 105 105 HIS HIS A . n 
A 1 106 HIS 106 106 106 HIS HIS A . n 
A 1 107 ILE 107 107 107 ILE ILE A . n 
A 1 108 VAL 108 108 108 VAL VAL A . n 
A 1 109 ALA 109 109 109 ALA ALA A . n 
A 1 110 LEU 110 110 110 LEU LEU A . n 
A 1 111 TYR 111 111 111 TYR TYR A . n 
A 1 112 GLN 112 112 112 GLN GLN A . n 
A 1 113 ASN 113 113 113 ASN ASN A . n 
A 1 114 ALA 114 114 114 ALA ALA A . n 
A 1 115 LEU 115 115 115 LEU LEU A . n 
A 1 116 ASP 116 116 116 ASP ASP A . n 
A 1 117 HIS 117 117 117 HIS HIS A . n 
A 1 118 LEU 118 118 118 LEU LEU A . n 
A 1 119 GLN 119 119 119 GLN GLN A . n 
A 1 120 GLU 120 120 120 GLU GLU A . n 
A 1 121 SER 121 121 121 SER ALA A . n 
A 1 122 ARG 122 122 ?   ?   ?   A . n 
B 1 1   MET 1   1   ?   ?   ?   B . n 
B 1 2   THR 2   2   ?   ?   ?   B . n 
B 1 3   LYS 3   3   ?   ?   ?   B . n 
B 1 4   PRO 4   4   ?   ?   ?   B . n 
B 1 5   VAL 5   5   ?   ?   ?   B . n 
B 1 6   LEU 6   6   ?   ?   ?   B . n 
B 1 7   GLN 7   7   ?   ?   ?   B . n 
B 1 8   ASP 8   8   ?   ?   ?   B . n 
B 1 9   GLY 9   9   ?   ?   ?   B . n 
B 1 10  GLU 10  10  ?   ?   ?   B . n 
B 1 11  THR 11  11  ?   ?   ?   B . n 
B 1 12  VAL 12  12  ?   ?   ?   B . n 
B 1 13  VAL 13  13  ?   ?   ?   B . n 
B 1 14  SER 14  14  ?   ?   ?   B . n 
B 1 15  GLN 15  15  ?   ?   ?   B . n 
B 1 16  GLY 16  16  ?   ?   ?   B . n 
B 1 17  THR 17  17  ?   ?   ?   B . n 
B 1 18  HIS 18  18  ?   ?   ?   B . n 
B 1 19  ALA 19  19  ?   ?   ?   B . n 
B 1 20  ALA 20  20  ?   ?   ?   B . n 
B 1 21  ILE 21  21  ?   ?   ?   B . n 
B 1 22  ALA 22  22  ?   ?   ?   B . n 
B 1 23  SER 23  23  ?   ?   ?   B . n 
B 1 24  GLU 24  24  ?   ?   ?   B . n 
B 1 25  LEU 25  25  ?   ?   ?   B . n 
B 1 26  GLN 26  26  26  GLN GLN B . n 
B 1 27  ALA 27  27  27  ALA ALA B . n 
B 1 28  ILE 28  28  28  ILE ILE B . n 
B 1 29  ALA 29  29  29  ALA ALA B . n 
B 1 30  PRO 30  30  30  PRO PRO B . n 
B 1 31  GLU 31  31  31  GLU GLU B . n 
B 1 32  VAL 32  32  32  VAL VAL B . n 
B 1 33  ALA 33  33  33  ALA ALA B . n 
B 1 34  GLN 34  34  34  GLN GLN B . n 
B 1 35  SER 35  35  35  SER SER B . n 
B 1 36  LEU 36  36  36  LEU LEU B . n 
B 1 37  ALA 37  37  37  ALA ALA B . n 
B 1 38  GLU 38  38  38  GLU GLU B . n 
B 1 39  PHE 39  39  39  PHE PHE B . n 
B 1 40  PHE 40  40  40  PHE PHE B . n 
B 1 41  ALA 41  41  41  ALA ALA B . n 
B 1 42  VAL 42  42  42  VAL VAL B . n 
B 1 43  LEU 43  43  43  LEU LEU B . n 
B 1 44  ALA 44  44  44  ALA ALA B . n 
B 1 45  ASP 45  45  45  ASP ASP B . n 
B 1 46  PRO 46  46  46  PRO PRO B . n 
B 1 47  ASN 47  47  47  ASN ASN B . n 
B 1 48  ARG 48  48  48  ARG ARG B . n 
B 1 49  LEU 49  49  49  LEU LEU B . n 
B 1 50  ARG 50  50  50  ARG ARG B . n 
B 1 51  LEU 51  51  51  LEU LEU B . n 
B 1 52  LEU 52  52  52  LEU LEU B . n 
B 1 53  SER 53  53  53  SER SER B . n 
B 1 54  LEU 54  54  54  LEU LEU B . n 
B 1 55  LEU 55  55  55  LEU LEU B . n 
B 1 56  ALA 56  56  56  ALA ALA B . n 
B 1 57  ARG 57  57  57  ARG ARG B . n 
B 1 58  SER 58  58  58  SER SER B . n 
B 1 59  GLU 59  59  59  GLU GLU B . n 
B 1 60  LEU 60  60  60  LEU LEU B . n 
B 1 61  SER 61  61  61  SER ALA B . n 
B 1 62  VAL 62  62  62  VAL VAL B . n 
B 1 63  GLY 63  63  63  GLY GLY B . n 
B 1 64  ASP 64  64  64  ASP ASP B . n 
B 1 65  LEU 65  65  65  LEU LEU B . n 
B 1 66  ALA 66  66  66  ALA ALA B . n 
B 1 67  GLN 67  67  67  GLN GLN B . n 
B 1 68  ALA 68  68  68  ALA ALA B . n 
B 1 69  ILE 69  69  69  ILE ILE B . n 
B 1 70  GLY 70  70  70  GLY GLY B . n 
B 1 71  VAL 71  71  71  VAL VAL B . n 
B 1 72  SER 72  72  72  SER SER B . n 
B 1 73  GLU 73  73  73  GLU GLU B . n 
B 1 74  SER 74  74  74  SER SER B . n 
B 1 75  ALA 75  75  75  ALA ALA B . n 
B 1 76  VAL 76  76  76  VAL VAL B . n 
B 1 77  SER 77  77  77  SER SER B . n 
B 1 78  HIS 78  78  78  HIS HIS B . n 
B 1 79  GLN 79  79  79  GLN GLN B . n 
B 1 80  LEU 80  80  80  LEU LEU B . n 
B 1 81  ARG 81  81  81  ARG ARG B . n 
B 1 82  SER 82  82  82  SER SER B . n 
B 1 83  LEU 83  83  83  LEU LEU B . n 
B 1 84  ARG 84  84  84  ARG ARG B . n 
B 1 85  ASN 85  85  85  ASN ASN B . n 
B 1 86  LEU 86  86  86  LEU LEU B . n 
B 1 87  ARG 87  87  87  ARG ARG B . n 
B 1 88  LEU 88  88  88  LEU LEU B . n 
B 1 89  VAL 89  89  89  VAL VAL B . n 
B 1 90  SER 90  90  90  SER SER B . n 
B 1 91  TYR 91  91  91  TYR TYR B . n 
B 1 92  ARG 92  92  92  ARG ARG B . n 
B 1 93  LYS 93  93  93  LYS LYS B . n 
B 1 94  GLN 94  94  94  GLN GLN B . n 
B 1 95  GLY 95  95  95  GLY GLY B . n 
B 1 96  ARG 96  96  96  ARG ARG B . n 
B 1 97  HIS 97  97  97  HIS HIS B . n 
B 1 98  VAL 98  98  98  VAL VAL B . n 
B 1 99  TYR 99  99  99  TYR TYR B . n 
B 1 100 TYR 100 100 100 TYR TYR B . n 
B 1 101 GLN 101 101 101 GLN GLN B . n 
B 1 102 LEU 102 102 102 LEU LEU B . n 
B 1 103 GLN 103 103 103 GLN GLN B . n 
B 1 104 ASP 104 104 104 ASP ASP B . n 
B 1 105 HIS 105 105 105 HIS HIS B . n 
B 1 106 HIS 106 106 106 HIS HIS B . n 
B 1 107 ILE 107 107 107 ILE ILE B . n 
B 1 108 VAL 108 108 108 VAL VAL B . n 
B 1 109 ALA 109 109 109 ALA ALA B . n 
B 1 110 LEU 110 110 110 LEU LEU B . n 
B 1 111 TYR 111 111 111 TYR TYR B . n 
B 1 112 GLN 112 112 112 GLN GLN B . n 
B 1 113 ASN 113 113 113 ASN ASN B . n 
B 1 114 ALA 114 114 114 ALA ALA B . n 
B 1 115 LEU 115 115 115 LEU LEU B . n 
B 1 116 ASP 116 116 116 ASP ASP B . n 
B 1 117 HIS 117 117 117 HIS HIS B . n 
B 1 118 LEU 118 118 118 LEU LEU B . n 
B 1 119 GLN 119 119 119 GLN GLN B . n 
B 1 120 GLU 120 120 120 GLU GLU B . n 
B 1 121 SER 121 121 121 SER ALA B . n 
B 1 122 ARG 122 122 122 ARG ARG B . n 
# 
loop_
_pdbx_nonpoly_scheme.asym_id 
_pdbx_nonpoly_scheme.entity_id 
_pdbx_nonpoly_scheme.mon_id 
_pdbx_nonpoly_scheme.ndb_seq_num 
_pdbx_nonpoly_scheme.pdb_seq_num 
_pdbx_nonpoly_scheme.auth_seq_num 
_pdbx_nonpoly_scheme.pdb_mon_id 
_pdbx_nonpoly_scheme.auth_mon_id 
_pdbx_nonpoly_scheme.pdb_strand_id 
_pdbx_nonpoly_scheme.pdb_ins_code 
C 2 ZN  1  502  502  ZN  ZN2 A . 
D 2 ZN  1  501  501  ZN  ZN2 B . 
E 3 HOH 1  1005 1005 HOH HOH A . 
E 3 HOH 2  1008 1008 HOH HOH A . 
E 3 HOH 3  1013 1013 HOH HOH A . 
E 3 HOH 4  1016 1016 HOH HOH A . 
E 3 HOH 5  1017 1017 HOH HOH A . 
E 3 HOH 6  1018 1018 HOH HOH A . 
E 3 HOH 7  1019 1019 HOH HOH A . 
E 3 HOH 8  1020 1020 HOH HOH A . 
E 3 HOH 9  1027 1027 HOH HOH A . 
E 3 HOH 10 1029 1029 HOH HOH A . 
E 3 HOH 11 1030 1030 HOH HOH A . 
E 3 HOH 12 1036 1036 HOH HOH A . 
E 3 HOH 13 1037 1037 HOH HOH A . 
E 3 HOH 14 1042 1042 HOH HOH A . 
E 3 HOH 15 1044 1044 HOH HOH A . 
E 3 HOH 16 1046 1046 HOH HOH A . 
E 3 HOH 17 1048 1048 HOH HOH A . 
E 3 HOH 18 1049 1049 HOH HOH A . 
E 3 HOH 19 1050 1050 HOH HOH A . 
E 3 HOH 20 1052 1052 HOH HOH A . 
E 3 HOH 21 1054 1054 HOH HOH A . 
E 3 HOH 22 1056 1056 HOH HOH A . 
E 3 HOH 23 1059 1059 HOH HOH A . 
F 3 HOH 1  1000 1000 HOH HOH B . 
F 3 HOH 2  1001 1001 HOH HOH B . 
F 3 HOH 3  1002 1002 HOH HOH B . 
F 3 HOH 4  1003 1003 HOH HOH B . 
F 3 HOH 5  1004 1004 HOH HOH B . 
F 3 HOH 6  1006 1006 HOH HOH B . 
F 3 HOH 7  1007 1007 HOH HOH B . 
F 3 HOH 8  1009 1009 HOH HOH B . 
F 3 HOH 9  1010 1010 HOH HOH B . 
F 3 HOH 10 1011 1011 HOH HOH B . 
F 3 HOH 11 1012 1012 HOH HOH B . 
F 3 HOH 12 1014 1014 HOH HOH B . 
F 3 HOH 13 1015 1015 HOH HOH B . 
F 3 HOH 14 1021 1021 HOH HOH B . 
F 3 HOH 15 1022 1022 HOH HOH B . 
F 3 HOH 16 1023 1023 HOH HOH B . 
F 3 HOH 17 1024 1024 HOH HOH B . 
F 3 HOH 18 1025 1025 HOH HOH B . 
F 3 HOH 19 1026 1026 HOH HOH B . 
F 3 HOH 20 1028 1028 HOH HOH B . 
F 3 HOH 21 1031 1031 HOH HOH B . 
F 3 HOH 22 1032 1032 HOH HOH B . 
F 3 HOH 23 1033 1033 HOH HOH B . 
F 3 HOH 24 1034 1034 HOH HOH B . 
F 3 HOH 25 1035 1035 HOH HOH B . 
F 3 HOH 26 1038 1038 HOH HOH B . 
F 3 HOH 27 1039 1039 HOH HOH B . 
F 3 HOH 28 1040 1040 HOH HOH B . 
F 3 HOH 29 1041 1041 HOH HOH B . 
F 3 HOH 30 1043 1043 HOH HOH B . 
F 3 HOH 31 1045 1045 HOH HOH B . 
F 3 HOH 32 1047 1047 HOH HOH B . 
F 3 HOH 33 1051 1051 HOH HOH B . 
F 3 HOH 34 1053 1053 HOH HOH B . 
F 3 HOH 35 1055 1055 HOH HOH B . 
F 3 HOH 36 1057 1057 HOH HOH B . 
F 3 HOH 37 1058 1058 HOH HOH B . 
# 
loop_
_pdbx_unobs_or_zero_occ_atoms.id 
_pdbx_unobs_or_zero_occ_atoms.PDB_model_num 
_pdbx_unobs_or_zero_occ_atoms.polymer_flag 
_pdbx_unobs_or_zero_occ_atoms.occupancy_flag 
_pdbx_unobs_or_zero_occ_atoms.auth_asym_id 
_pdbx_unobs_or_zero_occ_atoms.auth_comp_id 
_pdbx_unobs_or_zero_occ_atoms.auth_seq_id 
_pdbx_unobs_or_zero_occ_atoms.PDB_ins_code 
_pdbx_unobs_or_zero_occ_atoms.auth_atom_id 
_pdbx_unobs_or_zero_occ_atoms.label_alt_id 
_pdbx_unobs_or_zero_occ_atoms.label_asym_id 
_pdbx_unobs_or_zero_occ_atoms.label_comp_id 
_pdbx_unobs_or_zero_occ_atoms.label_seq_id 
_pdbx_unobs_or_zero_occ_atoms.label_atom_id 
1 1 Y 1 A SER 61  ? OG ? A SER 61  OG 
2 1 Y 1 A SER 121 ? OG ? A SER 121 OG 
3 1 Y 1 B SER 61  ? OG ? B SER 61  OG 
4 1 Y 1 B SER 121 ? OG ? B SER 121 OG 
# 
loop_
_software.name 
_software.classification 
_software.version 
_software.citation_id 
_software.pdbx_ordinal 
REFMAC    refinement       5.1.24 ? 1 
HKL-2000  'data reduction' .      ? 2 
SCALEPACK 'data scaling'   .      ? 3 
SOLVE     phasing          .      ? 4 
# 
_cell.entry_id           1R22 
_cell.length_a           64.448 
_cell.length_b           124.678 
_cell.length_c           25.909 
_cell.angle_alpha        90.00 
_cell.angle_beta         90.00 
_cell.angle_gamma        90.00 
_cell.Z_PDB              8 
_cell.pdbx_unique_axis   ? 
# 
_symmetry.entry_id                         1R22 
_symmetry.space_group_name_H-M             'P 21 21 2' 
_symmetry.pdbx_full_space_group_name_H-M   ? 
_symmetry.cell_setting                     ? 
_symmetry.Int_Tables_number                18 
# 
_exptl.entry_id          1R22 
_exptl.method            'X-RAY DIFFRACTION' 
_exptl.crystals_number   1 
# 
_exptl_crystal.id                    1 
_exptl_crystal.density_meas          ? 
_exptl_crystal.density_Matthews      1.93 
_exptl_crystal.density_percent_sol   36.11 
_exptl_crystal.description           ? 
# 
_exptl_crystal_grow.crystal_id      1 
_exptl_crystal_grow.method          'VAPOR DIFFUSION, HANGING DROP' 
_exptl_crystal_grow.temp            298 
_exptl_crystal_grow.temp_details    ? 
_exptl_crystal_grow.pH              7.5 
_exptl_crystal_grow.pdbx_details    'Na/K phosphate, Hepes, pH 7.5, VAPOR DIFFUSION, HANGING DROP, temperature 298K' 
_exptl_crystal_grow.pdbx_pH_range   . 
# 
_diffrn.id                     1 
_diffrn.ambient_temp           100 
_diffrn.ambient_temp_details   ? 
_diffrn.crystal_id             1 
# 
_diffrn_detector.diffrn_id              1 
_diffrn_detector.detector               CCD 
_diffrn_detector.type                   'ADSC QUANTUM 4' 
_diffrn_detector.pdbx_collection_date   2002-06-30 
_diffrn_detector.details                ? 
# 
_diffrn_radiation.diffrn_id                        1 
_diffrn_radiation.wavelength_id                    1 
_diffrn_radiation.pdbx_monochromatic_or_laue_m_l   M 
_diffrn_radiation.monochromator                    ? 
_diffrn_radiation.pdbx_diffrn_protocol             MAD 
_diffrn_radiation.pdbx_scattering_type             x-ray 
# 
loop_
_diffrn_radiation_wavelength.id 
_diffrn_radiation_wavelength.wavelength 
_diffrn_radiation_wavelength.wt 
1 1.2398 1.0 
2 1.2828 1.0 
3 1.2833 1.0 
# 
_diffrn_source.diffrn_id                   1 
_diffrn_source.source                      SYNCHROTRON 
_diffrn_source.type                        'APS BEAMLINE 14-BM-D' 
_diffrn_source.pdbx_synchrotron_site       APS 
_diffrn_source.pdbx_synchrotron_beamline   14-BM-D 
_diffrn_source.pdbx_wavelength             ? 
_diffrn_source.pdbx_wavelength_list        '1.2398, 1.2828, 1.2833' 
# 
_reflns.entry_id                     1R22 
_reflns.observed_criterion_sigma_F   0 
_reflns.observed_criterion_sigma_I   0 
_reflns.d_resolution_high            2.3 
_reflns.d_resolution_low             50.0 
_reflns.number_all                   9876 
_reflns.number_obs                   9318 
_reflns.percent_possible_obs         94.4 
_reflns.pdbx_Rmerge_I_obs            ? 
_reflns.pdbx_Rsym_value              0.069 
_reflns.pdbx_netI_over_sigmaI        12.6 
_reflns.B_iso_Wilson_estimate        ? 
_reflns.pdbx_redundancy              6.0 
_reflns.R_free_details               ? 
_reflns.limit_h_max                  ? 
_reflns.limit_h_min                  ? 
_reflns.limit_k_max                  ? 
_reflns.limit_k_min                  ? 
_reflns.limit_l_max                  ? 
_reflns.limit_l_min                  ? 
_reflns.observed_criterion_F_max     ? 
_reflns.observed_criterion_F_min     ? 
_reflns.pdbx_diffrn_id               1 
_reflns.pdbx_ordinal                 1 
# 
_reflns_shell.d_res_high             2.30 
_reflns_shell.d_res_low              2.38 
_reflns_shell.percent_possible_all   85.7 
_reflns_shell.Rmerge_I_obs           ? 
_reflns_shell.pdbx_Rsym_value        0.271 
_reflns_shell.meanI_over_sigI_obs    ? 
_reflns_shell.pdbx_redundancy        4.9 
_reflns_shell.percent_possible_obs   ? 
_reflns_shell.number_unique_all      ? 
_reflns_shell.pdbx_diffrn_id         ? 
_reflns_shell.pdbx_ordinal           1 
# 
_refine.entry_id                                 1R22 
_refine.ls_number_reflns_obs                     8841 
_refine.ls_number_reflns_all                     9834 
_refine.pdbx_ls_sigma_I                          ? 
_refine.pdbx_ls_sigma_F                          0 
_refine.pdbx_data_cutoff_high_absF               ? 
_refine.pdbx_data_cutoff_low_absF                ? 
_refine.pdbx_data_cutoff_high_rms_absF           ? 
_refine.ls_d_res_low                             50.0 
_refine.ls_d_res_high                            2.30 
_refine.ls_percent_reflns_obs                    94.41 
_refine.ls_R_factor_obs                          0.23015 
_refine.ls_R_factor_all                          0.23015 
_refine.ls_R_factor_R_work                       0.22878 
_refine.ls_R_factor_R_free                       0.28962 
_refine.ls_R_factor_R_free_error                 ? 
_refine.ls_R_factor_R_free_error_details         ? 
_refine.ls_percent_reflns_R_free                 4.8 
_refine.ls_number_reflns_R_free                  442 
_refine.ls_number_parameters                     ? 
_refine.ls_number_restraints                     ? 
_refine.occupancy_min                            ? 
_refine.occupancy_max                            ? 
_refine.correlation_coeff_Fo_to_Fc               0.920 
_refine.correlation_coeff_Fo_to_Fc_free          0.878 
_refine.B_iso_mean                               35.456 
_refine.aniso_B[1][1]                            -1.52 
_refine.aniso_B[2][2]                            0.76 
_refine.aniso_B[3][3]                            0.76 
_refine.aniso_B[1][2]                            0.00 
_refine.aniso_B[1][3]                            0.00 
_refine.aniso_B[2][3]                            0.00 
_refine.solvent_model_details                    'BABINET MODEL WITH MASK' 
_refine.solvent_model_param_ksol                 ? 
_refine.solvent_model_param_bsol                 ? 
_refine.pdbx_solvent_vdw_probe_radii             1.40 
_refine.pdbx_solvent_ion_probe_radii             0.80 
_refine.pdbx_solvent_shrinkage_radii             0.80 
_refine.pdbx_ls_cross_valid_method               THROUGHOUT 
_refine.details                                  'HYDROGENS HAVE BEEN ADDED IN THE RIDING POSITIONS' 
_refine.pdbx_starting_model                      ? 
_refine.pdbx_method_to_determine_struct          MAD 
_refine.pdbx_isotropic_thermal_model             ? 
_refine.pdbx_stereochemistry_target_values       'MAXIMUM LIKELIHOOD' 
_refine.pdbx_stereochem_target_val_spec_case     ? 
_refine.pdbx_R_Free_selection_details            RANDOM 
_refine.pdbx_overall_ESU_R                       0.427 
_refine.pdbx_overall_ESU_R_Free                  0.291 
_refine.overall_SU_ML                            0.190 
_refine.overall_SU_B                             7.618 
_refine.ls_redundancy_reflns_obs                 ? 
_refine.B_iso_min                                ? 
_refine.B_iso_max                                ? 
_refine.overall_SU_R_Cruickshank_DPI             ? 
_refine.overall_SU_R_free                        ? 
_refine.pdbx_refine_id                           'X-RAY DIFFRACTION' 
_refine.pdbx_diffrn_id                           1 
_refine.pdbx_TLS_residual_ADP_flag               ? 
_refine.pdbx_overall_phase_error                 ? 
_refine.pdbx_overall_SU_R_free_Cruickshank_DPI   ? 
_refine.pdbx_overall_SU_R_Blow_DPI               ? 
_refine.pdbx_overall_SU_R_free_Blow_DPI          ? 
# 
_refine_hist.pdbx_refine_id                   'X-RAY DIFFRACTION' 
_refine_hist.cycle_id                         LAST 
_refine_hist.pdbx_number_atoms_protein        1505 
_refine_hist.pdbx_number_atoms_nucleic_acid   0 
_refine_hist.pdbx_number_atoms_ligand         2 
_refine_hist.number_atoms_solvent             60 
_refine_hist.number_atoms_total               1567 
_refine_hist.d_res_high                       2.30 
_refine_hist.d_res_low                        50.0 
# 
loop_
_refine_ls_restr.type 
_refine_ls_restr.dev_ideal 
_refine_ls_restr.dev_ideal_target 
_refine_ls_restr.weight 
_refine_ls_restr.number 
_refine_ls_restr.pdbx_refine_id 
_refine_ls_restr.pdbx_restraint_function 
r_bond_refined_d         0.028 0.021 ? 1530 'X-RAY DIFFRACTION' ? 
r_bond_other_d           0.036 0.020 ? 1435 'X-RAY DIFFRACTION' ? 
r_angle_refined_deg      2.175 1.956 ? 2073 'X-RAY DIFFRACTION' ? 
r_angle_other_deg        1.956 3.000 ? 3296 'X-RAY DIFFRACTION' ? 
r_dihedral_angle_1_deg   7.262 5.000 ? 187  'X-RAY DIFFRACTION' ? 
r_dihedral_angle_2_deg   ?     ?     ? ?    'X-RAY DIFFRACTION' ? 
r_chiral_restr           0.144 0.200 ? 242  'X-RAY DIFFRACTION' ? 
r_gen_planes_refined     0.017 0.020 ? 1721 'X-RAY DIFFRACTION' ? 
r_gen_planes_other       0.027 0.020 ? 319  'X-RAY DIFFRACTION' ? 
r_nbd_refined            0.235 0.200 ? 387  'X-RAY DIFFRACTION' ? 
r_nbd_other              0.246 0.200 ? 1733 'X-RAY DIFFRACTION' ? 
r_nbtor_other            0.097 0.200 ? 1000 'X-RAY DIFFRACTION' ? 
r_xyhbond_nbd_refined    0.217 0.200 ? 47   'X-RAY DIFFRACTION' ? 
r_xyhbond_nbd_other      ?     ?     ? ?    'X-RAY DIFFRACTION' ? 
r_symmetry_vdw_refined   0.267 0.200 ? 10   'X-RAY DIFFRACTION' ? 
r_symmetry_vdw_other     0.253 0.200 ? 46   'X-RAY DIFFRACTION' ? 
r_symmetry_hbond_refined 0.173 0.200 ? 7    'X-RAY DIFFRACTION' ? 
r_symmetry_hbond_other   ?     ?     ? ?    'X-RAY DIFFRACTION' ? 
r_mcbond_it              1.457 1.500 ? 949  'X-RAY DIFFRACTION' ? 
r_mcangle_it             2.596 2.000 ? 1505 'X-RAY DIFFRACTION' ? 
r_scbond_it              3.492 3.000 ? 581  'X-RAY DIFFRACTION' ? 
r_scangle_it             5.722 4.500 ? 568  'X-RAY DIFFRACTION' ? 
r_rigid_bond_restr       ?     ?     ? ?    'X-RAY DIFFRACTION' ? 
r_sphericity_free        ?     ?     ? ?    'X-RAY DIFFRACTION' ? 
r_sphericity_bonded      ?     ?     ? ?    'X-RAY DIFFRACTION' ? 
# 
_refine_ls_shell.pdbx_total_number_of_bins_used   20 
_refine_ls_shell.d_res_high                       2.305 
_refine_ls_shell.d_res_low                        2.364 
_refine_ls_shell.number_reflns_R_work             577 
_refine_ls_shell.R_factor_R_work                  0.229 
_refine_ls_shell.percent_reflns_obs               ? 
_refine_ls_shell.R_factor_R_free                  0.321 
_refine_ls_shell.R_factor_R_free_error            ? 
_refine_ls_shell.percent_reflns_R_free            ? 
_refine_ls_shell.number_reflns_R_free             26 
_refine_ls_shell.number_reflns_obs                ? 
_refine_ls_shell.redundancy_reflns_obs            ? 
_refine_ls_shell.number_reflns_all                ? 
_refine_ls_shell.pdbx_refine_id                   'X-RAY DIFFRACTION' 
_refine_ls_shell.R_factor_all                     ? 
# 
_struct.entry_id                  1R22 
_struct.title                     
'Crystal structure of the cyanobacterial metallothionein repressor SmtB (C14S/C61S/C121S mutant) in the Zn2alpha5-form' 
_struct.pdbx_model_details        ? 
_struct.pdbx_CASP_flag            ? 
_struct.pdbx_model_type_details   ? 
# 
_struct_keywords.entry_id        1R22 
_struct_keywords.pdbx_keywords   'TRANSCRIPTION REPRESSOR' 
_struct_keywords.text            
'Zinc, DNA binding protein, transcriptional regulation, winged HTH protein, TRANSCRIPTION REPRESSOR' 
# 
loop_
_struct_asym.id 
_struct_asym.pdbx_blank_PDB_chainid_flag 
_struct_asym.pdbx_modified 
_struct_asym.entity_id 
_struct_asym.details 
A N N 1 ? 
B N N 1 ? 
C N N 2 ? 
D N N 2 ? 
E N N 3 ? 
F N N 3 ? 
# 
_struct_ref.id                         1 
_struct_ref.db_name                    UNP 
_struct_ref.db_code                    SMTB_SYNP7 
_struct_ref.pdbx_db_accession          P30340 
_struct_ref.entity_id                  1 
_struct_ref.pdbx_seq_one_letter_code   
;MTKPVLQDGETVVCQGTHAAIASELQAIAPEVAQSLAEFFAVLADPNRLRLLSLLARSELCVGDLAQAIGVSESAVSHQL
RSLRNLRLVSYRKQGRHVYYQLQDHHIVALYQNALDHLQECR
;
_struct_ref.pdbx_align_begin           1 
_struct_ref.pdbx_db_isoform            ? 
# 
loop_
_struct_ref_seq.align_id 
_struct_ref_seq.ref_id 
_struct_ref_seq.pdbx_PDB_id_code 
_struct_ref_seq.pdbx_strand_id 
_struct_ref_seq.seq_align_beg 
_struct_ref_seq.pdbx_seq_align_beg_ins_code 
_struct_ref_seq.seq_align_end 
_struct_ref_seq.pdbx_seq_align_end_ins_code 
_struct_ref_seq.pdbx_db_accession 
_struct_ref_seq.db_align_beg 
_struct_ref_seq.pdbx_db_align_beg_ins_code 
_struct_ref_seq.db_align_end 
_struct_ref_seq.pdbx_db_align_end_ins_code 
_struct_ref_seq.pdbx_auth_seq_align_beg 
_struct_ref_seq.pdbx_auth_seq_align_end 
1 1 1R22 A 1 ? 122 ? P30340 1 ? 122 ? 1 122 
2 1 1R22 B 1 ? 122 ? P30340 1 ? 122 ? 1 122 
# 
loop_
_struct_ref_seq_dif.align_id 
_struct_ref_seq_dif.pdbx_pdb_id_code 
_struct_ref_seq_dif.mon_id 
_struct_ref_seq_dif.pdbx_pdb_strand_id 
_struct_ref_seq_dif.seq_num 
_struct_ref_seq_dif.pdbx_pdb_ins_code 
_struct_ref_seq_dif.pdbx_seq_db_name 
_struct_ref_seq_dif.pdbx_seq_db_accession_code 
_struct_ref_seq_dif.db_mon_id 
_struct_ref_seq_dif.pdbx_seq_db_seq_num 
_struct_ref_seq_dif.details 
_struct_ref_seq_dif.pdbx_auth_seq_num 
_struct_ref_seq_dif.pdbx_ordinal 
1 1R22 SER A 14  ? UNP P30340 CYS 14  'engineered mutation' 14  1 
1 1R22 SER A 61  ? UNP P30340 CYS 61  'engineered mutation' 61  2 
1 1R22 SER A 121 ? UNP P30340 CYS 121 'engineered mutation' 121 3 
2 1R22 SER B 14  ? UNP P30340 CYS 14  'engineered mutation' 14  4 
2 1R22 SER B 61  ? UNP P30340 CYS 61  'engineered mutation' 61  5 
2 1R22 SER B 121 ? UNP P30340 CYS 121 'engineered mutation' 121 6 
# 
_pdbx_struct_assembly.id                   1 
_pdbx_struct_assembly.details              author_and_software_defined_assembly 
_pdbx_struct_assembly.method_details       PISA 
_pdbx_struct_assembly.oligomeric_details   dimeric 
_pdbx_struct_assembly.oligomeric_count     2 
# 
loop_
_pdbx_struct_assembly_prop.biol_id 
_pdbx_struct_assembly_prop.type 
_pdbx_struct_assembly_prop.value 
_pdbx_struct_assembly_prop.details 
1 'ABSA (A^2)' 4060 ? 
1 MORE         -107 ? 
1 'SSA (A^2)'  9760 ? 
# 
_pdbx_struct_assembly_gen.assembly_id       1 
_pdbx_struct_assembly_gen.oper_expression   1 
_pdbx_struct_assembly_gen.asym_id_list      A,B,C,D,E,F 
# 
_pdbx_struct_oper_list.id                   1 
_pdbx_struct_oper_list.type                 'identity operation' 
_pdbx_struct_oper_list.name                 1_555 
_pdbx_struct_oper_list.symmetry_operation   x,y,z 
_pdbx_struct_oper_list.matrix[1][1]         1.0000000000 
_pdbx_struct_oper_list.matrix[1][2]         0.0000000000 
_pdbx_struct_oper_list.matrix[1][3]         0.0000000000 
_pdbx_struct_oper_list.vector[1]            0.0000000000 
_pdbx_struct_oper_list.matrix[2][1]         0.0000000000 
_pdbx_struct_oper_list.matrix[2][2]         1.0000000000 
_pdbx_struct_oper_list.matrix[2][3]         0.0000000000 
_pdbx_struct_oper_list.vector[2]            0.0000000000 
_pdbx_struct_oper_list.matrix[3][1]         0.0000000000 
_pdbx_struct_oper_list.matrix[3][2]         0.0000000000 
_pdbx_struct_oper_list.matrix[3][3]         1.0000000000 
_pdbx_struct_oper_list.vector[3]            0.0000000000 
# 
_struct_biol.id                    1 
_struct_biol.details               'The biological assembly is a homodimer as contained in the asymmetric unit.' 
_struct_biol.pdbx_parent_biol_id   ? 
# 
loop_
_struct_conf.conf_type_id 
_struct_conf.id 
_struct_conf.pdbx_PDB_helix_id 
_struct_conf.beg_label_comp_id 
_struct_conf.beg_label_asym_id 
_struct_conf.beg_label_seq_id 
_struct_conf.pdbx_beg_PDB_ins_code 
_struct_conf.end_label_comp_id 
_struct_conf.end_label_asym_id 
_struct_conf.end_label_seq_id 
_struct_conf.pdbx_end_PDB_ins_code 
_struct_conf.beg_auth_comp_id 
_struct_conf.beg_auth_asym_id 
_struct_conf.beg_auth_seq_id 
_struct_conf.end_auth_comp_id 
_struct_conf.end_auth_asym_id 
_struct_conf.end_auth_seq_id 
_struct_conf.pdbx_PDB_helix_class 
_struct_conf.details 
_struct_conf.pdbx_PDB_helix_length 
HELX_P HELX_P1  1  ALA A 29  ? ALA A 44  ? ALA A 29  ALA A 44  1 ? 16 
HELX_P HELX_P2  2  ASP A 45  ? ALA A 56  ? ASP A 45  ALA A 56  1 ? 12 
HELX_P HELX_P3  3  VAL A 62  ? GLY A 70  ? VAL A 62  GLY A 70  1 ? 9  
HELX_P HELX_P4  4  SER A 72  ? ARG A 84  ? SER A 72  ARG A 84  1 ? 13 
HELX_P HELX_P5  5  ASP A 104 ? SER A 121 ? ASP A 104 SER A 121 1 ? 18 
HELX_P HELX_P6  6  ALA B 29  ? ALA B 44  ? ALA B 29  ALA B 44  1 ? 16 
HELX_P HELX_P7  7  ASP B 45  ? ALA B 56  ? ASP B 45  ALA B 56  1 ? 12 
HELX_P HELX_P8  8  SER B 61  ? GLY B 70  ? SER B 61  GLY B 70  1 ? 10 
HELX_P HELX_P9  9  GLU B 73  ? LEU B 86  ? GLU B 73  LEU B 86  1 ? 14 
HELX_P HELX_P10 10 ASP B 104 ? GLU B 120 ? ASP B 104 GLU B 120 1 ? 17 
# 
_struct_conf_type.id          HELX_P 
_struct_conf_type.criteria    ? 
_struct_conf_type.reference   ? 
# 
loop_
_struct_conn.id 
_struct_conn.conn_type_id 
_struct_conn.pdbx_leaving_atom_flag 
_struct_conn.pdbx_PDB_id 
_struct_conn.ptnr1_label_asym_id 
_struct_conn.ptnr1_label_comp_id 
_struct_conn.ptnr1_label_seq_id 
_struct_conn.ptnr1_label_atom_id 
_struct_conn.pdbx_ptnr1_label_alt_id 
_struct_conn.pdbx_ptnr1_PDB_ins_code 
_struct_conn.pdbx_ptnr1_standard_comp_id 
_struct_conn.ptnr1_symmetry 
_struct_conn.ptnr2_label_asym_id 
_struct_conn.ptnr2_label_comp_id 
_struct_conn.ptnr2_label_seq_id 
_struct_conn.ptnr2_label_atom_id 
_struct_conn.pdbx_ptnr2_label_alt_id 
_struct_conn.pdbx_ptnr2_PDB_ins_code 
_struct_conn.ptnr1_auth_asym_id 
_struct_conn.ptnr1_auth_comp_id 
_struct_conn.ptnr1_auth_seq_id 
_struct_conn.ptnr2_auth_asym_id 
_struct_conn.ptnr2_auth_comp_id 
_struct_conn.ptnr2_auth_seq_id 
_struct_conn.ptnr2_symmetry 
_struct_conn.pdbx_ptnr3_label_atom_id 
_struct_conn.pdbx_ptnr3_label_seq_id 
_struct_conn.pdbx_ptnr3_label_comp_id 
_struct_conn.pdbx_ptnr3_label_asym_id 
_struct_conn.pdbx_ptnr3_label_alt_id 
_struct_conn.pdbx_ptnr3_PDB_ins_code 
_struct_conn.details 
_struct_conn.pdbx_dist_value 
_struct_conn.pdbx_value_order 
_struct_conn.pdbx_role 
metalc1 metalc ? ? A ASP 104 OD2 ? ? ? 1_555 D ZN  .   ZN  ? ? A ASP 104 B ZN  501 1_555 ? ? ? ? ? ? ? 2.348 ? ? 
metalc2 metalc ? ? A HIS 106 ND1 ? ? ? 1_555 D ZN  .   ZN  ? ? A HIS 106 B ZN  501 1_555 ? ? ? ? ? ? ? 2.166 ? ? 
metalc3 metalc ? ? A HIS 117 ND1 ? ? ? 1_555 C ZN  .   ZN  ? ? A HIS 117 A ZN  502 1_555 ? ? ? ? ? ? ? 1.999 ? ? 
metalc4 metalc ? ? A GLU 120 OE2 ? ? ? 1_555 C ZN  .   ZN  ? ? A GLU 120 A ZN  502 1_555 ? ? ? ? ? ? ? 1.964 ? ? 
metalc5 metalc ? ? C ZN  .   ZN  ? ? ? 1_555 B ASP 104 OD2 ? ? A ZN  502 B ASP 104 1_555 ? ? ? ? ? ? ? 1.928 ? ? 
metalc6 metalc ? ? C ZN  .   ZN  ? ? ? 1_555 B HIS 106 ND1 ? ? A ZN  502 B HIS 106 1_555 ? ? ? ? ? ? ? 1.981 ? ? 
metalc7 metalc ? ? B HIS 117 ND1 ? ? ? 1_555 D ZN  .   ZN  ? ? B HIS 117 B ZN  501 1_555 ? ? ? ? ? ? ? 2.103 ? ? 
metalc8 metalc ? ? B GLU 120 OE1 ? ? ? 1_555 D ZN  .   ZN  ? ? B GLU 120 B ZN  501 1_555 ? ? ? ? ? ? ? 2.322 ? ? 
metalc9 metalc ? ? B GLU 120 OE2 ? ? ? 1_555 D ZN  .   ZN  ? ? B GLU 120 B ZN  501 1_555 ? ? ? ? ? ? ? 2.668 ? ? 
# 
_struct_conn_type.id          metalc 
_struct_conn_type.criteria    ? 
_struct_conn_type.reference   ? 
# 
loop_
_pdbx_struct_conn_angle.id 
_pdbx_struct_conn_angle.ptnr1_label_atom_id 
_pdbx_struct_conn_angle.ptnr1_label_alt_id 
_pdbx_struct_conn_angle.ptnr1_label_asym_id 
_pdbx_struct_conn_angle.ptnr1_label_comp_id 
_pdbx_struct_conn_angle.ptnr1_label_seq_id 
_pdbx_struct_conn_angle.ptnr1_auth_atom_id 
_pdbx_struct_conn_angle.ptnr1_auth_asym_id 
_pdbx_struct_conn_angle.ptnr1_auth_comp_id 
_pdbx_struct_conn_angle.ptnr1_auth_seq_id 
_pdbx_struct_conn_angle.ptnr1_PDB_ins_code 
_pdbx_struct_conn_angle.ptnr1_symmetry 
_pdbx_struct_conn_angle.ptnr2_label_atom_id 
_pdbx_struct_conn_angle.ptnr2_label_alt_id 
_pdbx_struct_conn_angle.ptnr2_label_asym_id 
_pdbx_struct_conn_angle.ptnr2_label_comp_id 
_pdbx_struct_conn_angle.ptnr2_label_seq_id 
_pdbx_struct_conn_angle.ptnr2_auth_atom_id 
_pdbx_struct_conn_angle.ptnr2_auth_asym_id 
_pdbx_struct_conn_angle.ptnr2_auth_comp_id 
_pdbx_struct_conn_angle.ptnr2_auth_seq_id 
_pdbx_struct_conn_angle.ptnr2_PDB_ins_code 
_pdbx_struct_conn_angle.ptnr2_symmetry 
_pdbx_struct_conn_angle.ptnr3_label_atom_id 
_pdbx_struct_conn_angle.ptnr3_label_alt_id 
_pdbx_struct_conn_angle.ptnr3_label_asym_id 
_pdbx_struct_conn_angle.ptnr3_label_comp_id 
_pdbx_struct_conn_angle.ptnr3_label_seq_id 
_pdbx_struct_conn_angle.ptnr3_auth_atom_id 
_pdbx_struct_conn_angle.ptnr3_auth_asym_id 
_pdbx_struct_conn_angle.ptnr3_auth_comp_id 
_pdbx_struct_conn_angle.ptnr3_auth_seq_id 
_pdbx_struct_conn_angle.ptnr3_PDB_ins_code 
_pdbx_struct_conn_angle.ptnr3_symmetry 
_pdbx_struct_conn_angle.value 
_pdbx_struct_conn_angle.value_esd 
1  OD2 ? A ASP 104 ? A ASP 104 ? 1_555 ZN ? D ZN . ? B ZN 501 ? 1_555 ND1 ? A HIS 106 ? A HIS 106 ? 1_555 121.7 ? 
2  OD2 ? A ASP 104 ? A ASP 104 ? 1_555 ZN ? D ZN . ? B ZN 501 ? 1_555 ND1 ? B HIS 117 ? B HIS 117 ? 1_555 96.6  ? 
3  ND1 ? A HIS 106 ? A HIS 106 ? 1_555 ZN ? D ZN . ? B ZN 501 ? 1_555 ND1 ? B HIS 117 ? B HIS 117 ? 1_555 121.0 ? 
4  OD2 ? A ASP 104 ? A ASP 104 ? 1_555 ZN ? D ZN . ? B ZN 501 ? 1_555 OE1 ? B GLU 120 ? B GLU 120 ? 1_555 113.4 ? 
5  ND1 ? A HIS 106 ? A HIS 106 ? 1_555 ZN ? D ZN . ? B ZN 501 ? 1_555 OE1 ? B GLU 120 ? B GLU 120 ? 1_555 85.7  ? 
6  ND1 ? B HIS 117 ? B HIS 117 ? 1_555 ZN ? D ZN . ? B ZN 501 ? 1_555 OE1 ? B GLU 120 ? B GLU 120 ? 1_555 120.4 ? 
7  OD2 ? A ASP 104 ? A ASP 104 ? 1_555 ZN ? D ZN . ? B ZN 501 ? 1_555 OE2 ? B GLU 120 ? B GLU 120 ? 1_555 82.7  ? 
8  ND1 ? A HIS 106 ? A HIS 106 ? 1_555 ZN ? D ZN . ? B ZN 501 ? 1_555 OE2 ? B GLU 120 ? B GLU 120 ? 1_555 136.9 ? 
9  ND1 ? B HIS 117 ? B HIS 117 ? 1_555 ZN ? D ZN . ? B ZN 501 ? 1_555 OE2 ? B GLU 120 ? B GLU 120 ? 1_555 86.1  ? 
10 OE1 ? B GLU 120 ? B GLU 120 ? 1_555 ZN ? D ZN . ? B ZN 501 ? 1_555 OE2 ? B GLU 120 ? B GLU 120 ? 1_555 51.2  ? 
11 ND1 ? A HIS 117 ? A HIS 117 ? 1_555 ZN ? C ZN . ? A ZN 502 ? 1_555 OE2 ? A GLU 120 ? A GLU 120 ? 1_555 108.7 ? 
12 ND1 ? A HIS 117 ? A HIS 117 ? 1_555 ZN ? C ZN . ? A ZN 502 ? 1_555 OD2 ? B ASP 104 ? B ASP 104 ? 1_555 105.1 ? 
13 OE2 ? A GLU 120 ? A GLU 120 ? 1_555 ZN ? C ZN . ? A ZN 502 ? 1_555 OD2 ? B ASP 104 ? B ASP 104 ? 1_555 108.5 ? 
14 ND1 ? A HIS 117 ? A HIS 117 ? 1_555 ZN ? C ZN . ? A ZN 502 ? 1_555 ND1 ? B HIS 106 ? B HIS 106 ? 1_555 119.1 ? 
15 OE2 ? A GLU 120 ? A GLU 120 ? 1_555 ZN ? C ZN . ? A ZN 502 ? 1_555 ND1 ? B HIS 106 ? B HIS 106 ? 1_555 89.4  ? 
16 OD2 ? B ASP 104 ? B ASP 104 ? 1_555 ZN ? C ZN . ? A ZN 502 ? 1_555 ND1 ? B HIS 106 ? B HIS 106 ? 1_555 123.7 ? 
# 
loop_
_struct_sheet.id 
_struct_sheet.type 
_struct_sheet.number_strands 
_struct_sheet.details 
A ? 3 ? 
B ? 2 ? 
# 
loop_
_struct_sheet_order.sheet_id 
_struct_sheet_order.range_id_1 
_struct_sheet_order.range_id_2 
_struct_sheet_order.offset 
_struct_sheet_order.sense 
A 1 2 ? anti-parallel 
A 2 3 ? anti-parallel 
B 1 2 ? anti-parallel 
# 
loop_
_struct_sheet_range.sheet_id 
_struct_sheet_range.id 
_struct_sheet_range.beg_label_comp_id 
_struct_sheet_range.beg_label_asym_id 
_struct_sheet_range.beg_label_seq_id 
_struct_sheet_range.pdbx_beg_PDB_ins_code 
_struct_sheet_range.end_label_comp_id 
_struct_sheet_range.end_label_asym_id 
_struct_sheet_range.end_label_seq_id 
_struct_sheet_range.pdbx_end_PDB_ins_code 
_struct_sheet_range.beg_auth_comp_id 
_struct_sheet_range.beg_auth_asym_id 
_struct_sheet_range.beg_auth_seq_id 
_struct_sheet_range.end_auth_comp_id 
_struct_sheet_range.end_auth_asym_id 
_struct_sheet_range.end_auth_seq_id 
A 1 LEU A 60 ? SER A 61  ? LEU A 60 SER A 61  
A 2 TYR A 99 ? LEU A 102 ? TYR A 99 LEU A 102 
A 3 VAL A 89 ? ARG A 92  ? VAL A 89 ARG A 92  
B 1 VAL B 89 ? GLN B 94  ? VAL B 89 GLN B 94  
B 2 HIS B 97 ? LEU B 102 ? HIS B 97 LEU B 102 
# 
loop_
_pdbx_struct_sheet_hbond.sheet_id 
_pdbx_struct_sheet_hbond.range_id_1 
_pdbx_struct_sheet_hbond.range_id_2 
_pdbx_struct_sheet_hbond.range_1_label_atom_id 
_pdbx_struct_sheet_hbond.range_1_label_comp_id 
_pdbx_struct_sheet_hbond.range_1_label_asym_id 
_pdbx_struct_sheet_hbond.range_1_label_seq_id 
_pdbx_struct_sheet_hbond.range_1_PDB_ins_code 
_pdbx_struct_sheet_hbond.range_1_auth_atom_id 
_pdbx_struct_sheet_hbond.range_1_auth_comp_id 
_pdbx_struct_sheet_hbond.range_1_auth_asym_id 
_pdbx_struct_sheet_hbond.range_1_auth_seq_id 
_pdbx_struct_sheet_hbond.range_2_label_atom_id 
_pdbx_struct_sheet_hbond.range_2_label_comp_id 
_pdbx_struct_sheet_hbond.range_2_label_asym_id 
_pdbx_struct_sheet_hbond.range_2_label_seq_id 
_pdbx_struct_sheet_hbond.range_2_PDB_ins_code 
_pdbx_struct_sheet_hbond.range_2_auth_atom_id 
_pdbx_struct_sheet_hbond.range_2_auth_comp_id 
_pdbx_struct_sheet_hbond.range_2_auth_asym_id 
_pdbx_struct_sheet_hbond.range_2_auth_seq_id 
A 1 2 N LEU A 60  ? N LEU A 60  O TYR A 100 ? O TYR A 100 
A 2 3 O GLN A 101 ? O GLN A 101 N SER A 90  ? N SER A 90  
B 1 2 N ARG B 92  ? N ARG B 92  O TYR B 99  ? O TYR B 99  
# 
loop_
_struct_site.id 
_struct_site.pdbx_evidence_code 
_struct_site.pdbx_auth_asym_id 
_struct_site.pdbx_auth_comp_id 
_struct_site.pdbx_auth_seq_id 
_struct_site.pdbx_auth_ins_code 
_struct_site.pdbx_num_residues 
_struct_site.details 
AC1 Software B ZN 501 ? 4 'BINDING SITE FOR RESIDUE ZN B 501' 
AC2 Software A ZN 502 ? 4 'BINDING SITE FOR RESIDUE ZN A 502' 
# 
loop_
_struct_site_gen.id 
_struct_site_gen.site_id 
_struct_site_gen.pdbx_num_res 
_struct_site_gen.label_comp_id 
_struct_site_gen.label_asym_id 
_struct_site_gen.label_seq_id 
_struct_site_gen.pdbx_auth_ins_code 
_struct_site_gen.auth_comp_id 
_struct_site_gen.auth_asym_id 
_struct_site_gen.auth_seq_id 
_struct_site_gen.label_atom_id 
_struct_site_gen.label_alt_id 
_struct_site_gen.symmetry 
_struct_site_gen.details 
1 AC1 4 ASP A 104 ? ASP A 104 . ? 1_555 ? 
2 AC1 4 HIS A 106 ? HIS A 106 . ? 1_555 ? 
3 AC1 4 HIS B 117 ? HIS B 117 . ? 1_555 ? 
4 AC1 4 GLU B 120 ? GLU B 120 . ? 1_555 ? 
5 AC2 4 HIS A 117 ? HIS A 117 . ? 1_555 ? 
6 AC2 4 GLU A 120 ? GLU A 120 . ? 1_555 ? 
7 AC2 4 ASP B 104 ? ASP B 104 . ? 1_555 ? 
8 AC2 4 HIS B 106 ? HIS B 106 . ? 1_555 ? 
# 
_pdbx_validate_close_contact.id               1 
_pdbx_validate_close_contact.PDB_model_num    1 
_pdbx_validate_close_contact.auth_atom_id_1   NE2 
_pdbx_validate_close_contact.auth_asym_id_1   B 
_pdbx_validate_close_contact.auth_comp_id_1   GLN 
_pdbx_validate_close_contact.auth_seq_id_1    34 
_pdbx_validate_close_contact.PDB_ins_code_1   ? 
_pdbx_validate_close_contact.label_alt_id_1   ? 
_pdbx_validate_close_contact.auth_atom_id_2   O 
_pdbx_validate_close_contact.auth_asym_id_2   B 
_pdbx_validate_close_contact.auth_comp_id_2   HOH 
_pdbx_validate_close_contact.auth_seq_id_2    1040 
_pdbx_validate_close_contact.PDB_ins_code_2   ? 
_pdbx_validate_close_contact.label_alt_id_2   ? 
_pdbx_validate_close_contact.dist             2.18 
# 
loop_
_pdbx_validate_rmsd_bond.id 
_pdbx_validate_rmsd_bond.PDB_model_num 
_pdbx_validate_rmsd_bond.auth_atom_id_1 
_pdbx_validate_rmsd_bond.auth_asym_id_1 
_pdbx_validate_rmsd_bond.auth_comp_id_1 
_pdbx_validate_rmsd_bond.auth_seq_id_1 
_pdbx_validate_rmsd_bond.PDB_ins_code_1 
_pdbx_validate_rmsd_bond.label_alt_id_1 
_pdbx_validate_rmsd_bond.auth_atom_id_2 
_pdbx_validate_rmsd_bond.auth_asym_id_2 
_pdbx_validate_rmsd_bond.auth_comp_id_2 
_pdbx_validate_rmsd_bond.auth_seq_id_2 
_pdbx_validate_rmsd_bond.PDB_ins_code_2 
_pdbx_validate_rmsd_bond.label_alt_id_2 
_pdbx_validate_rmsd_bond.bond_value 
_pdbx_validate_rmsd_bond.bond_target_value 
_pdbx_validate_rmsd_bond.bond_deviation 
_pdbx_validate_rmsd_bond.bond_standard_deviation 
_pdbx_validate_rmsd_bond.linker_flag 
1 1 CG  A HIS 97  ? ? CD2 A HIS 97  ? ? 1.428 1.354 0.074 0.009 N 
2 1 CE1 A HIS 97  ? ? NE2 A HIS 97  ? ? 1.625 1.333 0.292 0.019 N 
3 1 CA  B SER 61  ? ? CB  B SER 61  ? ? 1.644 1.525 0.119 0.015 N 
4 1 CE2 B TYR 100 ? ? CD2 B TYR 100 ? ? 1.480 1.389 0.091 0.015 N 
# 
loop_
_pdbx_validate_rmsd_angle.id 
_pdbx_validate_rmsd_angle.PDB_model_num 
_pdbx_validate_rmsd_angle.auth_atom_id_1 
_pdbx_validate_rmsd_angle.auth_asym_id_1 
_pdbx_validate_rmsd_angle.auth_comp_id_1 
_pdbx_validate_rmsd_angle.auth_seq_id_1 
_pdbx_validate_rmsd_angle.PDB_ins_code_1 
_pdbx_validate_rmsd_angle.label_alt_id_1 
_pdbx_validate_rmsd_angle.auth_atom_id_2 
_pdbx_validate_rmsd_angle.auth_asym_id_2 
_pdbx_validate_rmsd_angle.auth_comp_id_2 
_pdbx_validate_rmsd_angle.auth_seq_id_2 
_pdbx_validate_rmsd_angle.PDB_ins_code_2 
_pdbx_validate_rmsd_angle.label_alt_id_2 
_pdbx_validate_rmsd_angle.auth_atom_id_3 
_pdbx_validate_rmsd_angle.auth_asym_id_3 
_pdbx_validate_rmsd_angle.auth_comp_id_3 
_pdbx_validate_rmsd_angle.auth_seq_id_3 
_pdbx_validate_rmsd_angle.PDB_ins_code_3 
_pdbx_validate_rmsd_angle.label_alt_id_3 
_pdbx_validate_rmsd_angle.angle_value 
_pdbx_validate_rmsd_angle.angle_target_value 
_pdbx_validate_rmsd_angle.angle_deviation 
_pdbx_validate_rmsd_angle.angle_standard_deviation 
_pdbx_validate_rmsd_angle.linker_flag 
1 1 CB  A ASP 64  ? ? CG  A ASP 64  ? ? OD2 A ASP 64  ? ? 124.73 118.30 6.43   0.90 N 
2 1 ND1 A HIS 97  ? ? CG  A HIS 97  ? ? CD2 A HIS 97  ? ? 118.88 108.80 10.08  1.40 N 
3 1 CB  A HIS 97  ? ? CG  A HIS 97  ? ? ND1 A HIS 97  ? ? 109.73 121.40 -11.67 1.30 N 
4 1 CG  A HIS 97  ? ? ND1 A HIS 97  ? ? CE1 A HIS 97  ? ? 97.24  105.70 -8.46  1.30 N 
5 1 CB  A ASP 104 ? ? CG  A ASP 104 ? ? OD1 A ASP 104 ? ? 124.63 118.30 6.33   0.90 N 
6 1 NE  B ARG 84  ? ? CZ  B ARG 84  ? ? NH2 B ARG 84  ? ? 116.88 120.30 -3.42  0.50 N 
7 1 NE  B ARG 87  ? ? CZ  B ARG 87  ? ? NH1 B ARG 87  ? ? 123.83 120.30 3.53   0.50 N 
8 1 NE  B ARG 92  ? ? CZ  B ARG 92  ? ? NH1 B ARG 92  ? ? 123.94 120.30 3.64   0.50 N 
9 1 NE  B ARG 92  ? ? CZ  B ARG 92  ? ? NH2 B ARG 92  ? ? 116.59 120.30 -3.71  0.50 N 
# 
loop_
_pdbx_validate_torsion.id 
_pdbx_validate_torsion.PDB_model_num 
_pdbx_validate_torsion.auth_comp_id 
_pdbx_validate_torsion.auth_asym_id 
_pdbx_validate_torsion.auth_seq_id 
_pdbx_validate_torsion.PDB_ins_code 
_pdbx_validate_torsion.label_alt_id 
_pdbx_validate_torsion.phi 
_pdbx_validate_torsion.psi 
1 1 ALA A 44  ? ? -83.37  48.22   
2 1 VAL A 71  ? ? -128.51 -161.70 
3 1 SER A 74  ? ? -59.52  -5.92   
4 1 ARG A 87  ? ? 90.47   26.54   
5 1 ALA B 27  ? ? 80.19   116.39  
6 1 ALA B 44  ? ? -82.80  44.71   
7 1 SER B 58  ? ? 93.91   135.74  
8 1 GLU B 73  ? ? 104.13  -53.59  
9 1 SER B 121 ? ? 25.39   -122.64 
# 
_pdbx_validate_peptide_omega.id               1 
_pdbx_validate_peptide_omega.PDB_model_num    1 
_pdbx_validate_peptide_omega.auth_comp_id_1   GLU 
_pdbx_validate_peptide_omega.auth_asym_id_1   B 
_pdbx_validate_peptide_omega.auth_seq_id_1    120 
_pdbx_validate_peptide_omega.PDB_ins_code_1   ? 
_pdbx_validate_peptide_omega.label_alt_id_1   ? 
_pdbx_validate_peptide_omega.auth_comp_id_2   SER 
_pdbx_validate_peptide_omega.auth_asym_id_2   B 
_pdbx_validate_peptide_omega.auth_seq_id_2    121 
_pdbx_validate_peptide_omega.PDB_ins_code_2   ? 
_pdbx_validate_peptide_omega.label_alt_id_2   ? 
_pdbx_validate_peptide_omega.omega            147.23 
# 
loop_
_pdbx_unobs_or_zero_occ_residues.id 
_pdbx_unobs_or_zero_occ_residues.PDB_model_num 
_pdbx_unobs_or_zero_occ_residues.polymer_flag 
_pdbx_unobs_or_zero_occ_residues.occupancy_flag 
_pdbx_unobs_or_zero_occ_residues.auth_asym_id 
_pdbx_unobs_or_zero_occ_residues.auth_comp_id 
_pdbx_unobs_or_zero_occ_residues.auth_seq_id 
_pdbx_unobs_or_zero_occ_residues.PDB_ins_code 
_pdbx_unobs_or_zero_occ_residues.label_asym_id 
_pdbx_unobs_or_zero_occ_residues.label_comp_id 
_pdbx_unobs_or_zero_occ_residues.label_seq_id 
1  1 Y 1 A MET 1   ? A MET 1   
2  1 Y 1 A THR 2   ? A THR 2   
3  1 Y 1 A LYS 3   ? A LYS 3   
4  1 Y 1 A PRO 4   ? A PRO 4   
5  1 Y 1 A VAL 5   ? A VAL 5   
6  1 Y 1 A LEU 6   ? A LEU 6   
7  1 Y 1 A GLN 7   ? A GLN 7   
8  1 Y 1 A ASP 8   ? A ASP 8   
9  1 Y 1 A GLY 9   ? A GLY 9   
10 1 Y 1 A GLU 10  ? A GLU 10  
11 1 Y 1 A THR 11  ? A THR 11  
12 1 Y 1 A VAL 12  ? A VAL 12  
13 1 Y 1 A VAL 13  ? A VAL 13  
14 1 Y 1 A SER 14  ? A SER 14  
15 1 Y 1 A GLN 15  ? A GLN 15  
16 1 Y 1 A GLY 16  ? A GLY 16  
17 1 Y 1 A THR 17  ? A THR 17  
18 1 Y 1 A HIS 18  ? A HIS 18  
19 1 Y 1 A ALA 19  ? A ALA 19  
20 1 Y 1 A ALA 20  ? A ALA 20  
21 1 Y 1 A ILE 21  ? A ILE 21  
22 1 Y 1 A ALA 22  ? A ALA 22  
23 1 Y 1 A SER 23  ? A SER 23  
24 1 Y 1 A GLU 24  ? A GLU 24  
25 1 Y 1 A LYS 93  ? A LYS 93  
26 1 Y 1 A GLN 94  ? A GLN 94  
27 1 Y 1 A GLY 95  ? A GLY 95  
28 1 Y 1 A ARG 96  ? A ARG 96  
29 1 Y 1 A ARG 122 ? A ARG 122 
30 1 Y 1 B MET 1   ? B MET 1   
31 1 Y 1 B THR 2   ? B THR 2   
32 1 Y 1 B LYS 3   ? B LYS 3   
33 1 Y 1 B PRO 4   ? B PRO 4   
34 1 Y 1 B VAL 5   ? B VAL 5   
35 1 Y 1 B LEU 6   ? B LEU 6   
36 1 Y 1 B GLN 7   ? B GLN 7   
37 1 Y 1 B ASP 8   ? B ASP 8   
38 1 Y 1 B GLY 9   ? B GLY 9   
39 1 Y 1 B GLU 10  ? B GLU 10  
40 1 Y 1 B THR 11  ? B THR 11  
41 1 Y 1 B VAL 12  ? B VAL 12  
42 1 Y 1 B VAL 13  ? B VAL 13  
43 1 Y 1 B SER 14  ? B SER 14  
44 1 Y 1 B GLN 15  ? B GLN 15  
45 1 Y 1 B GLY 16  ? B GLY 16  
46 1 Y 1 B THR 17  ? B THR 17  
47 1 Y 1 B HIS 18  ? B HIS 18  
48 1 Y 1 B ALA 19  ? B ALA 19  
49 1 Y 1 B ALA 20  ? B ALA 20  
50 1 Y 1 B ILE 21  ? B ILE 21  
51 1 Y 1 B ALA 22  ? B ALA 22  
52 1 Y 1 B SER 23  ? B SER 23  
53 1 Y 1 B GLU 24  ? B GLU 24  
54 1 Y 1 B LEU 25  ? B LEU 25  
# 
loop_
_chem_comp_atom.comp_id 
_chem_comp_atom.atom_id 
_chem_comp_atom.type_symbol 
_chem_comp_atom.pdbx_aromatic_flag 
_chem_comp_atom.pdbx_stereo_config 
_chem_comp_atom.pdbx_ordinal 
ALA N    N  N N 1   
ALA CA   C  N S 2   
ALA C    C  N N 3   
ALA O    O  N N 4   
ALA CB   C  N N 5   
ALA OXT  O  N N 6   
ALA H    H  N N 7   
ALA H2   H  N N 8   
ALA HA   H  N N 9   
ALA HB1  H  N N 10  
ALA HB2  H  N N 11  
ALA HB3  H  N N 12  
ALA HXT  H  N N 13  
ARG N    N  N N 14  
ARG CA   C  N S 15  
ARG C    C  N N 16  
ARG O    O  N N 17  
ARG CB   C  N N 18  
ARG CG   C  N N 19  
ARG CD   C  N N 20  
ARG NE   N  N N 21  
ARG CZ   C  N N 22  
ARG NH1  N  N N 23  
ARG NH2  N  N N 24  
ARG OXT  O  N N 25  
ARG H    H  N N 26  
ARG H2   H  N N 27  
ARG HA   H  N N 28  
ARG HB2  H  N N 29  
ARG HB3  H  N N 30  
ARG HG2  H  N N 31  
ARG HG3  H  N N 32  
ARG HD2  H  N N 33  
ARG HD3  H  N N 34  
ARG HE   H  N N 35  
ARG HH11 H  N N 36  
ARG HH12 H  N N 37  
ARG HH21 H  N N 38  
ARG HH22 H  N N 39  
ARG HXT  H  N N 40  
ASN N    N  N N 41  
ASN CA   C  N S 42  
ASN C    C  N N 43  
ASN O    O  N N 44  
ASN CB   C  N N 45  
ASN CG   C  N N 46  
ASN OD1  O  N N 47  
ASN ND2  N  N N 48  
ASN OXT  O  N N 49  
ASN H    H  N N 50  
ASN H2   H  N N 51  
ASN HA   H  N N 52  
ASN HB2  H  N N 53  
ASN HB3  H  N N 54  
ASN HD21 H  N N 55  
ASN HD22 H  N N 56  
ASN HXT  H  N N 57  
ASP N    N  N N 58  
ASP CA   C  N S 59  
ASP C    C  N N 60  
ASP O    O  N N 61  
ASP CB   C  N N 62  
ASP CG   C  N N 63  
ASP OD1  O  N N 64  
ASP OD2  O  N N 65  
ASP OXT  O  N N 66  
ASP H    H  N N 67  
ASP H2   H  N N 68  
ASP HA   H  N N 69  
ASP HB2  H  N N 70  
ASP HB3  H  N N 71  
ASP HD2  H  N N 72  
ASP HXT  H  N N 73  
CYS N    N  N N 74  
CYS CA   C  N R 75  
CYS C    C  N N 76  
CYS O    O  N N 77  
CYS CB   C  N N 78  
CYS SG   S  N N 79  
CYS OXT  O  N N 80  
CYS H    H  N N 81  
CYS H2   H  N N 82  
CYS HA   H  N N 83  
CYS HB2  H  N N 84  
CYS HB3  H  N N 85  
CYS HG   H  N N 86  
CYS HXT  H  N N 87  
GLN N    N  N N 88  
GLN CA   C  N S 89  
GLN C    C  N N 90  
GLN O    O  N N 91  
GLN CB   C  N N 92  
GLN CG   C  N N 93  
GLN CD   C  N N 94  
GLN OE1  O  N N 95  
GLN NE2  N  N N 96  
GLN OXT  O  N N 97  
GLN H    H  N N 98  
GLN H2   H  N N 99  
GLN HA   H  N N 100 
GLN HB2  H  N N 101 
GLN HB3  H  N N 102 
GLN HG2  H  N N 103 
GLN HG3  H  N N 104 
GLN HE21 H  N N 105 
GLN HE22 H  N N 106 
GLN HXT  H  N N 107 
GLU N    N  N N 108 
GLU CA   C  N S 109 
GLU C    C  N N 110 
GLU O    O  N N 111 
GLU CB   C  N N 112 
GLU CG   C  N N 113 
GLU CD   C  N N 114 
GLU OE1  O  N N 115 
GLU OE2  O  N N 116 
GLU OXT  O  N N 117 
GLU H    H  N N 118 
GLU H2   H  N N 119 
GLU HA   H  N N 120 
GLU HB2  H  N N 121 
GLU HB3  H  N N 122 
GLU HG2  H  N N 123 
GLU HG3  H  N N 124 
GLU HE2  H  N N 125 
GLU HXT  H  N N 126 
GLY N    N  N N 127 
GLY CA   C  N N 128 
GLY C    C  N N 129 
GLY O    O  N N 130 
GLY OXT  O  N N 131 
GLY H    H  N N 132 
GLY H2   H  N N 133 
GLY HA2  H  N N 134 
GLY HA3  H  N N 135 
GLY HXT  H  N N 136 
HIS N    N  N N 137 
HIS CA   C  N S 138 
HIS C    C  N N 139 
HIS O    O  N N 140 
HIS CB   C  N N 141 
HIS CG   C  Y N 142 
HIS ND1  N  Y N 143 
HIS CD2  C  Y N 144 
HIS CE1  C  Y N 145 
HIS NE2  N  Y N 146 
HIS OXT  O  N N 147 
HIS H    H  N N 148 
HIS H2   H  N N 149 
HIS HA   H  N N 150 
HIS HB2  H  N N 151 
HIS HB3  H  N N 152 
HIS HD1  H  N N 153 
HIS HD2  H  N N 154 
HIS HE1  H  N N 155 
HIS HE2  H  N N 156 
HIS HXT  H  N N 157 
HOH O    O  N N 158 
HOH H1   H  N N 159 
HOH H2   H  N N 160 
ILE N    N  N N 161 
ILE CA   C  N S 162 
ILE C    C  N N 163 
ILE O    O  N N 164 
ILE CB   C  N S 165 
ILE CG1  C  N N 166 
ILE CG2  C  N N 167 
ILE CD1  C  N N 168 
ILE OXT  O  N N 169 
ILE H    H  N N 170 
ILE H2   H  N N 171 
ILE HA   H  N N 172 
ILE HB   H  N N 173 
ILE HG12 H  N N 174 
ILE HG13 H  N N 175 
ILE HG21 H  N N 176 
ILE HG22 H  N N 177 
ILE HG23 H  N N 178 
ILE HD11 H  N N 179 
ILE HD12 H  N N 180 
ILE HD13 H  N N 181 
ILE HXT  H  N N 182 
LEU N    N  N N 183 
LEU CA   C  N S 184 
LEU C    C  N N 185 
LEU O    O  N N 186 
LEU CB   C  N N 187 
LEU CG   C  N N 188 
LEU CD1  C  N N 189 
LEU CD2  C  N N 190 
LEU OXT  O  N N 191 
LEU H    H  N N 192 
LEU H2   H  N N 193 
LEU HA   H  N N 194 
LEU HB2  H  N N 195 
LEU HB3  H  N N 196 
LEU HG   H  N N 197 
LEU HD11 H  N N 198 
LEU HD12 H  N N 199 
LEU HD13 H  N N 200 
LEU HD21 H  N N 201 
LEU HD22 H  N N 202 
LEU HD23 H  N N 203 
LEU HXT  H  N N 204 
LYS N    N  N N 205 
LYS CA   C  N S 206 
LYS C    C  N N 207 
LYS O    O  N N 208 
LYS CB   C  N N 209 
LYS CG   C  N N 210 
LYS CD   C  N N 211 
LYS CE   C  N N 212 
LYS NZ   N  N N 213 
LYS OXT  O  N N 214 
LYS H    H  N N 215 
LYS H2   H  N N 216 
LYS HA   H  N N 217 
LYS HB2  H  N N 218 
LYS HB3  H  N N 219 
LYS HG2  H  N N 220 
LYS HG3  H  N N 221 
LYS HD2  H  N N 222 
LYS HD3  H  N N 223 
LYS HE2  H  N N 224 
LYS HE3  H  N N 225 
LYS HZ1  H  N N 226 
LYS HZ2  H  N N 227 
LYS HZ3  H  N N 228 
LYS HXT  H  N N 229 
MET N    N  N N 230 
MET CA   C  N S 231 
MET C    C  N N 232 
MET O    O  N N 233 
MET CB   C  N N 234 
MET CG   C  N N 235 
MET SD   S  N N 236 
MET CE   C  N N 237 
MET OXT  O  N N 238 
MET H    H  N N 239 
MET H2   H  N N 240 
MET HA   H  N N 241 
MET HB2  H  N N 242 
MET HB3  H  N N 243 
MET HG2  H  N N 244 
MET HG3  H  N N 245 
MET HE1  H  N N 246 
MET HE2  H  N N 247 
MET HE3  H  N N 248 
MET HXT  H  N N 249 
PHE N    N  N N 250 
PHE CA   C  N S 251 
PHE C    C  N N 252 
PHE O    O  N N 253 
PHE CB   C  N N 254 
PHE CG   C  Y N 255 
PHE CD1  C  Y N 256 
PHE CD2  C  Y N 257 
PHE CE1  C  Y N 258 
PHE CE2  C  Y N 259 
PHE CZ   C  Y N 260 
PHE OXT  O  N N 261 
PHE H    H  N N 262 
PHE H2   H  N N 263 
PHE HA   H  N N 264 
PHE HB2  H  N N 265 
PHE HB3  H  N N 266 
PHE HD1  H  N N 267 
PHE HD2  H  N N 268 
PHE HE1  H  N N 269 
PHE HE2  H  N N 270 
PHE HZ   H  N N 271 
PHE HXT  H  N N 272 
PRO N    N  N N 273 
PRO CA   C  N S 274 
PRO C    C  N N 275 
PRO O    O  N N 276 
PRO CB   C  N N 277 
PRO CG   C  N N 278 
PRO CD   C  N N 279 
PRO OXT  O  N N 280 
PRO H    H  N N 281 
PRO HA   H  N N 282 
PRO HB2  H  N N 283 
PRO HB3  H  N N 284 
PRO HG2  H  N N 285 
PRO HG3  H  N N 286 
PRO HD2  H  N N 287 
PRO HD3  H  N N 288 
PRO HXT  H  N N 289 
SER N    N  N N 290 
SER CA   C  N S 291 
SER C    C  N N 292 
SER O    O  N N 293 
SER CB   C  N N 294 
SER OG   O  N N 295 
SER OXT  O  N N 296 
SER H    H  N N 297 
SER H2   H  N N 298 
SER HA   H  N N 299 
SER HB2  H  N N 300 
SER HB3  H  N N 301 
SER HG   H  N N 302 
SER HXT  H  N N 303 
THR N    N  N N 304 
THR CA   C  N S 305 
THR C    C  N N 306 
THR O    O  N N 307 
THR CB   C  N R 308 
THR OG1  O  N N 309 
THR CG2  C  N N 310 
THR OXT  O  N N 311 
THR H    H  N N 312 
THR H2   H  N N 313 
THR HA   H  N N 314 
THR HB   H  N N 315 
THR HG1  H  N N 316 
THR HG21 H  N N 317 
THR HG22 H  N N 318 
THR HG23 H  N N 319 
THR HXT  H  N N 320 
TYR N    N  N N 321 
TYR CA   C  N S 322 
TYR C    C  N N 323 
TYR O    O  N N 324 
TYR CB   C  N N 325 
TYR CG   C  Y N 326 
TYR CD1  C  Y N 327 
TYR CD2  C  Y N 328 
TYR CE1  C  Y N 329 
TYR CE2  C  Y N 330 
TYR CZ   C  Y N 331 
TYR OH   O  N N 332 
TYR OXT  O  N N 333 
TYR H    H  N N 334 
TYR H2   H  N N 335 
TYR HA   H  N N 336 
TYR HB2  H  N N 337 
TYR HB3  H  N N 338 
TYR HD1  H  N N 339 
TYR HD2  H  N N 340 
TYR HE1  H  N N 341 
TYR HE2  H  N N 342 
TYR HH   H  N N 343 
TYR HXT  H  N N 344 
VAL N    N  N N 345 
VAL CA   C  N S 346 
VAL C    C  N N 347 
VAL O    O  N N 348 
VAL CB   C  N N 349 
VAL CG1  C  N N 350 
VAL CG2  C  N N 351 
VAL OXT  O  N N 352 
VAL H    H  N N 353 
VAL H2   H  N N 354 
VAL HA   H  N N 355 
VAL HB   H  N N 356 
VAL HG11 H  N N 357 
VAL HG12 H  N N 358 
VAL HG13 H  N N 359 
VAL HG21 H  N N 360 
VAL HG22 H  N N 361 
VAL HG23 H  N N 362 
VAL HXT  H  N N 363 
ZN  ZN   ZN N N 364 
# 
loop_
_chem_comp_bond.comp_id 
_chem_comp_bond.atom_id_1 
_chem_comp_bond.atom_id_2 
_chem_comp_bond.value_order 
_chem_comp_bond.pdbx_aromatic_flag 
_chem_comp_bond.pdbx_stereo_config 
_chem_comp_bond.pdbx_ordinal 
ALA N   CA   sing N N 1   
ALA N   H    sing N N 2   
ALA N   H2   sing N N 3   
ALA CA  C    sing N N 4   
ALA CA  CB   sing N N 5   
ALA CA  HA   sing N N 6   
ALA C   O    doub N N 7   
ALA C   OXT  sing N N 8   
ALA CB  HB1  sing N N 9   
ALA CB  HB2  sing N N 10  
ALA CB  HB3  sing N N 11  
ALA OXT HXT  sing N N 12  
ARG N   CA   sing N N 13  
ARG N   H    sing N N 14  
ARG N   H2   sing N N 15  
ARG CA  C    sing N N 16  
ARG CA  CB   sing N N 17  
ARG CA  HA   sing N N 18  
ARG C   O    doub N N 19  
ARG C   OXT  sing N N 20  
ARG CB  CG   sing N N 21  
ARG CB  HB2  sing N N 22  
ARG CB  HB3  sing N N 23  
ARG CG  CD   sing N N 24  
ARG CG  HG2  sing N N 25  
ARG CG  HG3  sing N N 26  
ARG CD  NE   sing N N 27  
ARG CD  HD2  sing N N 28  
ARG CD  HD3  sing N N 29  
ARG NE  CZ   sing N N 30  
ARG NE  HE   sing N N 31  
ARG CZ  NH1  sing N N 32  
ARG CZ  NH2  doub N N 33  
ARG NH1 HH11 sing N N 34  
ARG NH1 HH12 sing N N 35  
ARG NH2 HH21 sing N N 36  
ARG NH2 HH22 sing N N 37  
ARG OXT HXT  sing N N 38  
ASN N   CA   sing N N 39  
ASN N   H    sing N N 40  
ASN N   H2   sing N N 41  
ASN CA  C    sing N N 42  
ASN CA  CB   sing N N 43  
ASN CA  HA   sing N N 44  
ASN C   O    doub N N 45  
ASN C   OXT  sing N N 46  
ASN CB  CG   sing N N 47  
ASN CB  HB2  sing N N 48  
ASN CB  HB3  sing N N 49  
ASN CG  OD1  doub N N 50  
ASN CG  ND2  sing N N 51  
ASN ND2 HD21 sing N N 52  
ASN ND2 HD22 sing N N 53  
ASN OXT HXT  sing N N 54  
ASP N   CA   sing N N 55  
ASP N   H    sing N N 56  
ASP N   H2   sing N N 57  
ASP CA  C    sing N N 58  
ASP CA  CB   sing N N 59  
ASP CA  HA   sing N N 60  
ASP C   O    doub N N 61  
ASP C   OXT  sing N N 62  
ASP CB  CG   sing N N 63  
ASP CB  HB2  sing N N 64  
ASP CB  HB3  sing N N 65  
ASP CG  OD1  doub N N 66  
ASP CG  OD2  sing N N 67  
ASP OD2 HD2  sing N N 68  
ASP OXT HXT  sing N N 69  
CYS N   CA   sing N N 70  
CYS N   H    sing N N 71  
CYS N   H2   sing N N 72  
CYS CA  C    sing N N 73  
CYS CA  CB   sing N N 74  
CYS CA  HA   sing N N 75  
CYS C   O    doub N N 76  
CYS C   OXT  sing N N 77  
CYS CB  SG   sing N N 78  
CYS CB  HB2  sing N N 79  
CYS CB  HB3  sing N N 80  
CYS SG  HG   sing N N 81  
CYS OXT HXT  sing N N 82  
GLN N   CA   sing N N 83  
GLN N   H    sing N N 84  
GLN N   H2   sing N N 85  
GLN CA  C    sing N N 86  
GLN CA  CB   sing N N 87  
GLN CA  HA   sing N N 88  
GLN C   O    doub N N 89  
GLN C   OXT  sing N N 90  
GLN CB  CG   sing N N 91  
GLN CB  HB2  sing N N 92  
GLN CB  HB3  sing N N 93  
GLN CG  CD   sing N N 94  
GLN CG  HG2  sing N N 95  
GLN CG  HG3  sing N N 96  
GLN CD  OE1  doub N N 97  
GLN CD  NE2  sing N N 98  
GLN NE2 HE21 sing N N 99  
GLN NE2 HE22 sing N N 100 
GLN OXT HXT  sing N N 101 
GLU N   CA   sing N N 102 
GLU N   H    sing N N 103 
GLU N   H2   sing N N 104 
GLU CA  C    sing N N 105 
GLU CA  CB   sing N N 106 
GLU CA  HA   sing N N 107 
GLU C   O    doub N N 108 
GLU C   OXT  sing N N 109 
GLU CB  CG   sing N N 110 
GLU CB  HB2  sing N N 111 
GLU CB  HB3  sing N N 112 
GLU CG  CD   sing N N 113 
GLU CG  HG2  sing N N 114 
GLU CG  HG3  sing N N 115 
GLU CD  OE1  doub N N 116 
GLU CD  OE2  sing N N 117 
GLU OE2 HE2  sing N N 118 
GLU OXT HXT  sing N N 119 
GLY N   CA   sing N N 120 
GLY N   H    sing N N 121 
GLY N   H2   sing N N 122 
GLY CA  C    sing N N 123 
GLY CA  HA2  sing N N 124 
GLY CA  HA3  sing N N 125 
GLY C   O    doub N N 126 
GLY C   OXT  sing N N 127 
GLY OXT HXT  sing N N 128 
HIS N   CA   sing N N 129 
HIS N   H    sing N N 130 
HIS N   H2   sing N N 131 
HIS CA  C    sing N N 132 
HIS CA  CB   sing N N 133 
HIS CA  HA   sing N N 134 
HIS C   O    doub N N 135 
HIS C   OXT  sing N N 136 
HIS CB  CG   sing N N 137 
HIS CB  HB2  sing N N 138 
HIS CB  HB3  sing N N 139 
HIS CG  ND1  sing Y N 140 
HIS CG  CD2  doub Y N 141 
HIS ND1 CE1  doub Y N 142 
HIS ND1 HD1  sing N N 143 
HIS CD2 NE2  sing Y N 144 
HIS CD2 HD2  sing N N 145 
HIS CE1 NE2  sing Y N 146 
HIS CE1 HE1  sing N N 147 
HIS NE2 HE2  sing N N 148 
HIS OXT HXT  sing N N 149 
HOH O   H1   sing N N 150 
HOH O   H2   sing N N 151 
ILE N   CA   sing N N 152 
ILE N   H    sing N N 153 
ILE N   H2   sing N N 154 
ILE CA  C    sing N N 155 
ILE CA  CB   sing N N 156 
ILE CA  HA   sing N N 157 
ILE C   O    doub N N 158 
ILE C   OXT  sing N N 159 
ILE CB  CG1  sing N N 160 
ILE CB  CG2  sing N N 161 
ILE CB  HB   sing N N 162 
ILE CG1 CD1  sing N N 163 
ILE CG1 HG12 sing N N 164 
ILE CG1 HG13 sing N N 165 
ILE CG2 HG21 sing N N 166 
ILE CG2 HG22 sing N N 167 
ILE CG2 HG23 sing N N 168 
ILE CD1 HD11 sing N N 169 
ILE CD1 HD12 sing N N 170 
ILE CD1 HD13 sing N N 171 
ILE OXT HXT  sing N N 172 
LEU N   CA   sing N N 173 
LEU N   H    sing N N 174 
LEU N   H2   sing N N 175 
LEU CA  C    sing N N 176 
LEU CA  CB   sing N N 177 
LEU CA  HA   sing N N 178 
LEU C   O    doub N N 179 
LEU C   OXT  sing N N 180 
LEU CB  CG   sing N N 181 
LEU CB  HB2  sing N N 182 
LEU CB  HB3  sing N N 183 
LEU CG  CD1  sing N N 184 
LEU CG  CD2  sing N N 185 
LEU CG  HG   sing N N 186 
LEU CD1 HD11 sing N N 187 
LEU CD1 HD12 sing N N 188 
LEU CD1 HD13 sing N N 189 
LEU CD2 HD21 sing N N 190 
LEU CD2 HD22 sing N N 191 
LEU CD2 HD23 sing N N 192 
LEU OXT HXT  sing N N 193 
LYS N   CA   sing N N 194 
LYS N   H    sing N N 195 
LYS N   H2   sing N N 196 
LYS CA  C    sing N N 197 
LYS CA  CB   sing N N 198 
LYS CA  HA   sing N N 199 
LYS C   O    doub N N 200 
LYS C   OXT  sing N N 201 
LYS CB  CG   sing N N 202 
LYS CB  HB2  sing N N 203 
LYS CB  HB3  sing N N 204 
LYS CG  CD   sing N N 205 
LYS CG  HG2  sing N N 206 
LYS CG  HG3  sing N N 207 
LYS CD  CE   sing N N 208 
LYS CD  HD2  sing N N 209 
LYS CD  HD3  sing N N 210 
LYS CE  NZ   sing N N 211 
LYS CE  HE2  sing N N 212 
LYS CE  HE3  sing N N 213 
LYS NZ  HZ1  sing N N 214 
LYS NZ  HZ2  sing N N 215 
LYS NZ  HZ3  sing N N 216 
LYS OXT HXT  sing N N 217 
MET N   CA   sing N N 218 
MET N   H    sing N N 219 
MET N   H2   sing N N 220 
MET CA  C    sing N N 221 
MET CA  CB   sing N N 222 
MET CA  HA   sing N N 223 
MET C   O    doub N N 224 
MET C   OXT  sing N N 225 
MET CB  CG   sing N N 226 
MET CB  HB2  sing N N 227 
MET CB  HB3  sing N N 228 
MET CG  SD   sing N N 229 
MET CG  HG2  sing N N 230 
MET CG  HG3  sing N N 231 
MET SD  CE   sing N N 232 
MET CE  HE1  sing N N 233 
MET CE  HE2  sing N N 234 
MET CE  HE3  sing N N 235 
MET OXT HXT  sing N N 236 
PHE N   CA   sing N N 237 
PHE N   H    sing N N 238 
PHE N   H2   sing N N 239 
PHE CA  C    sing N N 240 
PHE CA  CB   sing N N 241 
PHE CA  HA   sing N N 242 
PHE C   O    doub N N 243 
PHE C   OXT  sing N N 244 
PHE CB  CG   sing N N 245 
PHE CB  HB2  sing N N 246 
PHE CB  HB3  sing N N 247 
PHE CG  CD1  doub Y N 248 
PHE CG  CD2  sing Y N 249 
PHE CD1 CE1  sing Y N 250 
PHE CD1 HD1  sing N N 251 
PHE CD2 CE2  doub Y N 252 
PHE CD2 HD2  sing N N 253 
PHE CE1 CZ   doub Y N 254 
PHE CE1 HE1  sing N N 255 
PHE CE2 CZ   sing Y N 256 
PHE CE2 HE2  sing N N 257 
PHE CZ  HZ   sing N N 258 
PHE OXT HXT  sing N N 259 
PRO N   CA   sing N N 260 
PRO N   CD   sing N N 261 
PRO N   H    sing N N 262 
PRO CA  C    sing N N 263 
PRO CA  CB   sing N N 264 
PRO CA  HA   sing N N 265 
PRO C   O    doub N N 266 
PRO C   OXT  sing N N 267 
PRO CB  CG   sing N N 268 
PRO CB  HB2  sing N N 269 
PRO CB  HB3  sing N N 270 
PRO CG  CD   sing N N 271 
PRO CG  HG2  sing N N 272 
PRO CG  HG3  sing N N 273 
PRO CD  HD2  sing N N 274 
PRO CD  HD3  sing N N 275 
PRO OXT HXT  sing N N 276 
SER N   CA   sing N N 277 
SER N   H    sing N N 278 
SER N   H2   sing N N 279 
SER CA  C    sing N N 280 
SER CA  CB   sing N N 281 
SER CA  HA   sing N N 282 
SER C   O    doub N N 283 
SER C   OXT  sing N N 284 
SER CB  OG   sing N N 285 
SER CB  HB2  sing N N 286 
SER CB  HB3  sing N N 287 
SER OG  HG   sing N N 288 
SER OXT HXT  sing N N 289 
THR N   CA   sing N N 290 
THR N   H    sing N N 291 
THR N   H2   sing N N 292 
THR CA  C    sing N N 293 
THR CA  CB   sing N N 294 
THR CA  HA   sing N N 295 
THR C   O    doub N N 296 
THR C   OXT  sing N N 297 
THR CB  OG1  sing N N 298 
THR CB  CG2  sing N N 299 
THR CB  HB   sing N N 300 
THR OG1 HG1  sing N N 301 
THR CG2 HG21 sing N N 302 
THR CG2 HG22 sing N N 303 
THR CG2 HG23 sing N N 304 
THR OXT HXT  sing N N 305 
TYR N   CA   sing N N 306 
TYR N   H    sing N N 307 
TYR N   H2   sing N N 308 
TYR CA  C    sing N N 309 
TYR CA  CB   sing N N 310 
TYR CA  HA   sing N N 311 
TYR C   O    doub N N 312 
TYR C   OXT  sing N N 313 
TYR CB  CG   sing N N 314 
TYR CB  HB2  sing N N 315 
TYR CB  HB3  sing N N 316 
TYR CG  CD1  doub Y N 317 
TYR CG  CD2  sing Y N 318 
TYR CD1 CE1  sing Y N 319 
TYR CD1 HD1  sing N N 320 
TYR CD2 CE2  doub Y N 321 
TYR CD2 HD2  sing N N 322 
TYR CE1 CZ   doub Y N 323 
TYR CE1 HE1  sing N N 324 
TYR CE2 CZ   sing Y N 325 
TYR CE2 HE2  sing N N 326 
TYR CZ  OH   sing N N 327 
TYR OH  HH   sing N N 328 
TYR OXT HXT  sing N N 329 
VAL N   CA   sing N N 330 
VAL N   H    sing N N 331 
VAL N   H2   sing N N 332 
VAL CA  C    sing N N 333 
VAL CA  CB   sing N N 334 
VAL CA  HA   sing N N 335 
VAL C   O    doub N N 336 
VAL C   OXT  sing N N 337 
VAL CB  CG1  sing N N 338 
VAL CB  CG2  sing N N 339 
VAL CB  HB   sing N N 340 
VAL CG1 HG11 sing N N 341 
VAL CG1 HG12 sing N N 342 
VAL CG1 HG13 sing N N 343 
VAL CG2 HG21 sing N N 344 
VAL CG2 HG22 sing N N 345 
VAL CG2 HG23 sing N N 346 
VAL OXT HXT  sing N N 347 
# 
_atom_sites.entry_id                    1R22 
_atom_sites.fract_transf_matrix[1][1]   0.00586205 
_atom_sites.fract_transf_matrix[1][2]   -0.01280040 
_atom_sites.fract_transf_matrix[1][3]   0.00652169 
_atom_sites.fract_transf_matrix[2][1]   -0.00630038 
_atom_sites.fract_transf_matrix[2][2]   -0.00421843 
_atom_sites.fract_transf_matrix[2][3]   -0.00261657 
_atom_sites.fract_transf_matrix[3][1]   0.01891940 
_atom_sites.fract_transf_matrix[3][2]   -0.00798608 
_atom_sites.fract_transf_matrix[3][3]   -0.03268038 
_atom_sites.fract_transf_vector[1]      0.651817 
_atom_sites.fract_transf_vector[2]      0.859569 
_atom_sites.fract_transf_vector[3]      0.006320 
# 
loop_
_atom_type.symbol 
C  
N  
O  
ZN 
# 
loop_
_atom_site.group_PDB 
_atom_site.id 
_atom_site.type_symbol 
_atom_site.label_atom_id 
_atom_site.label_alt_id 
_atom_site.label_comp_id 
_atom_site.label_asym_id 
_atom_site.label_entity_id 
_atom_site.label_seq_id 
_atom_site.pdbx_PDB_ins_code 
_atom_site.Cartn_x 
_atom_site.Cartn_y 
_atom_site.Cartn_z 
_atom_site.occupancy 
_atom_site.B_iso_or_equiv 
_atom_site.pdbx_formal_charge 
_atom_site.auth_seq_id 
_atom_site.auth_comp_id 
_atom_site.auth_asym_id 
_atom_site.auth_atom_id 
_atom_site.pdbx_PDB_model_num 
ATOM   1    N  N   . LEU A 1 25  ? -0.589  -21.114 11.716  1.00 61.33 ? 25   LEU A N   1 
ATOM   2    C  CA  . LEU A 1 25  ? -1.625  -20.576 10.789  1.00 60.74 ? 25   LEU A CA  1 
ATOM   3    C  C   . LEU A 1 25  ? -1.180  -20.527 9.339   1.00 59.17 ? 25   LEU A C   1 
ATOM   4    O  O   . LEU A 1 25  ? -0.087  -20.957 8.949   1.00 57.98 ? 25   LEU A O   1 
ATOM   5    C  CB  . LEU A 1 25  ? -2.023  -19.160 11.191  1.00 61.57 ? 25   LEU A CB  1 
ATOM   6    C  CG  . LEU A 1 25  ? -1.793  -18.784 12.655  1.00 64.07 ? 25   LEU A CG  1 
ATOM   7    C  CD1 . LEU A 1 25  ? -1.264  -17.342 12.698  1.00 65.30 ? 25   LEU A CD1 1 
ATOM   8    C  CD2 . LEU A 1 25  ? -3.105  -18.984 13.506  1.00 66.89 ? 25   LEU A CD2 1 
ATOM   9    N  N   . GLN A 1 26  ? -2.076  -19.972 8.538   1.00 57.53 ? 26   GLN A N   1 
ATOM   10   C  CA  . GLN A 1 26  ? -1.843  -19.861 7.117   1.00 56.22 ? 26   GLN A CA  1 
ATOM   11   C  C   . GLN A 1 26  ? -1.576  -18.431 6.704   1.00 52.88 ? 26   GLN A C   1 
ATOM   12   O  O   . GLN A 1 26  ? -2.248  -17.499 7.112   1.00 53.13 ? 26   GLN A O   1 
ATOM   13   C  CB  . GLN A 1 26  ? -3.081  -20.365 6.359   1.00 57.47 ? 26   GLN A CB  1 
ATOM   14   C  CG  . GLN A 1 26  ? -3.461  -21.843 6.650   1.00 61.45 ? 26   GLN A CG  1 
ATOM   15   C  CD  . GLN A 1 26  ? -4.649  -22.356 5.742   1.00 68.08 ? 26   GLN A CD  1 
ATOM   16   O  OE1 . GLN A 1 26  ? -4.750  -21.988 4.532   1.00 69.51 ? 26   GLN A OE1 1 
ATOM   17   N  NE2 . GLN A 1 26  ? -5.534  -23.204 6.331   1.00 66.45 ? 26   GLN A NE2 1 
ATOM   18   N  N   . ALA A 1 27  ? -0.572  -18.285 5.877   1.00 50.31 ? 27   ALA A N   1 
ATOM   19   C  CA  . ALA A 1 27  ? -0.329  -17.097 5.071   1.00 47.78 ? 27   ALA A CA  1 
ATOM   20   C  C   . ALA A 1 27  ? -1.306  -17.098 3.950   1.00 45.37 ? 27   ALA A C   1 
ATOM   21   O  O   . ALA A 1 27  ? -1.730  -18.146 3.498   1.00 47.32 ? 27   ALA A O   1 
ATOM   22   C  CB  . ALA A 1 27  ? 1.115   -17.146 4.475   1.00 47.00 ? 27   ALA A CB  1 
ATOM   23   N  N   . ILE A 1 28  ? -1.612  -15.946 3.419   1.00 42.80 ? 28   ILE A N   1 
ATOM   24   C  CA  . ILE A 1 28  ? -2.375  -15.918 2.162   1.00 41.06 ? 28   ILE A CA  1 
ATOM   25   C  C   . ILE A 1 28  ? -1.651  -16.671 1.056   1.00 40.65 ? 28   ILE A C   1 
ATOM   26   O  O   . ILE A 1 28  ? -0.395  -16.741 1.018   1.00 37.85 ? 28   ILE A O   1 
ATOM   27   C  CB  . ILE A 1 28  ? -2.678  -14.429 1.715   1.00 40.85 ? 28   ILE A CB  1 
ATOM   28   C  CG1 . ILE A 1 28  ? -1.374  -13.627 1.495   1.00 38.57 ? 28   ILE A CG1 1 
ATOM   29   C  CG2 . ILE A 1 28  ? -3.642  -13.829 2.741   1.00 40.52 ? 28   ILE A CG2 1 
ATOM   30   C  CD1 . ILE A 1 28  ? -1.518  -12.227 0.872   1.00 37.96 ? 28   ILE A CD1 1 
ATOM   31   N  N   . ALA A 1 29  ? -2.460  -17.240 0.149   1.00 40.78 ? 29   ALA A N   1 
ATOM   32   C  CA  . ALA A 1 29  ? -1.959  -17.977 -1.014  1.00 40.76 ? 29   ALA A CA  1 
ATOM   33   C  C   . ALA A 1 29  ? -0.959  -17.160 -1.809  1.00 40.45 ? 29   ALA A C   1 
ATOM   34   O  O   . ALA A 1 29  ? -1.193  -15.994 -2.043  1.00 40.28 ? 29   ALA A O   1 
ATOM   35   C  CB  . ALA A 1 29  ? -3.136  -18.384 -1.959  1.00 41.12 ? 29   ALA A CB  1 
ATOM   36   N  N   . PRO A 1 30  ? 0.100   -17.804 -2.292  1.00 40.75 ? 30   PRO A N   1 
ATOM   37   C  CA  . PRO A 1 30  ? 1.058   -17.140 -3.196  1.00 40.55 ? 30   PRO A CA  1 
ATOM   38   C  C   . PRO A 1 30  ? 0.413   -16.306 -4.345  1.00 40.00 ? 30   PRO A C   1 
ATOM   39   O  O   . PRO A 1 30  ? 0.919   -15.248 -4.589  1.00 40.22 ? 30   PRO A O   1 
ATOM   40   C  CB  . PRO A 1 30  ? 1.915   -18.310 -3.771  1.00 40.44 ? 30   PRO A CB  1 
ATOM   41   C  CG  . PRO A 1 30  ? 1.849   -19.427 -2.767  1.00 42.08 ? 30   PRO A CG  1 
ATOM   42   C  CD  . PRO A 1 30  ? 0.434   -19.234 -2.068  1.00 40.56 ? 30   PRO A CD  1 
ATOM   43   N  N   . GLU A 1 31  ? -0.629  -16.781 -5.019  1.00 39.32 ? 31   GLU A N   1 
ATOM   44   C  CA  . GLU A 1 31  ? -1.301  -16.064 -6.125  1.00 38.82 ? 31   GLU A CA  1 
ATOM   45   C  C   . GLU A 1 31  ? -1.973  -14.778 -5.660  1.00 35.74 ? 31   GLU A C   1 
ATOM   46   O  O   . GLU A 1 31  ? -2.067  -13.805 -6.386  1.00 34.91 ? 31   GLU A O   1 
ATOM   47   C  CB  . GLU A 1 31  ? -2.403  -16.940 -6.825  1.00 39.96 ? 31   GLU A CB  1 
ATOM   48   C  CG  . GLU A 1 31  ? -2.894  -18.201 -6.010  1.00 46.13 ? 31   GLU A CG  1 
ATOM   49   C  CD  . GLU A 1 31  ? -4.426  -18.497 -6.054  1.00 53.40 ? 31   GLU A CD  1 
ATOM   50   O  OE1 . GLU A 1 31  ? -4.970  -18.806 -7.205  1.00 57.51 ? 31   GLU A OE1 1 
ATOM   51   O  OE2 . GLU A 1 31  ? -5.094  -18.441 -4.928  1.00 50.66 ? 31   GLU A OE2 1 
ATOM   52   N  N   . VAL A 1 32  ? -2.564  -14.869 -4.500  1.00 33.37 ? 32   VAL A N   1 
ATOM   53   C  CA  . VAL A 1 32  ? -3.139  -13.728 -3.808  1.00 33.65 ? 32   VAL A CA  1 
ATOM   54   C  C   . VAL A 1 32  ? -2.046  -12.704 -3.450  1.00 32.96 ? 32   VAL A C   1 
ATOM   55   O  O   . VAL A 1 32  ? -2.202  -11.513 -3.682  1.00 33.14 ? 32   VAL A O   1 
ATOM   56   C  CB  . VAL A 1 32  ? -3.982  -14.156 -2.609  1.00 32.80 ? 32   VAL A CB  1 
ATOM   57   C  CG1 . VAL A 1 32  ? -4.402  -12.975 -1.788  1.00 32.72 ? 32   VAL A CG1 1 
ATOM   58   C  CG2 . VAL A 1 32  ? -5.220  -14.841 -3.110  1.00 34.69 ? 32   VAL A CG2 1 
ATOM   59   N  N   . ALA A 1 33  ? -0.927  -13.194 -2.974  1.00 32.05 ? 33   ALA A N   1 
ATOM   60   C  CA  . ALA A 1 33  ? 0.194   -12.328 -2.693  1.00 31.59 ? 33   ALA A CA  1 
ATOM   61   C  C   . ALA A 1 33  ? 0.732   -11.636 -3.929  1.00 31.72 ? 33   ALA A C   1 
ATOM   62   O  O   . ALA A 1 33  ? 1.134   -10.446 -3.837  1.00 28.26 ? 33   ALA A O   1 
ATOM   63   C  CB  . ALA A 1 33  ? 1.314   -13.111 -2.013  1.00 30.39 ? 33   ALA A CB  1 
ATOM   64   N  N   . GLN A 1 34  ? 0.816   -12.371 -5.045  1.00 31.27 ? 34   GLN A N   1 
ATOM   65   C  CA  . GLN A 1 34  ? 1.424   -11.803 -6.214  1.00 32.40 ? 34   GLN A CA  1 
ATOM   66   C  C   . GLN A 1 34  ? 0.487   -10.722 -6.745  1.00 30.48 ? 34   GLN A C   1 
ATOM   67   O  O   . GLN A 1 34  ? 0.974   -9.700  -7.183  1.00 31.54 ? 34   GLN A O   1 
ATOM   68   C  CB  . GLN A 1 34  ? 1.825   -12.819 -7.323  1.00 32.84 ? 34   GLN A CB  1 
ATOM   69   C  CG  . GLN A 1 34  ? 2.606   -12.115 -8.616  1.00 37.41 ? 34   GLN A CG  1 
ATOM   70   C  CD  . GLN A 1 34  ? 3.857   -11.144 -8.266  1.00 44.51 ? 34   GLN A CD  1 
ATOM   71   O  OE1 . GLN A 1 34  ? 3.712   -9.891  -8.206  1.00 43.69 ? 34   GLN A OE1 1 
ATOM   72   N  NE2 . GLN A 1 34  ? 5.071   -11.748 -8.063  1.00 45.05 ? 34   GLN A NE2 1 
ATOM   73   N  N   . SER A 1 35  ? -0.825  -10.903 -6.658  1.00 29.13 ? 35   SER A N   1 
ATOM   74   C  CA  . SER A 1 35  ? -1.750  -9.891  -7.174  1.00 28.61 ? 35   SER A CA  1 
ATOM   75   C  C   . SER A 1 35  ? -1.743  -8.675  -6.260  1.00 27.74 ? 35   SER A C   1 
ATOM   76   O  O   . SER A 1 35  ? -1.761  -7.556  -6.723  1.00 27.94 ? 35   SER A O   1 
ATOM   77   C  CB  . SER A 1 35  ? -3.140  -10.432 -7.248  1.00 28.51 ? 35   SER A CB  1 
ATOM   78   O  OG  . SER A 1 35  ? -3.074  -11.703 -7.820  1.00 33.97 ? 35   SER A OG  1 
ATOM   79   N  N   . LEU A 1 36  ? -1.679  -8.914  -4.957  1.00 26.43 ? 36   LEU A N   1 
ATOM   80   C  CA  . LEU A 1 36  ? -1.660  -7.824  -3.986  1.00 26.66 ? 36   LEU A CA  1 
ATOM   81   C  C   . LEU A 1 36  ? -0.372  -7.005  -4.180  1.00 25.73 ? 36   LEU A C   1 
ATOM   82   O  O   . LEU A 1 36  ? -0.389  -5.747  -4.255  1.00 24.86 ? 36   LEU A O   1 
ATOM   83   C  CB  . LEU A 1 36  ? -1.846  -8.437  -2.614  1.00 27.10 ? 36   LEU A CB  1 
ATOM   84   C  CG  . LEU A 1 36  ? -2.197  -7.550  -1.468  1.00 29.03 ? 36   LEU A CG  1 
ATOM   85   C  CD1 . LEU A 1 36  ? -3.416  -6.809  -1.841  1.00 31.57 ? 36   LEU A CD1 1 
ATOM   86   C  CD2 . LEU A 1 36  ? -2.381  -8.462  -0.237  1.00 30.12 ? 36   LEU A CD2 1 
ATOM   87   N  N   . ALA A 1 37  ? 0.695   -7.713  -4.473  1.00 25.00 ? 37   ALA A N   1 
ATOM   88   C  CA  . ALA A 1 37  ? 1.992   -7.103  -4.887  1.00 24.98 ? 37   ALA A CA  1 
ATOM   89   C  C   . ALA A 1 37  ? 1.884   -6.229  -6.080  1.00 25.15 ? 37   ALA A C   1 
ATOM   90   O  O   . ALA A 1 37  ? 2.408   -5.102  -6.134  1.00 22.32 ? 37   ALA A O   1 
ATOM   91   C  CB  . ALA A 1 37  ? 3.057   -8.173  -5.179  1.00 24.66 ? 37   ALA A CB  1 
ATOM   92   N  N   . GLU A 1 38  ? 1.213   -6.742  -7.069  1.00 27.24 ? 38   GLU A N   1 
ATOM   93   C  CA  . GLU A 1 38  ? 1.015   -5.911  -8.312  1.00 29.14 ? 38   GLU A CA  1 
ATOM   94   C  C   . GLU A 1 38  ? 0.235   -4.658  -8.096  1.00 27.54 ? 38   GLU A C   1 
ATOM   95   O  O   . GLU A 1 38  ? 0.504   -3.638  -8.757  1.00 26.09 ? 38   GLU A O   1 
ATOM   96   C  CB  . GLU A 1 38  ? 0.345   -6.704  -9.408  1.00 30.11 ? 38   GLU A CB  1 
ATOM   97   C  CG  . GLU A 1 38  ? 1.383   -7.620  -10.042 1.00 36.38 ? 38   GLU A CG  1 
ATOM   98   C  CD  . GLU A 1 38  ? 0.731   -8.750  -10.819 1.00 40.22 ? 38   GLU A CD  1 
ATOM   99   O  OE1 . GLU A 1 38  ? -0.370  -8.426  -11.262 1.00 39.49 ? 38   GLU A OE1 1 
ATOM   100  O  OE2 . GLU A 1 38  ? 1.322   -9.913  -10.926 1.00 43.48 ? 38   GLU A OE2 1 
ATOM   101  N  N   . PHE A 1 39  ? -0.666  -4.721  -7.118  1.00 26.08 ? 39   PHE A N   1 
ATOM   102  C  CA  . PHE A 1 39  ? -1.512  -3.575  -6.788  1.00 25.77 ? 39   PHE A CA  1 
ATOM   103  C  C   . PHE A 1 39  ? -0.746  -2.477  -5.988  1.00 24.60 ? 39   PHE A C   1 
ATOM   104  O  O   . PHE A 1 39  ? -0.838  -1.273  -6.305  1.00 26.20 ? 39   PHE A O   1 
ATOM   105  C  CB  . PHE A 1 39  ? -2.733  -4.103  -6.038  1.00 26.47 ? 39   PHE A CB  1 
ATOM   106  C  CG  . PHE A 1 39  ? -3.562  -3.063  -5.489  1.00 26.98 ? 39   PHE A CG  1 
ATOM   107  C  CD1 . PHE A 1 39  ? -4.608  -2.509  -6.264  1.00 32.12 ? 39   PHE A CD1 1 
ATOM   108  C  CD2 . PHE A 1 39  ? -3.366  -2.644  -4.216  1.00 23.05 ? 39   PHE A CD2 1 
ATOM   109  C  CE1 . PHE A 1 39  ? -5.405  -1.482  -5.743  1.00 28.95 ? 39   PHE A CE1 1 
ATOM   110  C  CE2 . PHE A 1 39  ? -4.135  -1.643  -3.684  1.00 28.93 ? 39   PHE A CE2 1 
ATOM   111  C  CZ  . PHE A 1 39  ? -5.196  -1.057  -4.457  1.00 30.06 ? 39   PHE A CZ  1 
ATOM   112  N  N   . PHE A 1 40  ? 0.044   -2.872  -5.001  1.00 21.27 ? 40   PHE A N   1 
ATOM   113  C  CA  . PHE A 1 40  ? 0.989   -1.955  -4.362  1.00 21.55 ? 40   PHE A CA  1 
ATOM   114  C  C   . PHE A 1 40  ? 2.048   -1.334  -5.289  1.00 21.44 ? 40   PHE A C   1 
ATOM   115  O  O   . PHE A 1 40  ? 2.277   -0.128  -5.181  1.00 20.07 ? 40   PHE A O   1 
ATOM   116  C  CB  . PHE A 1 40  ? 1.652   -2.586  -3.150  1.00 18.56 ? 40   PHE A CB  1 
ATOM   117  C  CG  . PHE A 1 40  ? 0.698   -2.701  -1.956  1.00 23.34 ? 40   PHE A CG  1 
ATOM   118  C  CD1 . PHE A 1 40  ? 0.015   -1.605  -1.449  1.00 26.02 ? 40   PHE A CD1 1 
ATOM   119  C  CD2 . PHE A 1 40  ? 0.448   -3.962  -1.386  1.00 26.29 ? 40   PHE A CD2 1 
ATOM   120  C  CE1 . PHE A 1 40  ? -0.902  -1.759  -0.387  1.00 25.53 ? 40   PHE A CE1 1 
ATOM   121  C  CE2 . PHE A 1 40  ? -0.391  -4.108  -0.326  1.00 27.98 ? 40   PHE A CE2 1 
ATOM   122  C  CZ  . PHE A 1 40  ? -1.106  -3.040  0.164   1.00 25.75 ? 40   PHE A CZ  1 
ATOM   123  N  N   . ALA A 1 41  ? 2.629   -2.144  -6.201  1.00 21.24 ? 41   ALA A N   1 
ATOM   124  C  CA  . ALA A 1 41  ? 3.522   -1.654  -7.293  1.00 23.70 ? 41   ALA A CA  1 
ATOM   125  C  C   . ALA A 1 41  ? 2.987   -0.446  -8.063  1.00 24.53 ? 41   ALA A C   1 
ATOM   126  O  O   . ALA A 1 41  ? 3.685   0.522   -8.173  1.00 23.66 ? 41   ALA A O   1 
ATOM   127  C  CB  . ALA A 1 41  ? 3.841   -2.754  -8.301  1.00 22.29 ? 41   ALA A CB  1 
ATOM   128  N  N   . VAL A 1 42  ? 1.745   -0.473  -8.495  1.00 25.88 ? 42   VAL A N   1 
ATOM   129  C  CA  . VAL A 1 42  ? 1.168   0.711   -9.133  1.00 29.64 ? 42   VAL A CA  1 
ATOM   130  C  C   . VAL A 1 42  ? 1.147   1.936   -8.205  1.00 29.15 ? 42   VAL A C   1 
ATOM   131  O  O   . VAL A 1 42  ? 1.312   3.056   -8.646  1.00 28.94 ? 42   VAL A O   1 
ATOM   132  C  CB  . VAL A 1 42  ? -0.299  0.471   -9.675  1.00 31.13 ? 42   VAL A CB  1 
ATOM   133  C  CG1 . VAL A 1 42  ? -1.264  0.506   -8.588  1.00 34.89 ? 42   VAL A CG1 1 
ATOM   134  C  CG2 . VAL A 1 42  ? -0.717  1.541   -10.644 1.00 34.18 ? 42   VAL A CG2 1 
ATOM   135  N  N   . LEU A 1 43  ? 0.943   1.730   -6.912  1.00 29.76 ? 43   LEU A N   1 
ATOM   136  C  CA  . LEU A 1 43  ? 1.054   2.836   -5.972  1.00 28.42 ? 43   LEU A CA  1 
ATOM   137  C  C   . LEU A 1 43  ? 2.480   3.390   -5.757  1.00 29.71 ? 43   LEU A C   1 
ATOM   138  O  O   . LEU A 1 43  ? 2.657   4.519   -5.260  1.00 27.61 ? 43   LEU A O   1 
ATOM   139  C  CB  . LEU A 1 43  ? 0.417   2.438   -4.650  1.00 28.14 ? 43   LEU A CB  1 
ATOM   140  C  CG  . LEU A 1 43  ? -1.071  2.377   -4.808  1.00 26.36 ? 43   LEU A CG  1 
ATOM   141  C  CD1 . LEU A 1 43  ? -1.693  1.857   -3.604  1.00 26.83 ? 43   LEU A CD1 1 
ATOM   142  C  CD2 . LEU A 1 43  ? -1.603  3.739   -5.112  1.00 27.22 ? 43   LEU A CD2 1 
ATOM   143  N  N   . ALA A 1 44  ? 3.491   2.607   -6.169  1.00 30.98 ? 44   ALA A N   1 
ATOM   144  C  CA  . ALA A 1 44  ? 4.897   2.946   -5.966  1.00 30.92 ? 44   ALA A CA  1 
ATOM   145  C  C   . ALA A 1 44  ? 5.422   3.897   -7.057  1.00 31.41 ? 44   ALA A C   1 
ATOM   146  O  O   . ALA A 1 44  ? 6.473   3.713   -7.616  1.00 31.60 ? 44   ALA A O   1 
ATOM   147  C  CB  . ALA A 1 44  ? 5.725   1.660   -5.876  1.00 31.83 ? 44   ALA A CB  1 
ATOM   148  N  N   . ASP A 1 45  ? 4.664   4.955   -7.322  1.00 31.50 ? 45   ASP A N   1 
ATOM   149  C  CA  . ASP A 1 45  ? 4.975   5.948   -8.332  1.00 29.83 ? 45   ASP A CA  1 
ATOM   150  C  C   . ASP A 1 45  ? 4.507   7.290   -7.815  1.00 27.71 ? 45   ASP A C   1 
ATOM   151  O  O   . ASP A 1 45  ? 3.331   7.517   -7.524  1.00 25.11 ? 45   ASP A O   1 
ATOM   152  C  CB  . ASP A 1 45  ? 4.347   5.610   -9.674  1.00 31.46 ? 45   ASP A CB  1 
ATOM   153  C  CG  . ASP A 1 45  ? 4.648   6.700   -10.742 1.00 35.40 ? 45   ASP A CG  1 
ATOM   154  O  OD1 . ASP A 1 45  ? 5.790   6.802   -11.238 1.00 42.44 ? 45   ASP A OD1 1 
ATOM   155  O  OD2 . ASP A 1 45  ? 3.823   7.561   -11.092 1.00 41.67 ? 45   ASP A OD2 1 
ATOM   156  N  N   . PRO A 1 46  ? 5.453   8.179   -7.647  1.00 27.45 ? 46   PRO A N   1 
ATOM   157  C  CA  . PRO A 1 46  ? 5.138   9.486   -7.057  1.00 28.26 ? 46   PRO A CA  1 
ATOM   158  C  C   . PRO A 1 46  ? 4.128   10.341  -7.864  1.00 27.46 ? 46   PRO A C   1 
ATOM   159  O  O   . PRO A 1 46  ? 3.331   11.037  -7.226  1.00 26.83 ? 46   PRO A O   1 
ATOM   160  C  CB  . PRO A 1 46  ? 6.490   10.191  -7.026  1.00 29.51 ? 46   PRO A CB  1 
ATOM   161  C  CG  . PRO A 1 46  ? 7.517   9.069   -7.225  1.00 29.46 ? 46   PRO A CG  1 
ATOM   162  C  CD  . PRO A 1 46  ? 6.875   8.031   -8.029  1.00 26.57 ? 46   PRO A CD  1 
ATOM   163  N  N   . ASN A 1 47  ? 4.117   10.245  -9.181  1.00 26.98 ? 47   ASN A N   1 
ATOM   164  C  CA  . ASN A 1 47  ? 3.187   11.027  -10.003 1.00 29.37 ? 47   ASN A CA  1 
ATOM   165  C  C   . ASN A 1 47  ? 1.765   10.507  -9.803  1.00 29.72 ? 47   ASN A C   1 
ATOM   166  O  O   . ASN A 1 47  ? 0.869   11.289  -9.498  1.00 31.22 ? 47   ASN A O   1 
ATOM   167  C  CB  . ASN A 1 47  ? 3.534   10.927  -11.483 1.00 30.42 ? 47   ASN A CB  1 
ATOM   168  C  CG  . ASN A 1 47  ? 4.774   11.763  -11.877 1.00 34.23 ? 47   ASN A CG  1 
ATOM   169  O  OD1 . ASN A 1 47  ? 4.990   12.824  -11.355 1.00 31.45 ? 47   ASN A OD1 1 
ATOM   170  N  ND2 . ASN A 1 47  ? 5.576   11.238  -12.792 1.00 36.66 ? 47   ASN A ND2 1 
ATOM   171  N  N   . ARG A 1 48  ? 1.572   9.183   -9.865  1.00 28.75 ? 48   ARG A N   1 
ATOM   172  C  CA  . ARG A 1 48  ? 0.276   8.639   -9.498  1.00 28.37 ? 48   ARG A CA  1 
ATOM   173  C  C   . ARG A 1 48  ? -0.227  9.099   -8.101  1.00 27.06 ? 48   ARG A C   1 
ATOM   174  O  O   . ARG A 1 48  ? -1.426  9.507   -7.902  1.00 25.77 ? 48   ARG A O   1 
ATOM   175  C  CB  . ARG A 1 48  ? 0.321   7.143   -9.598  1.00 29.21 ? 48   ARG A CB  1 
ATOM   176  C  CG  . ARG A 1 48  ? 0.255   6.745   -11.035 1.00 32.68 ? 48   ARG A CG  1 
ATOM   177  C  CD  . ARG A 1 48  ? 0.562   5.291   -11.308 1.00 36.55 ? 48   ARG A CD  1 
ATOM   178  N  NE  . ARG A 1 48  ? -0.036  4.893   -12.550 1.00 45.39 ? 48   ARG A NE  1 
ATOM   179  C  CZ  . ARG A 1 48  ? 0.216   3.730   -13.156 1.00 55.77 ? 48   ARG A CZ  1 
ATOM   180  N  NH1 . ARG A 1 48  ? 1.127   2.880   -12.665 1.00 57.95 ? 48   ARG A NH1 1 
ATOM   181  N  NH2 . ARG A 1 48  ? -0.418  3.429   -14.286 1.00 57.68 ? 48   ARG A NH2 1 
ATOM   182  N  N   . LEU A 1 49  ? 0.678   9.054   -7.150  1.00 23.91 ? 49   LEU A N   1 
ATOM   183  C  CA  . LEU A 1 49  ? 0.320   9.382   -5.820  1.00 24.69 ? 49   LEU A CA  1 
ATOM   184  C  C   . LEU A 1 49  ? -0.136  10.875  -5.694  1.00 25.67 ? 49   LEU A C   1 
ATOM   185  O  O   . LEU A 1 49  ? -0.954  11.225  -4.862  1.00 25.63 ? 49   LEU A O   1 
ATOM   186  C  CB  . LEU A 1 49  ? 1.477   8.981   -4.848  1.00 23.73 ? 49   LEU A CB  1 
ATOM   187  C  CG  . LEU A 1 49  ? 1.757   7.471   -4.666  1.00 22.08 ? 49   LEU A CG  1 
ATOM   188  C  CD1 . LEU A 1 49  ? 3.071   7.249   -3.904  1.00 23.05 ? 49   LEU A CD1 1 
ATOM   189  C  CD2 . LEU A 1 49  ? 0.611   6.734   -3.951  1.00 24.91 ? 49   LEU A CD2 1 
ATOM   190  N  N   . ARG A 1 50  ? 0.420   11.726  -6.526  1.00 27.67 ? 50   ARG A N   1 
ATOM   191  C  CA  . ARG A 1 50  ? 0.067   13.145  -6.580  1.00 29.35 ? 50   ARG A CA  1 
ATOM   192  C  C   . ARG A 1 50  ? -1.370  13.321  -7.050  1.00 29.44 ? 50   ARG A C   1 
ATOM   193  O  O   . ARG A 1 50  ? -2.143  14.053  -6.409  1.00 32.10 ? 50   ARG A O   1 
ATOM   194  C  CB  . ARG A 1 50  ? 1.053   13.903  -7.496  1.00 29.31 ? 50   ARG A CB  1 
ATOM   195  C  CG  . ARG A 1 50  ? 2.369   14.243  -6.783  1.00 33.43 ? 50   ARG A CG  1 
ATOM   196  C  CD  . ARG A 1 50  ? 3.237   15.260  -7.452  1.00 38.54 ? 50   ARG A CD  1 
ATOM   197  N  NE  . ARG A 1 50  ? 3.075   16.525  -6.740  1.00 41.76 ? 50   ARG A NE  1 
ATOM   198  C  CZ  . ARG A 1 50  ? 2.926   17.721  -7.328  1.00 41.51 ? 50   ARG A CZ  1 
ATOM   199  N  NH1 . ARG A 1 50  ? 2.985   17.878  -8.656  1.00 33.51 ? 50   ARG A NH1 1 
ATOM   200  N  NH2 . ARG A 1 50  ? 2.711   18.780  -6.538  1.00 43.67 ? 50   ARG A NH2 1 
ATOM   201  N  N   . LEU A 1 51  ? -1.739  12.624  -8.107  1.00 30.04 ? 51   LEU A N   1 
ATOM   202  C  CA  . LEU A 1 51  ? -3.132  12.636  -8.580  1.00 30.54 ? 51   LEU A CA  1 
ATOM   203  C  C   . LEU A 1 51  ? -4.064  12.190  -7.524  1.00 31.43 ? 51   LEU A C   1 
ATOM   204  O  O   . LEU A 1 51  ? -5.065  12.847  -7.274  1.00 32.78 ? 51   LEU A O   1 
ATOM   205  C  CB  . LEU A 1 51  ? -3.332  11.730  -9.768  1.00 31.30 ? 51   LEU A CB  1 
ATOM   206  C  CG  . LEU A 1 51  ? -2.413  12.070  -10.956 1.00 33.36 ? 51   LEU A CG  1 
ATOM   207  C  CD1 . LEU A 1 51  ? -2.506  11.034  -12.128 1.00 32.00 ? 51   LEU A CD1 1 
ATOM   208  C  CD2 . LEU A 1 51  ? -2.745  13.451  -11.391 1.00 37.11 ? 51   LEU A CD2 1 
ATOM   209  N  N   . LEU A 1 52  ? -3.752  11.052  -6.898  1.00 32.59 ? 52   LEU A N   1 
ATOM   210  C  CA  . LEU A 1 52  ? -4.569  10.519  -5.841  1.00 32.25 ? 52   LEU A CA  1 
ATOM   211  C  C   . LEU A 1 52  ? -4.669  11.419  -4.645  1.00 31.90 ? 52   LEU A C   1 
ATOM   212  O  O   . LEU A 1 52  ? -5.687  11.348  -3.935  1.00 33.12 ? 52   LEU A O   1 
ATOM   213  C  CB  . LEU A 1 52  ? -3.993  9.186   -5.353  1.00 32.99 ? 52   LEU A CB  1 
ATOM   214  C  CG  . LEU A 1 52  ? -3.926  7.967   -6.280  1.00 35.40 ? 52   LEU A CG  1 
ATOM   215  C  CD1 . LEU A 1 52  ? -3.390  6.753   -5.535  1.00 38.53 ? 52   LEU A CD1 1 
ATOM   216  C  CD2 . LEU A 1 52  ? -5.264  7.658   -6.914  1.00 34.39 ? 52   LEU A CD2 1 
ATOM   217  N  N   . SER A 1 53  ? -3.623  12.214  -4.341  1.00 30.31 ? 53   SER A N   1 
ATOM   218  C  CA  . SER A 1 53  ? -3.739  13.173  -3.224  1.00 29.32 ? 53   SER A CA  1 
ATOM   219  C  C   . SER A 1 53  ? -4.845  14.183  -3.521  1.00 30.14 ? 53   SER A C   1 
ATOM   220  O  O   . SER A 1 53  ? -5.427  14.715  -2.645  1.00 32.01 ? 53   SER A O   1 
ATOM   221  C  CB  . SER A 1 53  ? -2.466  13.950  -2.967  1.00 27.75 ? 53   SER A CB  1 
ATOM   222  O  OG  . SER A 1 53  ? -1.981  14.583  -4.168  1.00 28.05 ? 53   SER A OG  1 
ATOM   223  N  N   . LEU A 1 54  ? -5.050  14.499  -4.769  1.00 32.55 ? 54   LEU A N   1 
ATOM   224  C  CA  . LEU A 1 54  ? -6.088  15.446  -5.193  1.00 35.03 ? 54   LEU A CA  1 
ATOM   225  C  C   . LEU A 1 54  ? -7.448  14.751  -5.106  1.00 35.89 ? 54   LEU A C   1 
ATOM   226  O  O   . LEU A 1 54  ? -8.292  15.188  -4.342  1.00 37.07 ? 54   LEU A O   1 
ATOM   227  C  CB  . LEU A 1 54  ? -5.824  15.972  -6.634  1.00 34.93 ? 54   LEU A CB  1 
ATOM   228  C  CG  . LEU A 1 54  ? -4.596  16.860  -6.819  1.00 35.76 ? 54   LEU A CG  1 
ATOM   229  C  CD1 . LEU A 1 54  ? -4.140  17.059  -8.282  1.00 38.38 ? 54   LEU A CD1 1 
ATOM   230  C  CD2 . LEU A 1 54  ? -4.859  18.200  -6.142  1.00 36.16 ? 54   LEU A CD2 1 
ATOM   231  N  N   . LEU A 1 55  ? -7.614  13.619  -5.798  1.00 36.10 ? 55   LEU A N   1 
ATOM   232  C  CA  . LEU A 1 55  ? -8.843  12.866  -5.691  1.00 35.92 ? 55   LEU A CA  1 
ATOM   233  C  C   . LEU A 1 55  ? -9.212  12.535  -4.290  1.00 36.96 ? 55   LEU A C   1 
ATOM   234  O  O   . LEU A 1 55  ? -10.365 12.386  -4.013  1.00 36.44 ? 55   LEU A O   1 
ATOM   235  C  CB  . LEU A 1 55  ? -8.808  11.622  -6.548  1.00 35.89 ? 55   LEU A CB  1 
ATOM   236  C  CG  . LEU A 1 55  ? -8.575  11.962  -8.022  1.00 35.41 ? 55   LEU A CG  1 
ATOM   237  C  CD1 . LEU A 1 55  ? -8.550  10.717  -8.880  1.00 33.19 ? 55   LEU A CD1 1 
ATOM   238  C  CD2 . LEU A 1 55  ? -9.648  12.886  -8.519  1.00 34.74 ? 55   LEU A CD2 1 
ATOM   239  N  N   . ALA A 1 56  ? -8.267  12.499  -3.369  1.00 40.29 ? 56   ALA A N   1 
ATOM   240  C  CA  . ALA A 1 56  ? -8.605  12.200  -1.955  1.00 42.87 ? 56   ALA A CA  1 
ATOM   241  C  C   . ALA A 1 56  ? -9.516  13.245  -1.270  1.00 45.45 ? 56   ALA A C   1 
ATOM   242  O  O   . ALA A 1 56  ? -10.223 12.938  -0.286  1.00 44.99 ? 56   ALA A O   1 
ATOM   243  C  CB  . ALA A 1 56  ? -7.370  12.011  -1.122  1.00 42.58 ? 56   ALA A CB  1 
ATOM   244  N  N   . ARG A 1 57  ? -9.439  14.477  -1.731  1.00 48.68 ? 57   ARG A N   1 
ATOM   245  C  CA  . ARG A 1 57  ? -10.221 15.578  -1.127  1.00 51.38 ? 57   ARG A CA  1 
ATOM   246  C  C   . ARG A 1 57  ? -11.546 15.776  -1.880  1.00 51.30 ? 57   ARG A C   1 
ATOM   247  O  O   . ARG A 1 57  ? -12.483 16.284  -1.301  1.00 52.78 ? 57   ARG A O   1 
ATOM   248  C  CB  . ARG A 1 57  ? -9.399  16.885  -1.092  1.00 51.69 ? 57   ARG A CB  1 
ATOM   249  C  CG  . ARG A 1 57  ? -9.220  17.487  -2.506  1.00 57.11 ? 57   ARG A CG  1 
ATOM   250  C  CD  . ARG A 1 57  ? -8.057  18.521  -2.660  1.00 63.09 ? 57   ARG A CD  1 
ATOM   251  N  NE  . ARG A 1 57  ? -8.174  19.296  -3.912  1.00 66.31 ? 57   ARG A NE  1 
ATOM   252  C  CZ  . ARG A 1 57  ? -8.182  20.655  -4.011  1.00 71.10 ? 57   ARG A CZ  1 
ATOM   253  N  NH1 . ARG A 1 57  ? -8.059  21.444  -2.936  1.00 72.91 ? 57   ARG A NH1 1 
ATOM   254  N  NH2 . ARG A 1 57  ? -8.297  21.241  -5.212  1.00 69.76 ? 57   ARG A NH2 1 
ATOM   255  N  N   . SER A 1 58  ? -11.627 15.398  -3.160  1.00 51.31 ? 58   SER A N   1 
ATOM   256  C  CA  . SER A 1 58  ? -12.900 15.482  -3.897  1.00 50.93 ? 58   SER A CA  1 
ATOM   257  C  C   . SER A 1 58  ? -12.823 14.825  -5.257  1.00 50.81 ? 58   SER A C   1 
ATOM   258  O  O   . SER A 1 58  ? -11.757 14.621  -5.789  1.00 51.34 ? 58   SER A O   1 
ATOM   259  C  CB  . SER A 1 58  ? -13.284 16.971  -4.106  1.00 51.50 ? 58   SER A CB  1 
ATOM   260  O  OG  . SER A 1 58  ? -13.449 17.275  -5.491  1.00 47.25 ? 58   SER A OG  1 
ATOM   261  N  N   . GLU A 1 59  ? -13.959 14.540  -5.858  1.00 51.10 ? 59   GLU A N   1 
ATOM   262  C  CA  . GLU A 1 59  ? -13.959 14.212  -7.272  1.00 51.58 ? 59   GLU A CA  1 
ATOM   263  C  C   . GLU A 1 59  ? -13.621 15.486  -8.074  1.00 50.79 ? 59   GLU A C   1 
ATOM   264  O  O   . GLU A 1 59  ? -13.857 16.604  -7.593  1.00 49.96 ? 59   GLU A O   1 
ATOM   265  C  CB  . GLU A 1 59  ? -15.305 13.544  -7.686  1.00 53.04 ? 59   GLU A CB  1 
ATOM   266  C  CG  . GLU A 1 59  ? -16.418 14.466  -8.146  1.00 55.88 ? 59   GLU A CG  1 
ATOM   267  C  CD  . GLU A 1 59  ? -17.673 13.739  -8.677  1.00 59.75 ? 59   GLU A CD  1 
ATOM   268  O  OE1 . GLU A 1 59  ? -17.556 12.843  -9.572  1.00 57.31 ? 59   GLU A OE1 1 
ATOM   269  O  OE2 . GLU A 1 59  ? -18.792 14.105  -8.206  1.00 63.36 ? 59   GLU A OE2 1 
ATOM   270  N  N   . LEU A 1 60  ? -13.047 15.322  -9.266  1.00 49.88 ? 60   LEU A N   1 
ATOM   271  C  CA  . LEU A 1 60  ? -12.501 16.438  -10.017 1.00 50.27 ? 60   LEU A CA  1 
ATOM   272  C  C   . LEU A 1 60  ? -12.485 16.063  -11.477 1.00 50.30 ? 60   LEU A C   1 
ATOM   273  O  O   . LEU A 1 60  ? -12.279 14.899  -11.808 1.00 50.51 ? 60   LEU A O   1 
ATOM   274  C  CB  . LEU A 1 60  ? -11.024 16.754  -9.612  1.00 50.42 ? 60   LEU A CB  1 
ATOM   275  C  CG  . LEU A 1 60  ? -10.593 17.026  -8.154  1.00 52.20 ? 60   LEU A CG  1 
ATOM   276  C  CD1 . LEU A 1 60  ? -9.058  16.906  -8.010  1.00 53.67 ? 60   LEU A CD1 1 
ATOM   277  C  CD2 . LEU A 1 60  ? -11.063 18.391  -7.598  1.00 52.70 ? 60   LEU A CD2 1 
ATOM   278  N  N   . SER A 1 61  ? -12.601 17.051  -12.357 1.00 50.52 ? 61   SER A N   1 
ATOM   279  C  CA  . SER A 1 61  ? -12.551 16.798  -13.804 1.00 50.97 ? 61   SER A CA  1 
ATOM   280  C  C   . SER A 1 61  ? -11.139 16.479  -14.307 1.00 51.16 ? 61   SER A C   1 
ATOM   281  O  O   . SER A 1 61  ? -10.162 16.803  -13.657 1.00 52.00 ? 61   SER A O   1 
ATOM   282  C  CB  . SER A 1 61  ? -13.094 17.987  -14.559 1.00 51.21 ? 61   SER A CB  1 
ATOM   283  N  N   . VAL A 1 62  ? -11.056 15.851  -15.470 1.00 51.54 ? 62   VAL A N   1 
ATOM   284  C  CA  . VAL A 1 62  ? -9.815  15.706  -16.237 1.00 53.63 ? 62   VAL A CA  1 
ATOM   285  C  C   . VAL A 1 62  ? -8.906  16.952  -16.333 1.00 53.51 ? 62   VAL A C   1 
ATOM   286  O  O   . VAL A 1 62  ? -7.684  16.827  -16.246 1.00 55.26 ? 62   VAL A O   1 
ATOM   287  C  CB  . VAL A 1 62  ? -10.139 15.219  -17.677 1.00 54.63 ? 62   VAL A CB  1 
ATOM   288  C  CG1 . VAL A 1 62  ? -8.988  15.516  -18.693 1.00 55.70 ? 62   VAL A CG1 1 
ATOM   289  C  CG2 . VAL A 1 62  ? -10.442 13.706  -17.656 1.00 56.02 ? 62   VAL A CG2 1 
ATOM   290  N  N   . GLY A 1 63  ? -9.502  18.122  -16.528 1.00 54.04 ? 63   GLY A N   1 
ATOM   291  C  CA  . GLY A 1 63  ? -8.808  19.417  -16.555 1.00 54.13 ? 63   GLY A CA  1 
ATOM   292  C  C   . GLY A 1 63  ? -8.587  20.134  -15.210 1.00 53.45 ? 63   GLY A C   1 
ATOM   293  O  O   . GLY A 1 63  ? -7.698  20.935  -15.063 1.00 51.71 ? 63   GLY A O   1 
ATOM   294  N  N   . ASP A 1 64  ? -9.379  19.859  -14.205 1.00 53.95 ? 64   ASP A N   1 
ATOM   295  C  CA  . ASP A 1 64  ? -9.042  20.416  -12.901 1.00 54.81 ? 64   ASP A CA  1 
ATOM   296  C  C   . ASP A 1 64  ? -7.754  19.765  -12.363 1.00 55.82 ? 64   ASP A C   1 
ATOM   297  O  O   . ASP A 1 64  ? -6.984  20.435  -11.724 1.00 56.27 ? 64   ASP A O   1 
ATOM   298  C  CB  . ASP A 1 64  ? -10.199 20.240  -11.973 1.00 54.62 ? 64   ASP A CB  1 
ATOM   299  C  CG  . ASP A 1 64  ? -11.464 20.877  -12.533 1.00 55.70 ? 64   ASP A CG  1 
ATOM   300  O  OD1 . ASP A 1 64  ? -11.460 22.123  -12.580 1.00 56.95 ? 64   ASP A OD1 1 
ATOM   301  O  OD2 . ASP A 1 64  ? -12.458 20.230  -13.001 1.00 55.46 ? 64   ASP A OD2 1 
ATOM   302  N  N   . LEU A 1 65  ? -7.507  18.492  -12.713 1.00 56.71 ? 65   LEU A N   1 
ATOM   303  C  CA  . LEU A 1 65  ? -6.384  17.690  -12.197 1.00 57.51 ? 65   LEU A CA  1 
ATOM   304  C  C   . LEU A 1 65  ? -5.103  18.122  -12.867 1.00 58.05 ? 65   LEU A C   1 
ATOM   305  O  O   . LEU A 1 65  ? -4.065  18.254  -12.227 1.00 57.90 ? 65   LEU A O   1 
ATOM   306  C  CB  . LEU A 1 65  ? -6.539  16.185  -12.486 1.00 56.73 ? 65   LEU A CB  1 
ATOM   307  C  CG  . LEU A 1 65  ? -7.526  15.365  -11.669 1.00 57.21 ? 65   LEU A CG  1 
ATOM   308  C  CD1 . LEU A 1 65  ? -7.810  14.057  -12.371 1.00 54.83 ? 65   LEU A CD1 1 
ATOM   309  C  CD2 . LEU A 1 65  ? -6.974  15.148  -10.274 1.00 58.72 ? 65   LEU A CD2 1 
ATOM   310  N  N   . ALA A 1 66  ? -5.185  18.264  -14.178 1.00 59.25 ? 66   ALA A N   1 
ATOM   311  C  CA  . ALA A 1 66  ? -4.107  18.819  -14.984 1.00 59.75 ? 66   ALA A CA  1 
ATOM   312  C  C   . ALA A 1 66  ? -3.707  20.211  -14.486 1.00 60.41 ? 66   ALA A C   1 
ATOM   313  O  O   . ALA A 1 66  ? -2.527  20.517  -14.407 1.00 61.28 ? 66   ALA A O   1 
ATOM   314  C  CB  . ALA A 1 66  ? -4.547  18.887  -16.449 1.00 60.19 ? 66   ALA A CB  1 
ATOM   315  N  N   . GLN A 1 67  ? -4.671  21.043  -14.100 1.00 61.07 ? 67   GLN A N   1 
ATOM   316  C  CA  . GLN A 1 67  ? -4.351  22.413  -13.652 1.00 61.83 ? 67   GLN A CA  1 
ATOM   317  C  C   . GLN A 1 67  ? -3.709  22.439  -12.263 1.00 61.51 ? 67   GLN A C   1 
ATOM   318  O  O   . GLN A 1 67  ? -2.986  23.381  -11.956 1.00 60.74 ? 67   GLN A O   1 
ATOM   319  C  CB  . GLN A 1 67  ? -5.568  23.366  -13.713 1.00 61.99 ? 67   GLN A CB  1 
ATOM   320  C  CG  . GLN A 1 67  ? -5.211  24.789  -14.187 1.00 63.89 ? 67   GLN A CG  1 
ATOM   321  C  CD  . GLN A 1 67  ? -6.393  25.767  -14.126 1.00 66.21 ? 67   GLN A CD  1 
ATOM   322  O  OE1 . GLN A 1 67  ? -7.307  25.685  -14.970 1.00 66.04 ? 67   GLN A OE1 1 
ATOM   323  N  NE2 . GLN A 1 67  ? -6.369  26.707  -13.148 1.00 64.72 ? 67   GLN A NE2 1 
ATOM   324  N  N   . ALA A 1 68  ? -3.986  21.412  -11.444 1.00 61.63 ? 68   ALA A N   1 
ATOM   325  C  CA  . ALA A 1 68  ? -3.319  21.206  -10.132 1.00 61.57 ? 68   ALA A CA  1 
ATOM   326  C  C   . ALA A 1 68  ? -1.900  20.613  -10.252 1.00 60.82 ? 68   ALA A C   1 
ATOM   327  O  O   . ALA A 1 68  ? -0.984  21.043  -9.577  1.00 60.17 ? 68   ALA A O   1 
ATOM   328  C  CB  . ALA A 1 68  ? -4.190  20.319  -9.197  1.00 61.75 ? 68   ALA A CB  1 
ATOM   329  N  N   . ILE A 1 69  ? -1.748  19.625  -11.119 1.00 61.06 ? 69   ILE A N   1 
ATOM   330  C  CA  . ILE A 1 69  ? -0.472  18.949  -11.370 1.00 61.78 ? 69   ILE A CA  1 
ATOM   331  C  C   . ILE A 1 69  ? 0.366   19.825  -12.338 1.00 62.84 ? 69   ILE A C   1 
ATOM   332  O  O   . ILE A 1 69  ? 1.550   19.528  -12.630 1.00 62.19 ? 69   ILE A O   1 
ATOM   333  C  CB  . ILE A 1 69  ? -0.780  17.549  -11.993 1.00 61.31 ? 69   ILE A CB  1 
ATOM   334  C  CG1 . ILE A 1 69  ? -1.522  16.662  -10.993 1.00 61.76 ? 69   ILE A CG1 1 
ATOM   335  C  CG2 . ILE A 1 69  ? 0.457   16.850  -12.489 1.00 61.03 ? 69   ILE A CG2 1 
ATOM   336  C  CD1 . ILE A 1 69  ? -0.795  16.417  -9.684  1.00 60.21 ? 69   ILE A CD1 1 
ATOM   337  N  N   . GLY A 1 70  ? -0.284  20.896  -12.832 1.00 64.20 ? 70   GLY A N   1 
ATOM   338  C  CA  . GLY A 1 70  ? 0.255   21.805  -13.827 1.00 64.97 ? 70   GLY A CA  1 
ATOM   339  C  C   . GLY A 1 70  ? 0.772   21.132  -15.089 1.00 65.94 ? 70   GLY A C   1 
ATOM   340  O  O   . GLY A 1 70  ? 1.875   21.472  -15.523 1.00 66.01 ? 70   GLY A O   1 
ATOM   341  N  N   . VAL A 1 71  ? 0.019   20.168  -15.643 1.00 67.10 ? 71   VAL A N   1 
ATOM   342  C  CA  . VAL A 1 71  ? 0.375   19.471  -16.903 1.00 67.50 ? 71   VAL A CA  1 
ATOM   343  C  C   . VAL A 1 71  ? -0.815  19.506  -17.892 1.00 68.19 ? 71   VAL A C   1 
ATOM   344  O  O   . VAL A 1 71  ? -1.729  20.318  -17.747 1.00 67.52 ? 71   VAL A O   1 
ATOM   345  C  CB  . VAL A 1 71  ? 0.843   18.002  -16.636 1.00 67.92 ? 71   VAL A CB  1 
ATOM   346  C  CG1 . VAL A 1 71  ? 2.084   17.939  -15.730 1.00 67.80 ? 71   VAL A CG1 1 
ATOM   347  C  CG2 . VAL A 1 71  ? -0.289  17.189  -16.027 1.00 68.03 ? 71   VAL A CG2 1 
ATOM   348  N  N   . SER A 1 72  ? -0.807  18.628  -18.896 1.00 69.82 ? 72   SER A N   1 
ATOM   349  C  CA  . SER A 1 72  ? -1.758  18.698  -20.010 1.00 71.02 ? 72   SER A CA  1 
ATOM   350  C  C   . SER A 1 72  ? -3.032  17.861  -19.838 1.00 71.97 ? 72   SER A C   1 
ATOM   351  O  O   . SER A 1 72  ? -3.209  17.145  -18.860 1.00 71.87 ? 72   SER A O   1 
ATOM   352  C  CB  . SER A 1 72  ? -1.048  18.254  -21.300 1.00 71.53 ? 72   SER A CB  1 
ATOM   353  O  OG  . SER A 1 72  ? -0.863  16.843  -21.321 1.00 72.40 ? 72   SER A OG  1 
ATOM   354  N  N   . GLU A 1 73  ? -3.914  17.960  -20.825 0.83 73.05 ? 73   GLU A N   1 
ATOM   355  C  CA  . GLU A 1 73  ? -5.159  17.209  -20.831 0.83 73.84 ? 73   GLU A CA  1 
ATOM   356  C  C   . GLU A 1 73  ? -4.896  15.824  -21.330 0.83 74.23 ? 73   GLU A C   1 
ATOM   357  O  O   . GLU A 1 73  ? -5.125  14.840  -20.647 0.83 74.14 ? 73   GLU A O   1 
ATOM   358  C  CB  . GLU A 1 73  ? -6.169  17.868  -21.760 0.83 74.11 ? 73   GLU A CB  1 
ATOM   359  C  CG  . GLU A 1 73  ? -7.593  17.744  -21.271 0.83 75.94 ? 73   GLU A CG  1 
ATOM   360  C  CD  . GLU A 1 73  ? -7.902  18.783  -20.211 0.83 76.36 ? 73   GLU A CD  1 
ATOM   361  O  OE1 . GLU A 1 73  ? -7.314  18.683  -19.123 0.83 78.28 ? 73   GLU A OE1 1 
ATOM   362  O  OE2 . GLU A 1 73  ? -8.719  19.695  -20.466 1.00 75.45 ? 73   GLU A OE2 1 
ATOM   363  N  N   . SER A 1 74  ? -4.394  15.746  -22.548 1.00 74.98 ? 74   SER A N   1 
ATOM   364  C  CA  . SER A 1 74  ? -4.086  14.449  -23.135 1.00 75.44 ? 74   SER A CA  1 
ATOM   365  C  C   . SER A 1 74  ? -3.042  13.620  -22.319 1.00 75.43 ? 74   SER A C   1 
ATOM   366  O  O   . SER A 1 74  ? -2.785  12.471  -22.661 1.00 75.87 ? 74   SER A O   1 
ATOM   367  C  CB  . SER A 1 74  ? -3.625  14.626  -24.594 1.00 75.49 ? 74   SER A CB  1 
ATOM   368  O  OG  . SER A 1 74  ? -4.345  13.745  -25.444 1.00 75.01 ? 74   SER A OG  1 
ATOM   369  N  N   . ALA A 1 75  ? -2.444  14.184  -21.260 1.00 75.16 ? 75   ALA A N   1 
ATOM   370  C  CA  . ALA A 1 75  ? -1.543  13.403  -20.404 1.00 74.46 ? 75   ALA A CA  1 
ATOM   371  C  C   . ALA A 1 75  ? -2.103  13.067  -19.005 1.00 73.68 ? 75   ALA A C   1 
ATOM   372  O  O   . ALA A 1 75  ? -1.694  12.054  -18.426 1.00 74.41 ? 75   ALA A O   1 
ATOM   373  C  CB  . ALA A 1 75  ? -0.202  14.091  -20.283 1.00 74.59 ? 75   ALA A CB  1 
ATOM   374  N  N   . VAL A 1 76  ? -2.983  13.888  -18.435 0.66 72.32 ? 76   VAL A N   1 
ATOM   375  C  CA  . VAL A 1 76  ? -3.662  13.466  -17.200 0.66 71.65 ? 76   VAL A CA  1 
ATOM   376  C  C   . VAL A 1 76  ? -4.546  12.308  -17.603 0.66 72.01 ? 76   VAL A C   1 
ATOM   377  O  O   . VAL A 1 76  ? -4.639  11.305  -16.897 0.66 71.23 ? 76   VAL A O   1 
ATOM   378  C  CB  . VAL A 1 76  ? -4.590  14.515  -16.539 0.66 71.05 ? 76   VAL A CB  1 
ATOM   379  C  CG1 . VAL A 1 76  ? -3.836  15.407  -15.550 1.00 70.16 ? 76   VAL A CG1 1 
ATOM   380  C  CG2 . VAL A 1 76  ? -5.389  15.301  -17.569 1.00 70.34 ? 76   VAL A CG2 1 
ATOM   381  N  N   . SER A 1 77  ? -5.164  12.467  -18.774 1.00 72.60 ? 77   SER A N   1 
ATOM   382  C  CA  . SER A 1 77  ? -6.061  11.471  -19.347 1.00 73.33 ? 77   SER A CA  1 
ATOM   383  C  C   . SER A 1 77  ? -5.307  10.271  -19.908 1.00 73.74 ? 77   SER A C   1 
ATOM   384  O  O   . SER A 1 77  ? -5.907  9.389   -20.500 1.00 75.47 ? 77   SER A O   1 
ATOM   385  C  CB  . SER A 1 77  ? -6.960  12.092  -20.439 1.00 73.66 ? 77   SER A CB  1 
ATOM   386  O  OG  . SER A 1 77  ? -8.004  12.906  -19.871 1.00 74.09 ? 77   SER A OG  1 
ATOM   387  N  N   . HIS A 1 78  ? -3.995  10.229  -19.740 1.00 73.97 ? 78   HIS A N   1 
ATOM   388  C  CA  . HIS A 1 78  ? -3.239  9.013   -20.000 1.00 73.39 ? 78   HIS A CA  1 
ATOM   389  C  C   . HIS A 1 78  ? -3.009  8.262   -18.717 1.00 72.88 ? 78   HIS A C   1 
ATOM   390  O  O   . HIS A 1 78  ? -3.037  7.032   -18.696 1.00 72.52 ? 78   HIS A O   1 
ATOM   391  C  CB  . HIS A 1 78  ? -1.885  9.318   -20.676 1.00 73.62 ? 78   HIS A CB  1 
ATOM   392  C  CG  . HIS A 1 78  ? -1.531  8.334   -21.749 1.00 73.37 ? 78   HIS A CG  1 
ATOM   393  N  ND1 . HIS A 1 78  ? -2.385  8.031   -22.790 1.00 73.88 ? 78   HIS A ND1 1 
ATOM   394  C  CD2 . HIS A 1 78  ? -0.446  7.548   -21.913 1.00 73.76 ? 78   HIS A CD2 1 
ATOM   395  C  CE1 . HIS A 1 78  ? -1.830  7.118   -23.567 1.00 74.62 ? 78   HIS A CE1 1 
ATOM   396  N  NE2 . HIS A 1 78  ? -0.645  6.816   -23.061 1.00 75.88 ? 78   HIS A NE2 1 
ATOM   397  N  N   . GLN A 1 79  ? -2.762  9.008   -17.649 1.00 72.79 ? 79   GLN A N   1 
ATOM   398  C  CA  . GLN A 1 79  ? -2.409  8.402   -16.371 1.00 72.54 ? 79   GLN A CA  1 
ATOM   399  C  C   . GLN A 1 79  ? -3.660  7.917   -15.649 1.00 71.86 ? 79   GLN A C   1 
ATOM   400  O  O   . GLN A 1 79  ? -3.641  6.881   -14.965 1.00 72.34 ? 79   GLN A O   1 
ATOM   401  C  CB  . GLN A 1 79  ? -1.670  9.409   -15.494 1.00 72.70 ? 79   GLN A CB  1 
ATOM   402  C  CG  . GLN A 1 79  ? -0.176  9.210   -15.393 1.00 73.25 ? 79   GLN A CG  1 
ATOM   403  C  CD  . GLN A 1 79  ? 0.414   9.978   -14.199 1.00 73.94 ? 79   GLN A CD  1 
ATOM   404  O  OE1 . GLN A 1 79  ? 0.610   11.208  -14.263 1.00 72.17 ? 79   GLN A OE1 1 
ATOM   405  N  NE2 . GLN A 1 79  ? 0.677   9.256   -13.109 1.00 71.73 ? 79   GLN A NE2 1 
ATOM   406  N  N   . LEU A 1 80  ? -4.744  8.666   -15.808 1.00 70.62 ? 80   LEU A N   1 
ATOM   407  C  CA  . LEU A 1 80  ? -5.983  8.347   -15.134 1.00 69.69 ? 80   LEU A CA  1 
ATOM   408  C  C   . LEU A 1 80  ? -6.553  7.090   -15.753 1.00 69.42 ? 80   LEU A C   1 
ATOM   409  O  O   . LEU A 1 80  ? -6.805  6.099   -15.047 1.00 69.63 ? 80   LEU A O   1 
ATOM   410  C  CB  . LEU A 1 80  ? -6.962  9.495   -15.262 1.00 69.18 ? 80   LEU A CB  1 
ATOM   411  C  CG  . LEU A 1 80  ? -6.801  10.664  -14.307 1.00 69.25 ? 80   LEU A CG  1 
ATOM   412  C  CD1 . LEU A 1 80  ? -5.453  10.669  -13.580 1.00 70.95 ? 80   LEU A CD1 1 
ATOM   413  C  CD2 . LEU A 1 80  ? -7.009  11.979  -15.051 1.00 68.88 ? 80   LEU A CD2 1 
ATOM   414  N  N   . ARG A 1 81  ? -6.734  7.150   -17.072 1.00 68.96 ? 81   ARG A N   1 
ATOM   415  C  CA  . ARG A 1 81  ? -7.043  5.987   -17.919 1.00 69.25 ? 81   ARG A CA  1 
ATOM   416  C  C   . ARG A 1 81  ? -6.066  4.797   -17.738 1.00 68.26 ? 81   ARG A C   1 
ATOM   417  O  O   . ARG A 1 81  ? -6.304  3.699   -18.245 1.00 68.71 ? 81   ARG A O   1 
ATOM   418  C  CB  . ARG A 1 81  ? -7.037  6.384   -19.410 1.00 69.78 ? 81   ARG A CB  1 
ATOM   419  C  CG  . ARG A 1 81  ? -8.327  7.026   -19.945 1.00 71.95 ? 81   ARG A CG  1 
ATOM   420  C  CD  . ARG A 1 81  ? -8.242  7.392   -21.438 1.00 74.26 ? 81   ARG A CD  1 
ATOM   421  N  NE  . ARG A 1 81  ? -9.409  8.185   -21.823 1.00 76.96 ? 81   ARG A NE  1 
ATOM   422  C  CZ  . ARG A 1 81  ? -10.416 7.736   -22.574 1.00 79.03 ? 81   ARG A CZ  1 
ATOM   423  N  NH1 . ARG A 1 81  ? -10.407 6.487   -23.065 1.00 80.40 ? 81   ARG A NH1 1 
ATOM   424  N  NH2 . ARG A 1 81  ? -11.447 8.535   -22.836 1.00 79.05 ? 81   ARG A NH2 1 
ATOM   425  N  N   . SER A 1 82  ? -4.945  5.025   -17.077 1.00 66.77 ? 82   SER A N   1 
ATOM   426  C  CA  . SER A 1 82  ? -4.171  3.919   -16.594 1.00 65.78 ? 82   SER A CA  1 
ATOM   427  C  C   . SER A 1 82  ? -4.741  3.445   -15.263 1.00 65.33 ? 82   SER A C   1 
ATOM   428  O  O   . SER A 1 82  ? -5.053  2.274   -15.120 1.00 64.36 ? 82   SER A O   1 
ATOM   429  C  CB  . SER A 1 82  ? -2.715  4.300   -16.471 1.00 65.90 ? 82   SER A CB  1 
ATOM   430  O  OG  . SER A 1 82  ? -1.999  3.145   -16.160 1.00 65.05 ? 82   SER A OG  1 
ATOM   431  N  N   . LEU A 1 83  ? -4.927  4.371   -14.318 1.00 64.94 ? 83   LEU A N   1 
ATOM   432  C  CA  . LEU A 1 83  ? -5.315  4.030   -12.944 1.00 64.59 ? 83   LEU A CA  1 
ATOM   433  C  C   . LEU A 1 83  ? -6.716  3.461   -12.839 1.00 63.80 ? 83   LEU A C   1 
ATOM   434  O  O   . LEU A 1 83  ? -7.086  2.918   -11.811 1.00 62.24 ? 83   LEU A O   1 
ATOM   435  C  CB  . LEU A 1 83  ? -5.278  5.279   -12.086 1.00 64.81 ? 83   LEU A CB  1 
ATOM   436  C  CG  . LEU A 1 83  ? -3.902  5.835   -11.709 1.00 65.92 ? 83   LEU A CG  1 
ATOM   437  C  CD1 . LEU A 1 83  ? -3.904  7.371   -11.701 1.00 65.80 ? 83   LEU A CD1 1 
ATOM   438  C  CD2 . LEU A 1 83  ? -3.480  5.308   -10.350 1.00 66.84 ? 83   LEU A CD2 1 
ATOM   439  N  N   . ARG A 1 84  ? -7.493  3.643   -13.904 1.00 63.88 ? 84   ARG A N   1 
ATOM   440  C  CA  . ARG A 1 84  ? -8.864  3.193   -13.953 1.00 63.92 ? 84   ARG A CA  1 
ATOM   441  C  C   . ARG A 1 84  ? -8.758  1.687   -14.062 1.00 63.27 ? 84   ARG A C   1 
ATOM   442  O  O   . ARG A 1 84  ? -9.208  0.983   -13.161 1.00 62.43 ? 84   ARG A O   1 
ATOM   443  C  CB  . ARG A 1 84  ? -9.644  3.837   -15.122 1.00 64.47 ? 84   ARG A CB  1 
ATOM   444  C  CG  . ARG A 1 84  ? -9.273  3.293   -16.541 1.00 68.25 ? 84   ARG A CG  1 
ATOM   445  C  CD  . ARG A 1 84  ? -10.097 3.843   -17.731 1.00 72.40 ? 84   ARG A CD  1 
ATOM   446  N  NE  . ARG A 1 84  ? -9.789  3.199   -19.032 1.00 75.09 ? 84   ARG A NE  1 
ATOM   447  C  CZ  . ARG A 1 84  ? -10.486 3.406   -20.174 1.00 77.65 ? 84   ARG A CZ  1 
ATOM   448  N  NH1 . ARG A 1 84  ? -11.541 4.241   -20.179 1.00 78.79 ? 84   ARG A NH1 1 
ATOM   449  N  NH2 . ARG A 1 84  ? -10.135 2.788   -21.312 1.00 76.39 ? 84   ARG A NH2 1 
ATOM   450  N  N   . ASN A 1 85  ? -8.075  1.181   -15.105 1.00 62.69 ? 85   ASN A N   1 
ATOM   451  C  CA  . ASN A 1 85  ? -7.968  -0.288  -15.300 1.00 61.89 ? 85   ASN A CA  1 
ATOM   452  C  C   . ASN A 1 85  ? -7.253  -1.001  -14.142 1.00 59.44 ? 85   ASN A C   1 
ATOM   453  O  O   . ASN A 1 85  ? -7.355  -2.249  -13.979 1.00 58.87 ? 85   ASN A O   1 
ATOM   454  C  CB  . ASN A 1 85  ? -7.340  -0.657  -16.646 1.00 62.19 ? 85   ASN A CB  1 
ATOM   455  C  CG  . ASN A 1 85  ? -5.870  -0.528  -16.642 1.00 65.44 ? 85   ASN A CG  1 
ATOM   456  O  OD1 . ASN A 1 85  ? -5.152  -1.287  -15.952 1.00 70.28 ? 85   ASN A OD1 1 
ATOM   457  N  ND2 . ASN A 1 85  ? -5.371  0.428   -17.435 1.00 68.26 ? 85   ASN A ND2 1 
ATOM   458  N  N   . LEU A 1 86  ? -6.588  -0.196  -13.308 1.00 56.84 ? 86   LEU A N   1 
ATOM   459  C  CA  . LEU A 1 86  ? -5.890  -0.721  -12.112 1.00 54.43 ? 86   LEU A CA  1 
ATOM   460  C  C   . LEU A 1 86  ? -6.791  -0.796  -10.859 1.00 51.28 ? 86   LEU A C   1 
ATOM   461  O  O   . LEU A 1 86  ? -6.523  -1.531  -9.916  1.00 50.12 ? 86   LEU A O   1 
ATOM   462  C  CB  . LEU A 1 86  ? -4.612  0.101   -11.904 1.00 55.11 ? 86   LEU A CB  1 
ATOM   463  C  CG  . LEU A 1 86  ? -3.762  0.073   -13.202 1.00 55.59 ? 86   LEU A CG  1 
ATOM   464  C  CD1 . LEU A 1 86  ? -2.820  1.268   -13.323 1.00 58.13 ? 86   LEU A CD1 1 
ATOM   465  C  CD2 . LEU A 1 86  ? -2.977  -1.266  -13.393 1.00 55.99 ? 86   LEU A CD2 1 
ATOM   466  N  N   . ARG A 1 87  ? -7.875  -0.034  -10.881 1.00 48.15 ? 87   ARG A N   1 
ATOM   467  C  CA  . ARG A 1 87  ? -8.953  -0.099  -9.886  1.00 45.92 ? 87   ARG A CA  1 
ATOM   468  C  C   . ARG A 1 87  ? -8.728  0.839   -8.728  1.00 43.25 ? 87   ARG A C   1 
ATOM   469  O  O   . ARG A 1 87  ? -9.245  0.679   -7.650  1.00 40.67 ? 87   ARG A O   1 
ATOM   470  C  CB  . ARG A 1 87  ? -9.281  -1.520  -9.443  1.00 47.34 ? 87   ARG A CB  1 
ATOM   471  C  CG  . ARG A 1 87  ? -9.797  -2.394  -10.580 1.00 50.03 ? 87   ARG A CG  1 
ATOM   472  C  CD  . ARG A 1 87  ? -10.446 -3.709  -10.110 1.00 54.49 ? 87   ARG A CD  1 
ATOM   473  N  NE  . ARG A 1 87  ? -11.598 -3.481  -9.218  1.00 53.49 ? 87   ARG A NE  1 
ATOM   474  C  CZ  . ARG A 1 87  ? -11.575 -3.657  -7.897  1.00 53.76 ? 87   ARG A CZ  1 
ATOM   475  N  NH1 . ARG A 1 87  ? -10.449 -4.070  -7.307  1.00 56.58 ? 87   ARG A NH1 1 
ATOM   476  N  NH2 . ARG A 1 87  ? -12.667 -3.438  -7.155  1.00 48.35 ? 87   ARG A NH2 1 
ATOM   477  N  N   . LEU A 1 88  ? -7.985  1.895   -9.034  1.00 41.78 ? 88   LEU A N   1 
ATOM   478  C  CA  . LEU A 1 88  ? -7.676  2.907   -8.074  1.00 39.98 ? 88   LEU A CA  1 
ATOM   479  C  C   . LEU A 1 88  ? -8.603  4.065   -8.252  1.00 38.64 ? 88   LEU A C   1 
ATOM   480  O  O   . LEU A 1 88  ? -9.020  4.675   -7.284  1.00 36.41 ? 88   LEU A O   1 
ATOM   481  C  CB  . LEU A 1 88  ? -6.244  3.343   -8.293  1.00 39.82 ? 88   LEU A CB  1 
ATOM   482  C  CG  . LEU A 1 88  ? -5.262  2.439   -7.575  1.00 40.26 ? 88   LEU A CG  1 
ATOM   483  C  CD1 . LEU A 1 88  ? -3.906  2.985   -7.864  1.00 44.43 ? 88   LEU A CD1 1 
ATOM   484  C  CD2 . LEU A 1 88  ? -5.526  2.406   -6.099  1.00 41.16 ? 88   LEU A CD2 1 
ATOM   485  N  N   . VAL A 1 89  ? -8.898  4.373   -9.499  1.00 38.41 ? 89   VAL A N   1 
ATOM   486  C  CA  . VAL A 1 89  ? -9.875  5.394   -9.800  1.00 39.87 ? 89   VAL A CA  1 
ATOM   487  C  C   . VAL A 1 89  ? -11.040 4.988   -10.703 1.00 40.72 ? 89   VAL A C   1 
ATOM   488  O  O   . VAL A 1 89  ? -10.923 4.107   -11.523 1.00 40.34 ? 89   VAL A O   1 
ATOM   489  C  CB  . VAL A 1 89  ? -9.211  6.563   -10.451 1.00 39.88 ? 89   VAL A CB  1 
ATOM   490  C  CG1 . VAL A 1 89  ? -8.191  7.157   -9.496  1.00 38.12 ? 89   VAL A CG1 1 
ATOM   491  C  CG2 . VAL A 1 89  ? -8.592  6.136   -11.850 1.00 40.97 ? 89   VAL A CG2 1 
ATOM   492  N  N   . SER A 1 90  ? -12.162 5.686   -10.559 1.00 43.68 ? 90   SER A N   1 
ATOM   493  C  CA  . SER A 1 90  ? -13.287 5.501   -11.448 1.00 45.35 ? 90   SER A CA  1 
ATOM   494  C  C   . SER A 1 90  ? -13.686 6.848   -12.080 1.00 47.21 ? 90   SER A C   1 
ATOM   495  O  O   . SER A 1 90  ? -13.326 7.871   -11.557 1.00 46.14 ? 90   SER A O   1 
ATOM   496  C  CB  . SER A 1 90  ? -14.449 4.875   -10.677 1.00 44.90 ? 90   SER A CB  1 
ATOM   497  O  OG  . SER A 1 90  ? -14.824 5.664   -9.568  1.00 45.59 ? 90   SER A OG  1 
ATOM   498  N  N   . TYR A 1 91  ? -14.477 6.793   -13.172 1.00 50.32 ? 91   TYR A N   1 
ATOM   499  C  CA  . TYR A 1 91  ? -14.970 7.975   -13.928 1.00 52.38 ? 91   TYR A CA  1 
ATOM   500  C  C   . TYR A 1 91  ? -16.386 7.901   -14.495 1.00 52.45 ? 91   TYR A C   1 
ATOM   501  O  O   . TYR A 1 91  ? -16.849 6.837   -14.865 1.00 50.45 ? 91   TYR A O   1 
ATOM   502  C  CB  . TYR A 1 91  ? -14.054 8.263   -15.109 1.00 53.66 ? 91   TYR A CB  1 
ATOM   503  C  CG  . TYR A 1 91  ? -14.233 7.369   -16.318 1.00 58.31 ? 91   TYR A CG  1 
ATOM   504  C  CD1 . TYR A 1 91  ? -13.563 6.139   -16.395 1.00 62.71 ? 91   TYR A CD1 1 
ATOM   505  C  CD2 . TYR A 1 91  ? -15.041 7.760   -17.403 1.00 62.95 ? 91   TYR A CD2 1 
ATOM   506  C  CE1 . TYR A 1 91  ? -13.703 5.305   -17.497 1.00 64.18 ? 91   TYR A CE1 1 
ATOM   507  C  CE2 . TYR A 1 91  ? -15.184 6.936   -18.521 1.00 64.71 ? 91   TYR A CE2 1 
ATOM   508  C  CZ  . TYR A 1 91  ? -14.504 5.702   -18.561 1.00 66.63 ? 91   TYR A CZ  1 
ATOM   509  O  OH  . TYR A 1 91  ? -14.613 4.837   -19.662 1.00 71.50 ? 91   TYR A OH  1 
ATOM   510  N  N   . ARG A 1 92  ? -17.019 9.075   -14.585 1.00 53.87 ? 92   ARG A N   1 
ATOM   511  C  CA  . ARG A 1 92  ? -18.319 9.321   -15.255 1.00 55.03 ? 92   ARG A CA  1 
ATOM   512  C  C   . ARG A 1 92  ? -18.032 10.139  -16.546 1.00 55.81 ? 92   ARG A C   1 
ATOM   513  O  O   . ARG A 1 92  ? -17.020 10.796  -16.728 1.00 56.97 ? 92   ARG A O   1 
ATOM   514  C  CB  . ARG A 1 92  ? -19.314 10.124  -14.355 1.00 54.54 ? 92   ARG A CB  1 
ATOM   515  C  CG  . ARG A 1 92  ? -19.101 10.023  -12.844 1.00 55.82 ? 92   ARG A CG  1 
ATOM   516  C  CD  . ARG A 1 92  ? -20.172 10.665  -11.979 1.00 55.81 ? 92   ARG A CD  1 
ATOM   517  N  NE  . ARG A 1 92  ? -19.841 12.062  -11.710 1.00 57.63 ? 92   ARG A NE  1 
ATOM   518  C  CZ  . ARG A 1 92  ? -20.705 13.080  -11.538 1.00 58.92 ? 92   ARG A CZ  1 
ATOM   519  N  NH1 . ARG A 1 92  ? -22.006 12.884  -11.596 1.00 60.03 ? 92   ARG A NH1 1 
ATOM   520  N  NH2 . ARG A 1 92  ? -20.249 14.328  -11.320 1.00 59.62 ? 92   ARG A NH2 1 
ATOM   521  N  N   . HIS A 1 97  ? -16.500 16.610  -20.635 1.00 66.05 ? 97   HIS A N   1 
ATOM   522  C  CA  . HIS A 1 97  ? -15.421 16.018  -19.709 1.00 67.38 ? 97   HIS A CA  1 
ATOM   523  C  C   . HIS A 1 97  ? -15.960 14.952  -18.780 1.00 65.56 ? 97   HIS A C   1 
ATOM   524  O  O   . HIS A 1 97  ? -17.137 14.887  -18.386 1.00 65.92 ? 97   HIS A O   1 
ATOM   525  C  CB  . HIS A 1 97  ? -14.959 17.198  -18.693 1.00 68.24 ? 97   HIS A CB  1 
ATOM   526  C  CG  . HIS A 1 97  ? -15.862 18.358  -18.891 1.00 72.02 ? 97   HIS A CG  1 
ATOM   527  N  ND1 . HIS A 1 97  ? -15.129 19.454  -19.555 1.00 75.97 ? 97   HIS A ND1 1 
ATOM   528  C  CD2 . HIS A 1 97  ? -17.289 18.416  -18.837 1.00 74.00 ? 97   HIS A CD2 1 
ATOM   529  C  CE1 . HIS A 1 97  ? -16.166 20.219  -19.806 1.00 76.54 ? 97   HIS A CE1 1 
ATOM   530  N  NE2 . HIS A 1 97  ? -17.626 19.670  -19.352 1.00 76.71 ? 97   HIS A NE2 1 
ATOM   531  N  N   . VAL A 1 98  ? -14.942 14.308  -18.272 1.00 64.12 ? 98   VAL A N   1 
ATOM   532  C  CA  . VAL A 1 98  ? -14.999 13.185  -17.405 1.00 62.31 ? 98   VAL A CA  1 
ATOM   533  C  C   . VAL A 1 98  ? -14.821 13.701  -15.971 1.00 59.90 ? 98   VAL A C   1 
ATOM   534  O  O   . VAL A 1 98  ? -14.243 14.753  -15.741 1.00 60.00 ? 98   VAL A O   1 
ATOM   535  C  CB  . VAL A 1 98  ? -13.803 12.222  -17.850 1.00 62.77 ? 98   VAL A CB  1 
ATOM   536  C  CG1 . VAL A 1 98  ? -14.235 10.787  -17.849 1.00 62.50 ? 98   VAL A CG1 1 
ATOM   537  C  CG2 . VAL A 1 98  ? -13.264 12.601  -19.295 1.00 63.70 ? 98   VAL A CG2 1 
ATOM   538  N  N   . TYR A 1 99  ? -15.354 12.966  -15.009 1.00 56.99 ? 99   TYR A N   1 
ATOM   539  C  CA  . TYR A 1 99  ? -15.055 13.221  -13.629 1.00 54.91 ? 99   TYR A CA  1 
ATOM   540  C  C   . TYR A 1 99  ? -14.405 11.988  -13.026 1.00 52.26 ? 99   TYR A C   1 
ATOM   541  O  O   . TYR A 1 99  ? -14.831 10.851  -13.265 1.00 51.31 ? 99   TYR A O   1 
ATOM   542  C  CB  . TYR A 1 99  ? -16.277 13.650  -12.855 1.00 55.80 ? 99   TYR A CB  1 
ATOM   543  C  CG  . TYR A 1 99  ? -16.645 15.081  -13.162 1.00 59.37 ? 99   TYR A CG  1 
ATOM   544  C  CD1 . TYR A 1 99  ? -15.976 16.136  -12.561 1.00 61.27 ? 99   TYR A CD1 1 
ATOM   545  C  CD2 . TYR A 1 99  ? -17.643 15.380  -14.099 1.00 63.29 ? 99   TYR A CD2 1 
ATOM   546  C  CE1 . TYR A 1 99  ? -16.296 17.455  -12.867 1.00 62.30 ? 99   TYR A CE1 1 
ATOM   547  C  CE2 . TYR A 1 99  ? -17.984 16.709  -14.412 1.00 64.73 ? 99   TYR A CE2 1 
ATOM   548  C  CZ  . TYR A 1 99  ? -17.312 17.739  -13.810 1.00 65.12 ? 99   TYR A CZ  1 
ATOM   549  O  OH  . TYR A 1 99  ? -17.671 19.055  -14.152 1.00 68.99 ? 99   TYR A OH  1 
ATOM   550  N  N   . TYR A 1 100 ? -13.335 12.231  -12.263 1.00 48.11 ? 100  TYR A N   1 
ATOM   551  C  CA  . TYR A 1 100 ? -12.677 11.174  -11.519 1.00 44.32 ? 100  TYR A CA  1 
ATOM   552  C  C   . TYR A 1 100 ? -12.833 11.292  -10.038 1.00 41.62 ? 100  TYR A C   1 
ATOM   553  O  O   . TYR A 1 100 ? -12.831 12.383  -9.451  1.00 38.68 ? 100  TYR A O   1 
ATOM   554  C  CB  . TYR A 1 100 ? -11.194 11.092  -11.894 1.00 44.07 ? 100  TYR A CB  1 
ATOM   555  C  CG  . TYR A 1 100 ? -11.001 10.608  -13.272 1.00 41.21 ? 100  TYR A CG  1 
ATOM   556  C  CD1 . TYR A 1 100 ? -11.114 11.469  -14.349 1.00 40.69 ? 100  TYR A CD1 1 
ATOM   557  C  CD2 . TYR A 1 100 ? -10.720 9.272   -13.515 1.00 42.71 ? 100  TYR A CD2 1 
ATOM   558  C  CE1 . TYR A 1 100 ? -10.914 10.996  -15.678 1.00 40.93 ? 100  TYR A CE1 1 
ATOM   559  C  CE2 . TYR A 1 100 ? -10.511 8.766   -14.809 1.00 42.02 ? 100  TYR A CE2 1 
ATOM   560  C  CZ  . TYR A 1 100 ? -10.615 9.631   -15.902 1.00 44.26 ? 100  TYR A CZ  1 
ATOM   561  O  OH  . TYR A 1 100 ? -10.395 9.123   -17.187 1.00 44.63 ? 100  TYR A OH  1 
ATOM   562  N  N   . GLN A 1 101 ? -12.927 10.102  -9.457  1.00 40.04 ? 101  GLN A N   1 
ATOM   563  C  CA  . GLN A 1 101 ? -12.886 9.888   -8.009  1.00 39.27 ? 101  GLN A CA  1 
ATOM   564  C  C   . GLN A 1 101 ? -11.997 8.675   -7.647  1.00 37.70 ? 101  GLN A C   1 
ATOM   565  O  O   . GLN A 1 101 ? -11.660 7.808   -8.496  1.00 34.49 ? 101  GLN A O   1 
ATOM   566  C  CB  . GLN A 1 101 ? -14.279 9.601   -7.503  1.00 39.49 ? 101  GLN A CB  1 
ATOM   567  C  CG  . GLN A 1 101 ? -14.839 8.290   -8.103  1.00 42.27 ? 101  GLN A CG  1 
ATOM   568  C  CD  . GLN A 1 101 ? -16.172 7.789   -7.431  1.00 46.63 ? 101  GLN A CD  1 
ATOM   569  O  OE1 . GLN A 1 101 ? -16.398 6.520   -7.295  1.00 37.79 ? 101  GLN A OE1 1 
ATOM   570  N  NE2 . GLN A 1 101 ? -17.044 8.786   -7.005  1.00 46.33 ? 101  GLN A NE2 1 
ATOM   571  N  N   . LEU A 1 102 ? -11.659 8.595   -6.363  1.00 37.07 ? 102  LEU A N   1 
ATOM   572  C  CA  . LEU A 1 102 ? -11.141 7.350   -5.783  1.00 36.11 ? 102  LEU A CA  1 
ATOM   573  C  C   . LEU A 1 102 ? -12.264 6.283   -5.933  1.00 36.26 ? 102  LEU A C   1 
ATOM   574  O  O   . LEU A 1 102 ? -13.404 6.564   -5.643  1.00 34.26 ? 102  LEU A O   1 
ATOM   575  C  CB  . LEU A 1 102 ? -10.666 7.597   -4.300  1.00 36.22 ? 102  LEU A CB  1 
ATOM   576  C  CG  . LEU A 1 102 ? -9.403  8.554   -4.179  1.00 34.37 ? 102  LEU A CG  1 
ATOM   577  C  CD1 . LEU A 1 102 ? -8.819  8.641   -2.826  1.00 32.12 ? 102  LEU A CD1 1 
ATOM   578  C  CD2 . LEU A 1 102 ? -8.292  8.110   -5.167  1.00 30.49 ? 102  LEU A CD2 1 
ATOM   579  N  N   . GLN A 1 103 ? -11.903 5.094   -6.437  1.00 36.93 ? 103  GLN A N   1 
ATOM   580  C  CA  . GLN A 1 103 ? -12.823 4.024   -6.815  1.00 38.45 ? 103  GLN A CA  1 
ATOM   581  C  C   . GLN A 1 103 ? -13.898 3.765   -5.748  1.00 38.00 ? 103  GLN A C   1 
ATOM   582  O  O   . GLN A 1 103 ? -15.063 3.678   -6.063  1.00 38.43 ? 103  GLN A O   1 
ATOM   583  C  CB  . GLN A 1 103 ? -12.013 2.744   -7.067  1.00 38.82 ? 103  GLN A CB  1 
ATOM   584  C  CG  . GLN A 1 103 ? -12.564 1.736   -8.064  1.00 43.16 ? 103  GLN A CG  1 
ATOM   585  C  CD  . GLN A 1 103 ? -13.839 1.098   -7.631  1.00 50.21 ? 103  GLN A CD  1 
ATOM   586  O  OE1 . GLN A 1 103 ? -13.884 0.363   -6.650  1.00 53.36 ? 103  GLN A OE1 1 
ATOM   587  N  NE2 . GLN A 1 103 ? -14.907 1.395   -8.356  1.00 57.15 ? 103  GLN A NE2 1 
ATOM   588  N  N   . ASP A 1 104 ? -13.479 3.678   -4.485  1.00 37.58 ? 104  ASP A N   1 
ATOM   589  C  CA  . ASP A 1 104 ? -14.360 3.395   -3.356  1.00 37.51 ? 104  ASP A CA  1 
ATOM   590  C  C   . ASP A 1 104 ? -13.654 3.584   -2.081  1.00 37.04 ? 104  ASP A C   1 
ATOM   591  O  O   . ASP A 1 104 ? -12.489 3.968   -2.085  1.00 37.74 ? 104  ASP A O   1 
ATOM   592  C  CB  . ASP A 1 104 ? -14.896 1.969   -3.385  1.00 38.11 ? 104  ASP A CB  1 
ATOM   593  C  CG  . ASP A 1 104 ? -13.787 0.887   -3.446  1.00 40.22 ? 104  ASP A CG  1 
ATOM   594  O  OD1 . ASP A 1 104 ? -12.669 0.955   -2.825  1.00 40.83 ? 104  ASP A OD1 1 
ATOM   595  O  OD2 . ASP A 1 104 ? -14.035 -0.122  -4.094  1.00 41.11 ? 104  ASP A OD2 1 
ATOM   596  N  N   . HIS A 1 105 ? -14.397 3.354   -1.001  1.00 36.42 ? 105  HIS A N   1 
ATOM   597  C  CA  . HIS A 1 105 ? -13.952 3.485   0.382   1.00 36.55 ? 105  HIS A CA  1 
ATOM   598  C  C   . HIS A 1 105 ? -12.604 2.705   0.705   1.00 34.93 ? 105  HIS A C   1 
ATOM   599  O  O   . HIS A 1 105 ? -11.835 3.190   1.504   1.00 36.12 ? 105  HIS A O   1 
ATOM   600  C  CB  . HIS A 1 105 ? -15.116 3.110   1.365   1.00 35.85 ? 105  HIS A CB  1 
ATOM   601  C  CG  . HIS A 1 105 ? -15.348 1.631   1.451   1.00 40.67 ? 105  HIS A CG  1 
ATOM   602  N  ND1 . HIS A 1 105 ? -15.731 0.889   0.355   1.00 44.10 ? 105  HIS A ND1 1 
ATOM   603  C  CD2 . HIS A 1 105 ? -15.162 0.741   2.468   1.00 41.01 ? 105  HIS A CD2 1 
ATOM   604  C  CE1 . HIS A 1 105 ? -15.793 -0.393  0.701   1.00 46.27 ? 105  HIS A CE1 1 
ATOM   605  N  NE2 . HIS A 1 105 ? -15.449 -0.506  1.974   1.00 40.29 ? 105  HIS A NE2 1 
ATOM   606  N  N   . HIS A 1 106 ? -12.269 1.601   0.034   1.00 33.60 ? 106  HIS A N   1 
ATOM   607  C  CA  . HIS A 1 106 ? -10.969 0.907   0.308   1.00 31.82 ? 106  HIS A CA  1 
ATOM   608  C  C   . HIS A 1 106 ? -9.803  1.745   -0.131  1.00 31.02 ? 106  HIS A C   1 
ATOM   609  O  O   . HIS A 1 106 ? -8.801  1.917   0.605   1.00 28.93 ? 106  HIS A O   1 
ATOM   610  C  CB  . HIS A 1 106 ? -10.848 -0.412  -0.435  1.00 31.15 ? 106  HIS A CB  1 
ATOM   611  C  CG  . HIS A 1 106 ? -11.859 -1.409  -0.020  1.00 30.12 ? 106  HIS A CG  1 
ATOM   612  N  ND1 . HIS A 1 106 ? -12.717 -2.015  -0.896  1.00 28.26 ? 106  HIS A ND1 1 
ATOM   613  C  CD2 . HIS A 1 106 ? -12.173 -1.878  1.206   1.00 32.06 ? 106  HIS A CD2 1 
ATOM   614  C  CE1 . HIS A 1 106 ? -13.507 -2.832  -0.230  1.00 32.31 ? 106  HIS A CE1 1 
ATOM   615  N  NE2 . HIS A 1 106 ? -13.186 -2.779  1.048   1.00 27.95 ? 106  HIS A NE2 1 
ATOM   616  N  N   . ILE A 1 107 ? -9.935  2.254   -1.353  1.00 30.01 ? 107  ILE A N   1 
ATOM   617  C  CA  . ILE A 1 107 ? -8.975  3.224   -1.842  1.00 30.05 ? 107  ILE A CA  1 
ATOM   618  C  C   . ILE A 1 107 ? -8.810  4.462   -0.958  1.00 30.07 ? 107  ILE A C   1 
ATOM   619  O  O   . ILE A 1 107 ? -7.652  4.887   -0.673  1.00 30.50 ? 107  ILE A O   1 
ATOM   620  C  CB  . ILE A 1 107 ? -9.300  3.656   -3.278  1.00 30.06 ? 107  ILE A CB  1 
ATOM   621  C  CG1 . ILE A 1 107 ? -9.443  2.445   -4.169  1.00 29.28 ? 107  ILE A CG1 1 
ATOM   622  C  CG2 . ILE A 1 107 ? -8.155  4.528   -3.872  1.00 28.15 ? 107  ILE A CG2 1 
ATOM   623  C  CD1 . ILE A 1 107 ? -8.481  1.358   -3.822  1.00 29.80 ? 107  ILE A CD1 1 
ATOM   624  N  N   . VAL A 1 108 ? -9.910  5.040   -0.491  1.00 30.29 ? 108  VAL A N   1 
ATOM   625  C  CA  . VAL A 1 108 ? -9.811  6.250   0.353   1.00 31.93 ? 108  VAL A CA  1 
ATOM   626  C  C   . VAL A 1 108 ? -9.001  5.897   1.628   1.00 31.72 ? 108  VAL A C   1 
ATOM   627  O  O   . VAL A 1 108 ? -8.072  6.635   2.019   1.00 32.08 ? 108  VAL A O   1 
ATOM   628  C  CB  . VAL A 1 108 ? -11.225 6.823   0.755   1.00 32.66 ? 108  VAL A CB  1 
ATOM   629  C  CG1 . VAL A 1 108 ? -11.163 7.756   1.905   1.00 36.24 ? 108  VAL A CG1 1 
ATOM   630  C  CG2 . VAL A 1 108 ? -11.888 7.555   -0.425  1.00 35.43 ? 108  VAL A CG2 1 
ATOM   631  N  N   . ALA A 1 109 ? -9.364  4.758   2.240   1.00 31.19 ? 109  ALA A N   1 
ATOM   632  C  CA  . ALA A 1 109 ? -8.888  4.329   3.582   1.00 30.82 ? 109  ALA A CA  1 
ATOM   633  C  C   . ALA A 1 109 ? -7.390  4.045   3.489   1.00 32.09 ? 109  ALA A C   1 
ATOM   634  O  O   . ALA A 1 109 ? -6.621  4.454   4.321   1.00 34.03 ? 109  ALA A O   1 
ATOM   635  C  CB  . ALA A 1 109 ? -9.588  3.106   3.947   1.00 30.61 ? 109  ALA A CB  1 
ATOM   636  N  N   . LEU A 1 110 ? -7.038  3.378   2.405   1.00 31.64 ? 110  LEU A N   1 
ATOM   637  C  CA  . LEU A 1 110 ? -5.706  2.948   2.028   1.00 32.26 ? 110  LEU A CA  1 
ATOM   638  C  C   . LEU A 1 110 ? -4.798  4.166   1.788   1.00 30.78 ? 110  LEU A C   1 
ATOM   639  O  O   . LEU A 1 110 ? -3.715  4.274   2.332   1.00 29.49 ? 110  LEU A O   1 
ATOM   640  C  CB  . LEU A 1 110 ? -5.863  2.159   0.696   1.00 32.41 ? 110  LEU A CB  1 
ATOM   641  C  CG  . LEU A 1 110 ? -4.617  1.611   0.074   1.00 36.12 ? 110  LEU A CG  1 
ATOM   642  C  CD1 . LEU A 1 110 ? -4.481  0.139   0.433   1.00 38.96 ? 110  LEU A CD1 1 
ATOM   643  C  CD2 . LEU A 1 110 ? -4.612  1.765   -1.387  1.00 38.27 ? 110  LEU A CD2 1 
ATOM   644  N  N   . TYR A 1 111 ? -5.223  5.061   0.920   1.00 27.25 ? 111  TYR A N   1 
ATOM   645  C  CA  . TYR A 1 111 ? -4.464  6.282   0.792   1.00 26.80 ? 111  TYR A CA  1 
ATOM   646  C  C   . TYR A 1 111 ? -4.256  7.098   2.099   1.00 26.41 ? 111  TYR A C   1 
ATOM   647  O  O   . TYR A 1 111 ? -3.151  7.632   2.366   1.00 28.68 ? 111  TYR A O   1 
ATOM   648  C  CB  . TYR A 1 111 ? -5.011  7.161   -0.363  1.00 25.21 ? 111  TYR A CB  1 
ATOM   649  C  CG  . TYR A 1 111 ? -4.329  8.463   -0.430  1.00 25.95 ? 111  TYR A CG  1 
ATOM   650  C  CD1 . TYR A 1 111 ? -3.210  8.631   -1.275  1.00 29.06 ? 111  TYR A CD1 1 
ATOM   651  C  CD2 . TYR A 1 111 ? -4.714  9.507   0.394   1.00 23.70 ? 111  TYR A CD2 1 
ATOM   652  C  CE1 . TYR A 1 111 ? -2.521  9.820   -1.319  1.00 31.62 ? 111  TYR A CE1 1 
ATOM   653  C  CE2 . TYR A 1 111 ? -4.071  10.733  0.327   1.00 31.40 ? 111  TYR A CE2 1 
ATOM   654  C  CZ  . TYR A 1 111 ? -2.945  10.868  -0.527  1.00 32.14 ? 111  TYR A CZ  1 
ATOM   655  O  OH  . TYR A 1 111 ? -2.220  11.994  -0.630  1.00 33.53 ? 111  TYR A OH  1 
ATOM   656  N  N   . GLN A 1 112 ? -5.284  7.260   2.878   1.00 26.09 ? 112  GLN A N   1 
ATOM   657  C  CA  . GLN A 1 112 ? -5.217  8.086   4.101   1.00 25.74 ? 112  GLN A CA  1 
ATOM   658  C  C   . GLN A 1 112 ? -4.364  7.480   5.229   1.00 23.99 ? 112  GLN A C   1 
ATOM   659  O  O   . GLN A 1 112 ? -3.526  8.136   5.884   1.00 23.15 ? 112  GLN A O   1 
ATOM   660  C  CB  . GLN A 1 112 ? -6.642  8.347   4.576   1.00 25.93 ? 112  GLN A CB  1 
ATOM   661  C  CG  . GLN A 1 112 ? -6.757  9.613   5.374   1.00 31.82 ? 112  GLN A CG  1 
ATOM   662  C  CD  . GLN A 1 112 ? -6.074  10.770  4.652   1.00 34.93 ? 112  GLN A CD  1 
ATOM   663  O  OE1 . GLN A 1 112 ? -4.936  11.172  5.026   1.00 30.52 ? 112  GLN A OE1 1 
ATOM   664  N  NE2 . GLN A 1 112 ? -6.723  11.244  3.538   1.00 37.43 ? 112  GLN A NE2 1 
ATOM   665  N  N   . ASN A 1 113 ? -4.530  6.189   5.418   1.00 23.40 ? 113  ASN A N   1 
ATOM   666  C  CA  . ASN A 1 113 ? -3.759  5.478   6.426   1.00 23.58 ? 113  ASN A CA  1 
ATOM   667  C  C   . ASN A 1 113 ? -2.265  5.495   6.101   1.00 24.02 ? 113  ASN A C   1 
ATOM   668  O  O   . ASN A 1 113 ? -1.430  5.775   6.967   1.00 23.88 ? 113  ASN A O   1 
ATOM   669  C  CB  . ASN A 1 113 ? -4.301  4.040   6.508   1.00 24.26 ? 113  ASN A CB  1 
ATOM   670  C  CG  . ASN A 1 113 ? -5.536  3.970   7.453   1.00 24.95 ? 113  ASN A CG  1 
ATOM   671  O  OD1 . ASN A 1 113 ? -5.384  3.809   8.662   1.00 29.65 ? 113  ASN A OD1 1 
ATOM   672  N  ND2 . ASN A 1 113 ? -6.715  4.196   6.905   1.00 25.60 ? 113  ASN A ND2 1 
ATOM   673  N  N   . ALA A 1 114 ? -1.953  5.268   4.821   1.00 21.47 ? 114  ALA A N   1 
ATOM   674  C  CA  . ALA A 1 114 ? -0.598  5.317   4.380   1.00 22.13 ? 114  ALA A CA  1 
ATOM   675  C  C   . ALA A 1 114 ? 0.013   6.666   4.631   1.00 19.44 ? 114  ALA A C   1 
ATOM   676  O  O   . ALA A 1 114 ? 1.103   6.784   5.208   1.00 20.27 ? 114  ALA A O   1 
ATOM   677  C  CB  . ALA A 1 114 ? -0.474  4.909   2.871   1.00 21.52 ? 114  ALA A CB  1 
ATOM   678  N  N   . LEU A 1 115 ? -0.692  7.663   4.216   1.00 19.50 ? 115  LEU A N   1 
ATOM   679  C  CA  . LEU A 1 115 ? -0.184  9.037   4.314   1.00 20.30 ? 115  LEU A CA  1 
ATOM   680  C  C   . LEU A 1 115 ? -0.179  9.541   5.775   1.00 21.19 ? 115  LEU A C   1 
ATOM   681  O  O   . LEU A 1 115 ? 0.834   10.096  6.196   1.00 20.76 ? 115  LEU A O   1 
ATOM   682  C  CB  . LEU A 1 115 ? -0.977  9.971   3.434   1.00 19.40 ? 115  LEU A CB  1 
ATOM   683  C  CG  . LEU A 1 115 ? -0.517  11.443  3.637   1.00 24.25 ? 115  LEU A CG  1 
ATOM   684  C  CD1 . LEU A 1 115 ? 0.876   11.717  3.146   1.00 26.95 ? 115  LEU A CD1 1 
ATOM   685  C  CD2 . LEU A 1 115 ? -1.397  12.381  3.047   1.00 26.07 ? 115  LEU A CD2 1 
ATOM   686  N  N   . ASP A 1 116 ? -1.224  9.252   6.576   1.00 22.21 ? 116  ASP A N   1 
ATOM   687  C  CA  . ASP A 1 116 ? -1.110  9.536   8.058   1.00 24.90 ? 116  ASP A CA  1 
ATOM   688  C  C   . ASP A 1 116 ? 0.040   8.779   8.750   1.00 24.85 ? 116  ASP A C   1 
ATOM   689  O  O   . ASP A 1 116 ? 0.811   9.361   9.496   1.00 24.37 ? 116  ASP A O   1 
ATOM   690  C  CB  . ASP A 1 116 ? -2.381  9.214   8.790   1.00 25.93 ? 116  ASP A CB  1 
ATOM   691  C  CG  . ASP A 1 116 ? -3.553  10.082  8.331   1.00 31.53 ? 116  ASP A CG  1 
ATOM   692  O  OD1 . ASP A 1 116 ? -3.504  10.676  7.239   1.00 36.87 ? 116  ASP A OD1 1 
ATOM   693  O  OD2 . ASP A 1 116 ? -4.577  10.237  9.018   1.00 44.42 ? 116  ASP A OD2 1 
ATOM   694  N  N   . HIS A 1 117 ? 0.209   7.484   8.443   1.00 24.72 ? 117  HIS A N   1 
ATOM   695  C  CA  . HIS A 1 117 ? 1.307   6.732   9.099   1.00 25.45 ? 117  HIS A CA  1 
ATOM   696  C  C   . HIS A 1 117 ? 2.682   7.350   8.734   1.00 24.27 ? 117  HIS A C   1 
ATOM   697  O  O   . HIS A 1 117 ? 3.510   7.548   9.597   1.00 23.16 ? 117  HIS A O   1 
ATOM   698  C  CB  . HIS A 1 117 ? 1.168   5.208   8.771   1.00 25.48 ? 117  HIS A CB  1 
ATOM   699  C  CG  . HIS A 1 117 ? 2.114   4.335   9.491   1.00 24.24 ? 117  HIS A CG  1 
ATOM   700  N  ND1 . HIS A 1 117 ? 2.193   4.267   10.835  1.00 28.73 ? 117  HIS A ND1 1 
ATOM   701  C  CD2 . HIS A 1 117 ? 2.849   3.296   9.064   1.00 27.56 ? 117  HIS A CD2 1 
ATOM   702  C  CE1 . HIS A 1 117 ? 3.099   3.389   11.208  1.00 29.94 ? 117  HIS A CE1 1 
ATOM   703  N  NE2 . HIS A 1 117 ? 3.559   2.825   10.133  1.00 26.20 ? 117  HIS A NE2 1 
ATOM   704  N  N   . LEU A 1 118 ? 2.882   7.707   7.476   1.00 25.33 ? 118  LEU A N   1 
ATOM   705  C  CA  . LEU A 1 118 ? 4.158   8.319   7.036   1.00 28.46 ? 118  LEU A CA  1 
ATOM   706  C  C   . LEU A 1 118 ? 4.384   9.657   7.709   1.00 30.46 ? 118  LEU A C   1 
ATOM   707  O  O   . LEU A 1 118 ? 5.503   10.082  7.978   1.00 31.16 ? 118  LEU A O   1 
ATOM   708  C  CB  . LEU A 1 118 ? 4.143   8.523   5.538   1.00 28.25 ? 118  LEU A CB  1 
ATOM   709  C  CG  . LEU A 1 118 ? 5.353   9.162   4.839   1.00 33.29 ? 118  LEU A CG  1 
ATOM   710  C  CD1 . LEU A 1 118 ? 6.478   8.113   4.709   1.00 35.70 ? 118  LEU A CD1 1 
ATOM   711  C  CD2 . LEU A 1 118 ? 4.958   9.787   3.461   1.00 32.68 ? 118  LEU A CD2 1 
ATOM   712  N  N   . GLN A 1 119 ? 3.297   10.289  8.062   1.00 32.97 ? 119  GLN A N   1 
ATOM   713  C  CA  . GLN A 1 119 ? 3.364   11.608  8.672   1.00 35.68 ? 119  GLN A CA  1 
ATOM   714  C  C   . GLN A 1 119 ? 3.826   11.565  10.119  1.00 35.13 ? 119  GLN A C   1 
ATOM   715  O  O   . GLN A 1 119 ? 4.369   12.488  10.579  1.00 30.97 ? 119  GLN A O   1 
ATOM   716  C  CB  . GLN A 1 119 ? 1.973   12.268  8.557   1.00 36.91 ? 119  GLN A CB  1 
ATOM   717  C  CG  . GLN A 1 119 ? 1.920   13.536  7.664   1.00 42.02 ? 119  GLN A CG  1 
ATOM   718  C  CD  . GLN A 1 119 ? 2.492   13.391  6.262   1.00 43.83 ? 119  GLN A CD  1 
ATOM   719  O  OE1 . GLN A 1 119 ? 2.576   14.364  5.531   1.00 49.42 ? 119  GLN A OE1 1 
ATOM   720  N  NE2 . GLN A 1 119 ? 2.845   12.189  5.877   1.00 44.76 ? 119  GLN A NE2 1 
ATOM   721  N  N   . GLU A 1 120 ? 3.565   10.473  10.815  1.00 38.18 ? 120  GLU A N   1 
ATOM   722  C  CA  . GLU A 1 120 ? 4.009   10.260  12.197  1.00 40.08 ? 120  GLU A CA  1 
ATOM   723  C  C   . GLU A 1 120 ? 5.492   10.526  12.298  1.00 44.11 ? 120  GLU A C   1 
ATOM   724  O  O   . GLU A 1 120 ? 5.954   10.982  13.305  1.00 45.62 ? 120  GLU A O   1 
ATOM   725  C  CB  . GLU A 1 120 ? 3.796   8.801   12.613  1.00 39.03 ? 120  GLU A CB  1 
ATOM   726  C  CG  . GLU A 1 120 ? 2.425   8.448   13.043  1.00 35.39 ? 120  GLU A CG  1 
ATOM   727  C  CD  . GLU A 1 120 ? 2.154   6.962   12.829  1.00 31.87 ? 120  GLU A CD  1 
ATOM   728  O  OE1 . GLU A 1 120 ? 3.106   6.139   12.791  1.00 31.14 ? 120  GLU A OE1 1 
ATOM   729  O  OE2 . GLU A 1 120 ? 0.973   6.637   12.641  1.00 24.67 ? 120  GLU A OE2 1 
ATOM   730  N  N   . SER A 1 121 ? 6.238   10.164  11.264  1.00 48.67 ? 121  SER A N   1 
ATOM   731  C  CA  . SER A 1 121 ? 7.636   10.531  11.141  1.00 52.95 ? 121  SER A CA  1 
ATOM   732  C  C   . SER A 1 121 ? 8.517   9.994   12.306  1.00 56.03 ? 121  SER A C   1 
ATOM   733  O  O   . SER A 1 121 ? 8.132   9.112   13.143  1.00 58.39 ? 121  SER A O   1 
ATOM   734  C  CB  . SER A 1 121 ? 7.833   12.107  10.909  1.00 53.05 ? 121  SER A CB  1 
ATOM   735  N  N   . GLN B 1 26  ? -4.960  20.730  -3.552  1.00 54.52 ? 26   GLN B N   1 
ATOM   736  C  CA  . GLN B 1 26  ? -3.548  20.685  -2.952  1.00 53.39 ? 26   GLN B CA  1 
ATOM   737  C  C   . GLN B 1 26  ? -2.546  19.952  -3.836  1.00 49.85 ? 26   GLN B C   1 
ATOM   738  O  O   . GLN B 1 26  ? -1.916  20.521  -4.721  1.00 51.52 ? 26   GLN B O   1 
ATOM   739  C  CB  . GLN B 1 26  ? -3.547  19.962  -1.608  1.00 54.34 ? 26   GLN B CB  1 
ATOM   740  C  CG  . GLN B 1 26  ? -2.117  19.940  -1.015  1.00 57.48 ? 26   GLN B CG  1 
ATOM   741  C  CD  . GLN B 1 26  ? -1.991  19.281  0.362   1.00 57.63 ? 26   GLN B CD  1 
ATOM   742  O  OE1 . GLN B 1 26  ? -2.806  19.542  1.244   1.00 62.89 ? 26   GLN B OE1 1 
ATOM   743  N  NE2 . GLN B 1 26  ? -0.931  18.502  0.566   1.00 55.56 ? 26   GLN B NE2 1 
ATOM   744  N  N   . ALA B 1 27  ? -2.500  18.657  -3.650  0.88 45.94 ? 27   ALA B N   1 
ATOM   745  C  CA  . ALA B 1 27  ? -1.426  17.786  -4.153  0.88 42.83 ? 27   ALA B CA  1 
ATOM   746  C  C   . ALA B 1 27  ? -0.190  17.856  -3.232  0.88 40.05 ? 27   ALA B C   1 
ATOM   747  O  O   . ALA B 1 27  ? 0.477   18.923  -3.022  0.88 39.71 ? 27   ALA B O   1 
ATOM   748  C  CB  . ALA B 1 27  ? -1.099  17.997  -5.581  0.88 41.80 ? 27   ALA B CB  1 
ATOM   749  N  N   . ILE B 1 28  ? 0.066   16.696  -2.667  0.85 35.29 ? 28   ILE B N   1 
ATOM   750  C  CA  . ILE B 1 28  ? 1.205   16.520  -1.858  0.85 33.20 ? 28   ILE B CA  1 
ATOM   751  C  C   . ILE B 1 28  ? 2.495   16.910  -2.558  0.85 31.03 ? 28   ILE B C   1 
ATOM   752  O  O   . ILE B 1 28  ? 2.630   16.853  -3.759  0.85 29.88 ? 28   ILE B O   1 
ATOM   753  C  CB  . ILE B 1 28  ? 1.252   15.102  -1.319  0.85 32.37 ? 28   ILE B CB  1 
ATOM   754  C  CG1 . ILE B 1 28  ? 1.233   14.073  -2.486  0.85 31.69 ? 28   ILE B CG1 1 
ATOM   755  C  CG2 . ILE B 1 28  ? 0.119   14.947  -0.301  0.85 31.43 ? 28   ILE B CG2 1 
ATOM   756  C  CD1 . ILE B 1 28  ? 1.455   12.623  -2.052  0.85 31.72 ? 28   ILE B CD1 1 
ATOM   757  N  N   . ALA B 1 29  ? 3.440   17.294  -1.744  1.00 29.45 ? 29   ALA B N   1 
ATOM   758  C  CA  . ALA B 1 29  ? 4.701   17.802  -2.239  1.00 28.90 ? 29   ALA B CA  1 
ATOM   759  C  C   . ALA B 1 29  ? 5.386   16.670  -2.879  1.00 27.65 ? 29   ALA B C   1 
ATOM   760  O  O   . ALA B 1 29  ? 5.205   15.514  -2.501  1.00 26.86 ? 29   ALA B O   1 
ATOM   761  C  CB  . ALA B 1 29  ? 5.512   18.328  -1.136  1.00 28.55 ? 29   ALA B CB  1 
ATOM   762  N  N   . PRO B 1 30  ? 6.178   17.007  -3.861  0.82 27.44 ? 30   PRO B N   1 
ATOM   763  C  CA  . PRO B 1 30  ? 7.002   16.023  -4.561  0.82 26.45 ? 30   PRO B CA  1 
ATOM   764  C  C   . PRO B 1 30  ? 7.817   15.089  -3.598  0.82 26.88 ? 30   PRO B C   1 
ATOM   765  O  O   . PRO B 1 30  ? 7.911   13.902  -3.855  0.82 24.30 ? 30   PRO B O   1 
ATOM   766  C  CB  . PRO B 1 30  ? 7.903   16.904  -5.368  0.82 27.04 ? 30   PRO B CB  1 
ATOM   767  C  CG  . PRO B 1 30  ? 7.040   18.209  -5.587  0.82 29.51 ? 30   PRO B CG  1 
ATOM   768  C  CD  . PRO B 1 30  ? 6.304   18.386  -4.378  0.82 27.73 ? 30   PRO B CD  1 
ATOM   769  N  N   . GLU B 1 31  ? 8.409   15.665  -2.547  1.00 27.79 ? 31   GLU B N   1 
ATOM   770  C  CA  . GLU B 1 31  ? 9.264   14.986  -1.564  1.00 28.67 ? 31   GLU B CA  1 
ATOM   771  C  C   . GLU B 1 31  ? 8.424   13.991  -0.796  1.00 25.70 ? 31   GLU B C   1 
ATOM   772  O  O   . GLU B 1 31  ? 8.841   12.904  -0.526  1.00 25.46 ? 31   GLU B O   1 
ATOM   773  C  CB  . GLU B 1 31  ? 9.810   15.939  -0.440  1.00 30.50 ? 31   GLU B CB  1 
ATOM   774  C  CG  . GLU B 1 31  ? 10.184  17.327  -0.740  1.00 36.38 ? 31   GLU B CG  1 
ATOM   775  C  CD  . GLU B 1 31  ? 9.030   18.310  -0.903  1.00 38.84 ? 31   GLU B CD  1 
ATOM   776  O  OE1 . GLU B 1 31  ? 8.508   18.963  0.046   1.00 41.92 ? 31   GLU B OE1 1 
ATOM   777  O  OE2 . GLU B 1 31  ? 8.770   18.518  -2.065  1.00 38.99 ? 31   GLU B OE2 1 
ATOM   778  N  N   . VAL B 1 32  ? 7.251   14.436  -0.394  1.00 26.00 ? 32   VAL B N   1 
ATOM   779  C  CA  . VAL B 1 32  ? 6.301   13.615  0.349   1.00 25.36 ? 32   VAL B CA  1 
ATOM   780  C  C   . VAL B 1 32  ? 5.831   12.469  -0.567  1.00 23.32 ? 32   VAL B C   1 
ATOM   781  O  O   . VAL B 1 32  ? 5.810   11.330  -0.152  1.00 25.41 ? 32   VAL B O   1 
ATOM   782  C  CB  . VAL B 1 32  ? 5.171   14.550  0.958   1.00 26.08 ? 32   VAL B CB  1 
ATOM   783  C  CG1 . VAL B 1 32  ? 4.059   13.742  1.639   1.00 30.56 ? 32   VAL B CG1 1 
ATOM   784  C  CG2 . VAL B 1 32  ? 5.765   15.426  1.996   1.00 24.97 ? 32   VAL B CG2 1 
ATOM   785  N  N   . ALA B 1 33  ? 5.597   12.738  -1.839  0.84 21.95 ? 33   ALA B N   1 
ATOM   786  C  CA  . ALA B 1 33  ? 5.129   11.692  -2.795  0.84 21.17 ? 33   ALA B CA  1 
ATOM   787  C  C   . ALA B 1 33  ? 6.159   10.589  -3.043  0.84 20.73 ? 33   ALA B C   1 
ATOM   788  O  O   . ALA B 1 33  ? 5.880   9.427   -3.192  0.84 19.30 ? 33   ALA B O   1 
ATOM   789  C  CB  . ALA B 1 33  ? 4.753   12.319  -4.090  0.84 19.75 ? 33   ALA B CB  1 
ATOM   790  N  N   . GLN B 1 34  ? 7.390   11.020  -3.112  1.00 21.72 ? 34   GLN B N   1 
ATOM   791  C  CA  . GLN B 1 34  ? 8.483   10.154  -3.193  1.00 19.61 ? 34   GLN B CA  1 
ATOM   792  C  C   . GLN B 1 34  ? 8.616   9.263   -1.949  1.00 19.23 ? 34   GLN B C   1 
ATOM   793  O  O   . GLN B 1 34  ? 8.902   8.058   -2.122  1.00 15.68 ? 34   GLN B O   1 
ATOM   794  C  CB  . GLN B 1 34  ? 9.730   10.991  -3.308  1.00 20.99 ? 34   GLN B CB  1 
ATOM   795  C  CG  . GLN B 1 34  ? 10.991  10.113  -3.277  1.00 20.07 ? 34   GLN B CG  1 
ATOM   796  C  CD  . GLN B 1 34  ? 11.052  9.007   -4.366  1.00 23.19 ? 34   GLN B CD  1 
ATOM   797  O  OE1 . GLN B 1 34  ? 11.621  7.913   -4.121  1.00 27.63 ? 34   GLN B OE1 1 
ATOM   798  N  NE2 . GLN B 1 34  ? 10.488  9.259   -5.504  1.00 18.29 ? 34   GLN B NE2 1 
ATOM   799  N  N   . SER B 1 35  ? 8.514   9.838   -0.720  1.00 18.40 ? 35   SER B N   1 
ATOM   800  C  CA  . SER B 1 35  ? 8.537   8.982   0.478   1.00 20.21 ? 35   SER B CA  1 
ATOM   801  C  C   . SER B 1 35  ? 7.423   7.975   0.531   1.00 18.41 ? 35   SER B C   1 
ATOM   802  O  O   . SER B 1 35  ? 7.656   6.797   0.891   1.00 19.93 ? 35   SER B O   1 
ATOM   803  C  CB  . SER B 1 35  ? 8.491   9.799   1.832   1.00 22.90 ? 35   SER B CB  1 
ATOM   804  O  OG  . SER B 1 35  ? 9.581   10.686  1.774   1.00 23.86 ? 35   SER B OG  1 
ATOM   805  N  N   . LEU B 1 36  ? 6.234   8.434   0.210   0.83 15.83 ? 36   LEU B N   1 
ATOM   806  C  CA  . LEU B 1 36  ? 5.099   7.561   0.102   0.83 13.28 ? 36   LEU B CA  1 
ATOM   807  C  C   . LEU B 1 36  ? 5.294   6.536   -0.990  0.83 12.11 ? 36   LEU B C   1 
ATOM   808  O  O   . LEU B 1 36  ? 4.895   5.413   -0.769  0.83 12.30 ? 36   LEU B O   1 
ATOM   809  C  CB  . LEU B 1 36  ? 3.830   8.371   -0.101  0.83 13.59 ? 36   LEU B CB  1 
ATOM   810  C  CG  . LEU B 1 36  ? 2.451   7.733   0.160   0.83 18.15 ? 36   LEU B CG  1 
ATOM   811  C  CD1 . LEU B 1 36  ? 2.322   7.205   1.555   0.83 18.67 ? 36   LEU B CD1 1 
ATOM   812  C  CD2 . LEU B 1 36  ? 1.278   8.747   -0.240  0.83 18.92 ? 36   LEU B CD2 1 
ATOM   813  N  N   . ALA B 1 37  ? 5.887   6.856   -2.139  0.55 9.24  ? 37   ALA B N   1 
ATOM   814  C  CA  . ALA B 1 37  ? 6.102   5.853   -3.165  0.55 9.36  ? 37   ALA B CA  1 
ATOM   815  C  C   . ALA B 1 37  ? 7.056   4.741   -2.642  0.55 11.97 ? 37   ALA B C   1 
ATOM   816  O  O   . ALA B 1 37  ? 6.888   3.637   -2.898  0.55 8.54  ? 37   ALA B O   1 
ATOM   817  C  CB  . ALA B 1 37  ? 6.710   6.513   -4.428  0.55 8.31  ? 37   ALA B CB  1 
ATOM   818  N  N   . GLU B 1 38  ? 8.083   5.126   -1.902  0.99 16.69 ? 38   GLU B N   1 
ATOM   819  C  CA  . GLU B 1 38  ? 9.062   4.247   -1.204  0.99 19.31 ? 38   GLU B CA  1 
ATOM   820  C  C   . GLU B 1 38  ? 8.402   3.375   -0.104  0.99 19.05 ? 38   GLU B C   1 
ATOM   821  O  O   . GLU B 1 38  ? 8.740   2.190   -0.013  0.99 20.21 ? 38   GLU B O   1 
ATOM   822  C  CB  . GLU B 1 38  ? 10.161  5.079   -0.527  0.99 20.71 ? 38   GLU B CB  1 
ATOM   823  C  CG  . GLU B 1 38  ? 10.986  5.855   -1.535  0.99 26.31 ? 38   GLU B CG  1 
ATOM   824  C  CD  . GLU B 1 38  ? 12.098  6.734   -0.944  0.99 29.18 ? 38   GLU B CD  1 
ATOM   825  O  OE1 . GLU B 1 38  ? 12.055  7.182   0.222   0.99 32.91 ? 38   GLU B OE1 1 
ATOM   826  O  OE2 . GLU B 1 38  ? 12.966  7.084   -1.731  0.99 35.45 ? 38   GLU B OE2 1 
ATOM   827  N  N   . PHE B 1 39  ? 7.454   3.883   0.650   0.71 15.94 ? 39   PHE B N   1 
ATOM   828  C  CA  . PHE B 1 39  ? 6.655   3.025   1.521   0.71 15.36 ? 39   PHE B CA  1 
ATOM   829  C  C   . PHE B 1 39  ? 5.906   1.913   0.734   0.71 15.08 ? 39   PHE B C   1 
ATOM   830  O  O   . PHE B 1 39  ? 5.888   0.735   1.117   0.71 13.54 ? 39   PHE B O   1 
ATOM   831  C  CB  . PHE B 1 39  ? 5.640   3.930   2.264   0.71 14.17 ? 39   PHE B CB  1 
ATOM   832  C  CG  . PHE B 1 39  ? 4.746   3.243   3.197   0.71 10.00 ? 39   PHE B CG  1 
ATOM   833  C  CD1 . PHE B 1 39  ? 5.140   3.106   4.505   0.71 12.88 ? 39   PHE B CD1 1 
ATOM   834  C  CD2 . PHE B 1 39  ? 3.434   2.936   2.880   0.71 10.06 ? 39   PHE B CD2 1 
ATOM   835  C  CE1 . PHE B 1 39  ? 4.289   2.563   5.467   0.71 11.40 ? 39   PHE B CE1 1 
ATOM   836  C  CE2 . PHE B 1 39  ? 2.558   2.351   3.874   0.71 7.81  ? 39   PHE B CE2 1 
ATOM   837  C  CZ  . PHE B 1 39  ? 3.014   2.122   5.114   0.71 7.14  ? 39   PHE B CZ  1 
ATOM   838  N  N   . PHE B 1 40  ? 5.265   2.306   -0.357  0.95 16.07 ? 40   PHE B N   1 
ATOM   839  C  CA  . PHE B 1 40  ? 4.526   1.349   -1.157  0.95 16.93 ? 40   PHE B CA  1 
ATOM   840  C  C   . PHE B 1 40  ? 5.372   0.362   -1.916  0.95 16.68 ? 40   PHE B C   1 
ATOM   841  O  O   . PHE B 1 40  ? 4.899   -0.779  -2.116  0.95 15.50 ? 40   PHE B O   1 
ATOM   842  C  CB  . PHE B 1 40  ? 3.515   1.983   -2.154  0.95 17.57 ? 40   PHE B CB  1 
ATOM   843  C  CG  . PHE B 1 40  ? 2.293   2.570   -1.488  0.95 18.98 ? 40   PHE B CG  1 
ATOM   844  C  CD1 . PHE B 1 40  ? 1.447   1.805   -0.748  0.95 19.59 ? 40   PHE B CD1 1 
ATOM   845  C  CD2 . PHE B 1 40  ? 2.046   3.900   -1.573  0.95 19.87 ? 40   PHE B CD2 1 
ATOM   846  C  CE1 . PHE B 1 40  ? 0.279   2.390   -0.181  0.95 19.87 ? 40   PHE B CE1 1 
ATOM   847  C  CE2 . PHE B 1 40  ? 0.937   4.451   -1.020  0.95 24.01 ? 40   PHE B CE2 1 
ATOM   848  C  CZ  . PHE B 1 40  ? 0.073   3.716   -0.291  0.95 21.63 ? 40   PHE B CZ  1 
ATOM   849  N  N   . ALA B 1 41  ? 6.552   0.780   -2.369  0.74 15.98 ? 41   ALA B N   1 
ATOM   850  C  CA  . ALA B 1 41  ? 7.558   -0.134  -2.960  0.74 17.09 ? 41   ALA B CA  1 
ATOM   851  C  C   . ALA B 1 41  ? 7.927   -1.317  -2.064  0.74 17.72 ? 41   ALA B C   1 
ATOM   852  O  O   . ALA B 1 41  ? 7.990   -2.450  -2.463  0.74 18.51 ? 41   ALA B O   1 
ATOM   853  C  CB  . ALA B 1 41  ? 8.849   0.652   -3.442  0.74 14.59 ? 41   ALA B CB  1 
ATOM   854  N  N   . VAL B 1 42  ? 8.145   -1.052  -0.803  1.00 21.24 ? 42   VAL B N   1 
ATOM   855  C  CA  . VAL B 1 42  ? 8.265   -2.161  0.196   1.00 21.40 ? 42   VAL B CA  1 
ATOM   856  C  C   . VAL B 1 42  ? 7.085   -3.126  0.162   1.00 18.73 ? 42   VAL B C   1 
ATOM   857  O  O   . VAL B 1 42  ? 7.263   -4.327  0.189   1.00 21.51 ? 42   VAL B O   1 
ATOM   858  C  CB  . VAL B 1 42  ? 8.497   -1.576  1.578   1.00 22.31 ? 42   VAL B CB  1 
ATOM   859  C  CG1 . VAL B 1 42  ? 8.617   -2.658  2.597   1.00 24.77 ? 42   VAL B CG1 1 
ATOM   860  C  CG2 . VAL B 1 42  ? 9.747   -0.776  1.554   1.00 25.11 ? 42   VAL B CG2 1 
ATOM   861  N  N   . LEU B 1 43  ? 5.885   -2.630  0.008   0.62 17.42 ? 43   LEU B N   1 
ATOM   862  C  CA  . LEU B 1 43  ? 4.711   -3.493  0.050   0.62 16.14 ? 43   LEU B CA  1 
ATOM   863  C  C   . LEU B 1 43  ? 4.507   -4.282  -1.255  0.62 17.71 ? 43   LEU B C   1 
ATOM   864  O  O   . LEU B 1 43  ? 3.825   -5.289  -1.344  0.62 16.13 ? 43   LEU B O   1 
ATOM   865  C  CB  . LEU B 1 43  ? 3.477   -2.622  0.410   0.62 15.51 ? 43   LEU B CB  1 
ATOM   866  C  CG  . LEU B 1 43  ? 3.361   -2.213  1.834   0.62 11.99 ? 43   LEU B CG  1 
ATOM   867  C  CD1 . LEU B 1 43  ? 2.124   -1.371  1.972   0.62 15.62 ? 43   LEU B CD1 1 
ATOM   868  C  CD2 . LEU B 1 43  ? 3.294   -3.485  2.748   0.62 9.94  ? 43   LEU B CD2 1 
ATOM   869  N  N   . ALA B 1 44  ? 5.169   -3.840  -2.283  1.00 22.46 ? 44   ALA B N   1 
ATOM   870  C  CA  . ALA B 1 44  ? 5.120   -4.482  -3.599  1.00 24.99 ? 44   ALA B CA  1 
ATOM   871  C  C   . ALA B 1 44  ? 6.055   -5.691  -3.799  1.00 27.49 ? 44   ALA B C   1 
ATOM   872  O  O   . ALA B 1 44  ? 6.651   -5.860  -4.931  1.00 29.31 ? 44   ALA B O   1 
ATOM   873  C  CB  . ALA B 1 44  ? 5.378   -3.477  -4.719  1.00 25.15 ? 44   ALA B CB  1 
ATOM   874  N  N   . ASP B 1 45  ? 6.081   -6.571  -2.801  1.00 26.07 ? 45   ASP B N   1 
ATOM   875  C  CA  . ASP B 1 45  ? 6.717   -7.840  -2.900  1.00 26.64 ? 45   ASP B CA  1 
ATOM   876  C  C   . ASP B 1 45  ? 5.798   -8.964  -2.323  1.00 25.44 ? 45   ASP B C   1 
ATOM   877  O  O   . ASP B 1 45  ? 5.340   -8.810  -1.232  1.00 26.34 ? 45   ASP B O   1 
ATOM   878  C  CB  . ASP B 1 45  ? 8.023   -7.758  -2.129  1.00 27.37 ? 45   ASP B CB  1 
ATOM   879  C  CG  . ASP B 1 45  ? 8.583   -9.084  -1.798  1.00 31.32 ? 45   ASP B CG  1 
ATOM   880  O  OD1 . ASP B 1 45  ? 8.820   -9.924  -2.697  1.00 43.76 ? 45   ASP B OD1 1 
ATOM   881  O  OD2 . ASP B 1 45  ? 8.763   -9.439  -0.654  1.00 36.42 ? 45   ASP B OD2 1 
ATOM   882  N  N   . PRO B 1 46  ? 5.619   -10.095 -2.991  0.44 23.70 ? 46   PRO B N   1 
ATOM   883  C  CA  . PRO B 1 46  ? 4.727   -11.145 -2.500  0.44 22.07 ? 46   PRO B CA  1 
ATOM   884  C  C   . PRO B 1 46  ? 5.127   -11.689 -1.140  0.44 22.46 ? 46   PRO B C   1 
ATOM   885  O  O   . PRO B 1 46  ? 4.329   -11.840 -0.248  0.44 19.01 ? 46   PRO B O   1 
ATOM   886  C  CB  . PRO B 1 46  ? 4.842   -12.216 -3.586  0.44 22.28 ? 46   PRO B CB  1 
ATOM   887  C  CG  . PRO B 1 46  ? 5.334   -11.563 -4.747  0.44 21.85 ? 46   PRO B CG  1 
ATOM   888  C  CD  . PRO B 1 46  ? 6.191   -10.431 -4.304  0.44 23.75 ? 46   PRO B CD  1 
ATOM   889  N  N   . ASN B 1 47  ? 6.402   -11.988 -0.975  1.00 25.86 ? 47   ASN B N   1 
ATOM   890  C  CA  . ASN B 1 47  ? 6.900   -12.544 0.292   1.00 26.68 ? 47   ASN B CA  1 
ATOM   891  C  C   . ASN B 1 47  ? 6.699   -11.623 1.486   1.00 26.17 ? 47   ASN B C   1 
ATOM   892  O  O   . ASN B 1 47  ? 6.252   -12.071 2.488   1.00 27.75 ? 47   ASN B O   1 
ATOM   893  C  CB  . ASN B 1 47  ? 8.365   -12.920 0.187   1.00 28.11 ? 47   ASN B CB  1 
ATOM   894  C  CG  . ASN B 1 47  ? 8.644   -13.814 -0.993  1.00 31.45 ? 47   ASN B CG  1 
ATOM   895  O  OD1 . ASN B 1 47  ? 7.955   -14.772 -1.192  1.00 39.54 ? 47   ASN B OD1 1 
ATOM   896  N  ND2 . ASN B 1 47  ? 9.594   -13.443 -1.814  1.00 34.87 ? 47   ASN B ND2 1 
ATOM   897  N  N   . ARG B 1 48  ? 6.956   -10.312 1.372   0.96 24.07 ? 48   ARG B N   1 
ATOM   898  C  CA  . ARG B 1 48  ? 6.738   -9.450  2.493   0.96 22.29 ? 48   ARG B CA  1 
ATOM   899  C  C   . ARG B 1 48  ? 5.226   -9.406  2.885   0.96 21.89 ? 48   ARG B C   1 
ATOM   900  O  O   . ARG B 1 48  ? 4.887   -9.401  4.064   0.96 22.11 ? 48   ARG B O   1 
ATOM   901  C  CB  . ARG B 1 48  ? 7.401   -8.049  2.221   0.96 22.92 ? 48   ARG B CB  1 
ATOM   902  C  CG  . ARG B 1 48  ? 8.889   -8.200  2.043   0.96 21.57 ? 48   ARG B CG  1 
ATOM   903  C  CD  . ARG B 1 48  ? 9.656   -7.004  2.281   0.96 32.10 ? 48   ARG B CD  1 
ATOM   904  N  NE  . ARG B 1 48  ? 9.510   -6.110  1.151   0.96 36.65 ? 48   ARG B NE  1 
ATOM   905  C  CZ  . ARG B 1 48  ? 10.399  -6.016  0.152   0.96 42.60 ? 48   ARG B CZ  1 
ATOM   906  N  NH1 . ARG B 1 48  ? 11.545  -6.735  0.188   0.96 41.91 ? 48   ARG B NH1 1 
ATOM   907  N  NH2 . ARG B 1 48  ? 10.138  -5.202  -0.876  0.96 41.37 ? 48   ARG B NH2 1 
ATOM   908  N  N   . LEU B 1 49  ? 4.357   -9.431  1.878   1.00 19.38 ? 49   LEU B N   1 
ATOM   909  C  CA  . LEU B 1 49  ? 2.926   -9.416  2.046   1.00 20.60 ? 49   LEU B CA  1 
ATOM   910  C  C   . LEU B 1 49  ? 2.431   -10.729 2.710   1.00 20.13 ? 49   LEU B C   1 
ATOM   911  O  O   . LEU B 1 49  ? 1.570   -10.650 3.584   1.00 19.43 ? 49   LEU B O   1 
ATOM   912  C  CB  . LEU B 1 49  ? 2.263   -9.192  0.697   1.00 20.84 ? 49   LEU B CB  1 
ATOM   913  C  CG  . LEU B 1 49  ? 2.356   -7.772  0.112   1.00 19.75 ? 49   LEU B CG  1 
ATOM   914  C  CD1 . LEU B 1 49  ? 1.484   -7.704  -1.153  1.00 23.15 ? 49   LEU B CD1 1 
ATOM   915  C  CD2 . LEU B 1 49  ? 1.902   -6.759  1.056   1.00 22.24 ? 49   LEU B CD2 1 
ATOM   916  N  N   . ARG B 1 50  ? 3.092   -11.852 2.421   0.91 19.80 ? 50   ARG B N   1 
ATOM   917  C  CA  . ARG B 1 50  ? 2.827   -13.083 3.084   0.91 22.11 ? 50   ARG B CA  1 
ATOM   918  C  C   . ARG B 1 50  ? 3.192   -12.985 4.572   0.91 23.04 ? 50   ARG B C   1 
ATOM   919  O  O   . ARG B 1 50  ? 2.416   -13.397 5.386   0.91 25.12 ? 50   ARG B O   1 
ATOM   920  C  CB  . ARG B 1 50  ? 3.514   -14.265 2.414   0.91 24.25 ? 50   ARG B CB  1 
ATOM   921  C  CG  . ARG B 1 50  ? 3.049   -14.572 0.936   0.91 27.35 ? 50   ARG B CG  1 
ATOM   922  C  CD  . ARG B 1 50  ? 2.481   -15.956 0.707   0.91 35.23 ? 50   ARG B CD  1 
ATOM   923  N  NE  . ARG B 1 50  ? 3.525   -16.955 0.622   0.91 41.85 ? 50   ARG B NE  1 
ATOM   924  C  CZ  . ARG B 1 50  ? 3.430   -18.220 1.052   0.91 42.12 ? 50   ARG B CZ  1 
ATOM   925  N  NH1 . ARG B 1 50  ? 2.317   -18.688 1.586   0.91 41.99 ? 50   ARG B NH1 1 
ATOM   926  N  NH2 . ARG B 1 50  ? 4.492   -19.007 0.956   0.91 42.58 ? 50   ARG B NH2 1 
ATOM   927  N  N   . LEU B 1 51  ? 4.327   -12.385 4.916   1.00 22.77 ? 51   LEU B N   1 
ATOM   928  C  CA  . LEU B 1 51  ? 4.670   -12.090 6.265   1.00 22.46 ? 51   LEU B CA  1 
ATOM   929  C  C   . LEU B 1 51  ? 3.655   -11.232 6.990   1.00 22.31 ? 51   LEU B C   1 
ATOM   930  O  O   . LEU B 1 51  ? 3.154   -11.607 8.033   1.00 24.02 ? 51   LEU B O   1 
ATOM   931  C  CB  . LEU B 1 51  ? 6.060   -11.430 6.332   1.00 23.27 ? 51   LEU B CB  1 
ATOM   932  C  CG  . LEU B 1 51  ? 7.241   -12.156 5.640   1.00 25.31 ? 51   LEU B CG  1 
ATOM   933  C  CD1 . LEU B 1 51  ? 8.575   -11.502 6.100   1.00 25.52 ? 51   LEU B CD1 1 
ATOM   934  C  CD2 . LEU B 1 51  ? 7.231   -13.558 5.999   1.00 30.75 ? 51   LEU B CD2 1 
ATOM   935  N  N   . LEU B 1 52  ? 3.297   -10.112 6.406   0.89 22.77 ? 52   LEU B N   1 
ATOM   936  C  CA  . LEU B 1 52  ? 2.218   -9.276  6.900   0.89 21.78 ? 52   LEU B CA  1 
ATOM   937  C  C   . LEU B 1 52  ? 0.827   -9.943  7.127   0.89 21.69 ? 52   LEU B C   1 
ATOM   938  O  O   . LEU B 1 52  ? 0.071   -9.569  8.035   0.89 20.31 ? 52   LEU B O   1 
ATOM   939  C  CB  . LEU B 1 52  ? 2.091   -8.089  5.957   0.89 21.28 ? 52   LEU B CB  1 
ATOM   940  C  CG  . LEU B 1 52  ? 3.296   -7.098  5.870   0.89 23.69 ? 52   LEU B CG  1 
ATOM   941  C  CD1 . LEU B 1 52  ? 2.850   -5.893  5.132   0.89 24.69 ? 52   LEU B CD1 1 
ATOM   942  C  CD2 . LEU B 1 52  ? 3.899   -6.602  7.190   0.89 24.96 ? 52   LEU B CD2 1 
ATOM   943  N  N   . SER B 1 53  ? 0.478   -10.867 6.259   1.00 22.51 ? 53   SER B N   1 
ATOM   944  C  CA  . SER B 1 53  ? -0.763  -11.647 6.380   1.00 24.39 ? 53   SER B CA  1 
ATOM   945  C  C   . SER B 1 53  ? -0.746  -12.472 7.644   1.00 23.02 ? 53   SER B C   1 
ATOM   946  O  O   . SER B 1 53  ? -1.728  -12.583 8.331   1.00 23.65 ? 53   SER B O   1 
ATOM   947  C  CB  . SER B 1 53  ? -0.990  -12.542 5.140   1.00 24.04 ? 53   SER B CB  1 
ATOM   948  O  OG  . SER B 1 53  ? -0.207  -13.708 5.234   1.00 27.87 ? 53   SER B OG  1 
ATOM   949  N  N   . LEU B 1 54  ? 0.428   -12.962 8.014   0.73 22.63 ? 54   LEU B N   1 
ATOM   950  C  CA  . LEU B 1 54  ? 0.546   -13.726 9.226   0.73 20.40 ? 54   LEU B CA  1 
ATOM   951  C  C   . LEU B 1 54  ? 0.496   -12.787 10.461  0.73 20.32 ? 54   LEU B C   1 
ATOM   952  O  O   . LEU B 1 54  ? -0.237  -13.058 11.427  0.73 16.85 ? 54   LEU B O   1 
ATOM   953  C  CB  . LEU B 1 54  ? 1.796   -14.578 9.149   0.73 19.87 ? 54   LEU B CB  1 
ATOM   954  C  CG  . LEU B 1 54  ? 1.782   -15.807 8.200   0.73 19.00 ? 54   LEU B CG  1 
ATOM   955  C  CD1 . LEU B 1 54  ? 3.158   -16.283 7.930   0.73 17.29 ? 54   LEU B CD1 1 
ATOM   956  C  CD2 . LEU B 1 54  ? 0.983   -16.943 8.685   0.73 17.40 ? 54   LEU B CD2 1 
ATOM   957  N  N   . LEU B 1 55  ? 1.266   -11.694 10.443  0.65 20.70 ? 55   LEU B N   1 
ATOM   958  C  CA  . LEU B 1 55  ? 1.310   -10.763 11.578  0.65 21.27 ? 55   LEU B CA  1 
ATOM   959  C  C   . LEU B 1 55  ? -0.044  -10.066 11.813  0.65 22.94 ? 55   LEU B C   1 
ATOM   960  O  O   . LEU B 1 55  ? -0.294  -9.541  12.851  0.65 19.84 ? 55   LEU B O   1 
ATOM   961  C  CB  . LEU B 1 55  ? 2.440   -9.734  11.436  0.65 21.19 ? 55   LEU B CB  1 
ATOM   962  C  CG  . LEU B 1 55  ? 3.847   -10.374 11.405  0.65 18.98 ? 55   LEU B CG  1 
ATOM   963  C  CD1 . LEU B 1 55  ? 4.877   -9.390  10.879  0.65 18.21 ? 55   LEU B CD1 1 
ATOM   964  C  CD2 . LEU B 1 55  ? 4.213   -10.954 12.819  0.65 16.80 ? 55   LEU B CD2 1 
ATOM   965  N  N   . ALA B 1 56  ? -0.906  -10.097 10.820  1.00 27.25 ? 56   ALA B N   1 
ATOM   966  C  CA  . ALA B 1 56  ? -2.222  -9.515  10.854  1.00 30.78 ? 56   ALA B CA  1 
ATOM   967  C  C   . ALA B 1 56  ? -3.090  -10.272 11.889  1.00 34.15 ? 56   ALA B C   1 
ATOM   968  O  O   . ALA B 1 56  ? -3.933  -9.667  12.568  1.00 33.99 ? 56   ALA B O   1 
ATOM   969  C  CB  . ALA B 1 56  ? -2.873  -9.487  9.417   1.00 30.46 ? 56   ALA B CB  1 
ATOM   970  N  N   . ARG B 1 57  ? -2.771  -11.548 12.057  1.00 37.80 ? 57   ARG B N   1 
ATOM   971  C  CA  . ARG B 1 57  ? -3.326  -12.425 13.062  1.00 42.14 ? 57   ARG B CA  1 
ATOM   972  C  C   . ARG B 1 57  ? -2.179  -12.906 13.935  1.00 43.10 ? 57   ARG B C   1 
ATOM   973  O  O   . ARG B 1 57  ? -1.502  -13.894 13.627  1.00 47.27 ? 57   ARG B O   1 
ATOM   974  C  CB  . ARG B 1 57  ? -3.960  -13.620 12.324  1.00 43.77 ? 57   ARG B CB  1 
ATOM   975  C  CG  . ARG B 1 57  ? -5.224  -13.181 11.506  1.00 51.89 ? 57   ARG B CG  1 
ATOM   976  C  CD  . ARG B 1 57  ? -5.939  -14.293 10.682  1.00 61.68 ? 57   ARG B CD  1 
ATOM   977  N  NE  . ARG B 1 57  ? -6.657  -15.319 11.494  1.00 67.53 ? 57   ARG B NE  1 
ATOM   978  C  CZ  . ARG B 1 57  ? -6.108  -16.459 11.981  1.00 71.96 ? 57   ARG B CZ  1 
ATOM   979  N  NH1 . ARG B 1 57  ? -4.822  -16.741 11.778  1.00 73.55 ? 57   ARG B NH1 1 
ATOM   980  N  NH2 . ARG B 1 57  ? -6.846  -17.331 12.669  1.00 72.28 ? 57   ARG B NH2 1 
ATOM   981  N  N   . SER B 1 58  ? -1.896  -12.213 15.006  1.00 42.78 ? 58   SER B N   1 
ATOM   982  C  CA  . SER B 1 58  ? -0.830  -12.640 15.926  1.00 40.17 ? 58   SER B CA  1 
ATOM   983  C  C   . SER B 1 58  ? 0.555   -12.041 15.702  1.00 37.27 ? 58   SER B C   1 
ATOM   984  O  O   . SER B 1 58  ? 1.146   -12.011 14.590  1.00 35.91 ? 58   SER B O   1 
ATOM   985  C  CB  . SER B 1 58  ? -0.697  -14.196 16.027  1.00 41.04 ? 58   SER B CB  1 
ATOM   986  O  OG  . SER B 1 58  ? 0.241   -14.555 17.046  1.00 39.47 ? 58   SER B OG  1 
ATOM   987  N  N   . GLU B 1 59  ? 1.093   -11.673 16.840  0.78 33.65 ? 59   GLU B N   1 
ATOM   988  C  CA  . GLU B 1 59  ? 2.458   -11.313 16.953  0.78 31.88 ? 59   GLU B CA  1 
ATOM   989  C  C   . GLU B 1 59  ? 3.197   -12.633 16.818  0.78 30.03 ? 59   GLU B C   1 
ATOM   990  O  O   . GLU B 1 59  ? 2.760   -13.636 17.347  0.78 30.39 ? 59   GLU B O   1 
ATOM   991  C  CB  . GLU B 1 59  ? 2.683   -10.551 18.266  0.78 30.66 ? 59   GLU B CB  1 
ATOM   992  C  CG  . GLU B 1 59  ? 2.724   -11.461 19.475  0.78 30.10 ? 59   GLU B CG  1 
ATOM   993  C  CD  . GLU B 1 59  ? 3.088   -10.732 20.732  0.78 23.13 ? 59   GLU B CD  1 
ATOM   994  O  OE1 . GLU B 1 59  ? 3.875   -9.798  20.729  0.78 22.49 ? 59   GLU B OE1 1 
ATOM   995  O  OE2 . GLU B 1 59  ? 2.477   -11.043 21.721  0.78 34.64 ? 59   GLU B OE2 1 
ATOM   996  N  N   . LEU B 1 60  ? 4.207   -12.664 15.947  1.00 28.57 ? 60   LEU B N   1 
ATOM   997  C  CA  . LEU B 1 60  ? 5.042   -13.836 15.753  1.00 26.60 ? 60   LEU B CA  1 
ATOM   998  C  C   . LEU B 1 60  ? 6.516   -13.497 15.701  1.00 27.46 ? 60   LEU B C   1 
ATOM   999  O  O   . LEU B 1 60  ? 6.903   -12.331 15.448  1.00 24.76 ? 60   LEU B O   1 
ATOM   1000 C  CB  . LEU B 1 60  ? 4.684   -14.531 14.471  1.00 26.16 ? 60   LEU B CB  1 
ATOM   1001 C  CG  . LEU B 1 60  ? 3.256   -14.919 14.317  1.00 26.02 ? 60   LEU B CG  1 
ATOM   1002 C  CD1 . LEU B 1 60  ? 2.880   -15.211 12.907  1.00 26.15 ? 60   LEU B CD1 1 
ATOM   1003 C  CD2 . LEU B 1 60  ? 3.014   -16.219 15.160  1.00 27.20 ? 60   LEU B CD2 1 
ATOM   1004 N  N   . SER B 1 61  ? 7.318   -14.559 15.949  1.00 28.19 ? 61   SER B N   1 
ATOM   1005 C  CA  . SER B 1 61  ? 8.782   -14.580 15.948  1.00 26.95 ? 61   SER B CA  1 
ATOM   1006 C  C   . SER B 1 61  ? 9.156   -14.762 14.527  1.00 25.65 ? 61   SER B C   1 
ATOM   1007 O  O   . SER B 1 61  ? 8.297   -15.214 13.747  1.00 24.53 ? 61   SER B O   1 
ATOM   1008 C  CB  . SER B 1 61  ? 9.327   -15.881 16.793  1.00 27.97 ? 61   SER B CB  1 
ATOM   1009 N  N   . VAL B 1 62  ? 10.426  -14.483 14.202  0.65 23.99 ? 62   VAL B N   1 
ATOM   1010 C  CA  . VAL B 1 62  ? 11.010  -14.879 12.936  0.65 24.50 ? 62   VAL B CA  1 
ATOM   1011 C  C   . VAL B 1 62  ? 10.931  -16.388 12.755  0.65 24.06 ? 62   VAL B C   1 
ATOM   1012 O  O   . VAL B 1 62  ? 10.765  -16.873 11.676  0.65 23.67 ? 62   VAL B O   1 
ATOM   1013 C  CB  . VAL B 1 62  ? 12.514  -14.418 12.795  0.65 24.41 ? 62   VAL B CB  1 
ATOM   1014 C  CG1 . VAL B 1 62  ? 13.132  -14.952 11.532  0.65 25.40 ? 62   VAL B CG1 1 
ATOM   1015 C  CG2 . VAL B 1 62  ? 12.602  -12.916 12.708  0.65 24.77 ? 62   VAL B CG2 1 
ATOM   1016 N  N   . GLY B 1 63  ? 11.074  -17.124 13.839  1.00 26.97 ? 63   GLY B N   1 
ATOM   1017 C  CA  . GLY B 1 63  ? 11.078  -18.596 13.851  1.00 25.95 ? 63   GLY B CA  1 
ATOM   1018 C  C   . GLY B 1 63  ? 9.667   -19.032 13.516  1.00 26.21 ? 63   GLY B C   1 
ATOM   1019 O  O   . GLY B 1 63  ? 9.530   -19.887 12.618  1.00 27.07 ? 63   GLY B O   1 
ATOM   1020 N  N   . ASP B 1 64  ? 8.651   -18.429 14.162  1.00 26.07 ? 64   ASP B N   1 
ATOM   1021 C  CA  . ASP B 1 64  ? 7.239   -18.732 13.864  1.00 27.61 ? 64   ASP B CA  1 
ATOM   1022 C  C   . ASP B 1 64  ? 6.934   -18.384 12.420  1.00 27.98 ? 64   ASP B C   1 
ATOM   1023 O  O   . ASP B 1 64  ? 6.403   -19.199 11.674  1.00 29.90 ? 64   ASP B O   1 
ATOM   1024 C  CB  . ASP B 1 64  ? 6.245   -17.956 14.711  1.00 28.73 ? 64   ASP B CB  1 
ATOM   1025 C  CG  . ASP B 1 64  ? 6.406   -18.105 16.215  1.00 34.45 ? 64   ASP B CG  1 
ATOM   1026 O  OD1 . ASP B 1 64  ? 6.741   -19.255 16.668  1.00 38.35 ? 64   ASP B OD1 1 
ATOM   1027 O  OD2 . ASP B 1 64  ? 6.122   -17.101 17.026  1.00 37.75 ? 64   ASP B OD2 1 
ATOM   1028 N  N   . LEU B 1 65  ? 7.385   -17.193 11.976  0.78 27.80 ? 65   LEU B N   1 
ATOM   1029 C  CA  . LEU B 1 65  ? 7.197   -16.781 10.606  0.78 26.00 ? 65   LEU B CA  1 
ATOM   1030 C  C   . LEU B 1 65  ? 7.789   -17.755 9.617   0.78 27.14 ? 65   LEU B C   1 
ATOM   1031 O  O   . LEU B 1 65  ? 7.123   -18.116 8.646   0.78 25.46 ? 65   LEU B O   1 
ATOM   1032 C  CB  . LEU B 1 65  ? 7.687   -15.344 10.375  0.78 25.41 ? 65   LEU B CB  1 
ATOM   1033 C  CG  . LEU B 1 65  ? 6.718   -14.332 10.985  0.78 23.24 ? 65   LEU B CG  1 
ATOM   1034 C  CD1 . LEU B 1 65  ? 7.398   -13.008 11.226  0.78 25.85 ? 65   LEU B CD1 1 
ATOM   1035 C  CD2 . LEU B 1 65  ? 5.408   -14.189 10.205  0.78 17.99 ? 65   LEU B CD2 1 
ATOM   1036 N  N   . ALA B 1 66  ? 9.037   -18.186 9.846   0.91 29.09 ? 66   ALA B N   1 
ATOM   1037 C  CA  . ALA B 1 66  ? 9.710   -19.064 8.898   0.91 30.05 ? 66   ALA B CA  1 
ATOM   1038 C  C   . ALA B 1 66  ? 9.109   -20.441 8.770   0.91 32.82 ? 66   ALA B C   1 
ATOM   1039 O  O   . ALA B 1 66  ? 8.937   -20.952 7.642   0.91 35.06 ? 66   ALA B O   1 
ATOM   1040 C  CB  . ALA B 1 66  ? 11.155  -19.152 9.195   0.91 29.50 ? 66   ALA B CB  1 
ATOM   1041 N  N   . GLN B 1 67  ? 8.750   -21.030 9.892   1.00 35.87 ? 67   GLN B N   1 
ATOM   1042 C  CA  . GLN B 1 67  ? 7.981   -22.316 9.919   1.00 38.32 ? 67   GLN B CA  1 
ATOM   1043 C  C   . GLN B 1 67  ? 6.668   -22.231 9.111   1.00 37.86 ? 67   GLN B C   1 
ATOM   1044 O  O   . GLN B 1 67  ? 6.445   -23.084 8.196   1.00 37.26 ? 67   GLN B O   1 
ATOM   1045 C  CB  . GLN B 1 67  ? 7.697   -22.764 11.388  1.00 39.80 ? 67   GLN B CB  1 
ATOM   1046 C  CG  . GLN B 1 67  ? 7.831   -24.315 11.661  1.00 47.53 ? 67   GLN B CG  1 
ATOM   1047 C  CD  . GLN B 1 67  ? 8.428   -24.671 13.064  1.00 54.58 ? 67   GLN B CD  1 
ATOM   1048 O  OE1 . GLN B 1 67  ? 7.961   -24.193 14.105  1.00 58.20 ? 67   GLN B OE1 1 
ATOM   1049 N  NE2 . GLN B 1 67  ? 9.460   -25.517 13.068  1.00 60.79 ? 67   GLN B NE2 1 
ATOM   1050 N  N   . ALA B 1 68  ? 5.833   -21.202 9.392   0.70 36.71 ? 68   ALA B N   1 
ATOM   1051 C  CA  . ALA B 1 68  ? 4.545   -21.021 8.671   0.70 36.53 ? 68   ALA B CA  1 
ATOM   1052 C  C   . ALA B 1 68  ? 4.654   -20.796 7.147   0.70 36.27 ? 68   ALA B C   1 
ATOM   1053 O  O   . ALA B 1 68  ? 3.828   -21.232 6.417   0.70 35.60 ? 68   ALA B O   1 
ATOM   1054 C  CB  . ALA B 1 68  ? 3.755   -19.919 9.281   0.70 37.11 ? 68   ALA B CB  1 
ATOM   1055 N  N   . ILE B 1 69  ? 5.714   -20.174 6.669   1.00 37.31 ? 69   ILE B N   1 
ATOM   1056 C  CA  . ILE B 1 69  ? 5.900   -19.910 5.228   1.00 38.23 ? 69   ILE B CA  1 
ATOM   1057 C  C   . ILE B 1 69  ? 6.715   -21.033 4.551   1.00 40.06 ? 69   ILE B C   1 
ATOM   1058 O  O   . ILE B 1 69  ? 6.591   -21.289 3.351   1.00 41.17 ? 69   ILE B O   1 
ATOM   1059 C  CB  . ILE B 1 69  ? 6.703   -18.606 5.055   1.00 38.14 ? 69   ILE B CB  1 
ATOM   1060 C  CG1 . ILE B 1 69  ? 5.935   -17.407 5.603   1.00 38.93 ? 69   ILE B CG1 1 
ATOM   1061 C  CG2 . ILE B 1 69  ? 7.154   -18.431 3.606   1.00 37.23 ? 69   ILE B CG2 1 
ATOM   1062 C  CD1 . ILE B 1 69  ? 4.754   -16.990 4.778   1.00 39.05 ? 69   ILE B CD1 1 
ATOM   1063 N  N   . GLY B 1 70  ? 7.569   -21.702 5.315   1.00 41.41 ? 70   GLY B N   1 
ATOM   1064 C  CA  . GLY B 1 70  ? 8.399   -22.773 4.757   1.00 42.47 ? 70   GLY B CA  1 
ATOM   1065 C  C   . GLY B 1 70  ? 9.735   -22.307 4.168   1.00 43.25 ? 70   GLY B C   1 
ATOM   1066 O  O   . GLY B 1 70  ? 10.132  -22.777 3.107   1.00 44.00 ? 70   GLY B O   1 
ATOM   1067 N  N   . VAL B 1 71  ? 10.401  -21.344 4.829   1.00 43.69 ? 71   VAL B N   1 
ATOM   1068 C  CA  . VAL B 1 71  ? 11.647  -20.721 4.301   1.00 42.31 ? 71   VAL B CA  1 
ATOM   1069 C  C   . VAL B 1 71  ? 12.553  -20.619 5.468   1.00 41.57 ? 71   VAL B C   1 
ATOM   1070 O  O   . VAL B 1 71  ? 12.137  -20.935 6.562   1.00 41.38 ? 71   VAL B O   1 
ATOM   1071 C  CB  . VAL B 1 71  ? 11.462  -19.312 3.713   1.00 41.70 ? 71   VAL B CB  1 
ATOM   1072 C  CG1 . VAL B 1 71  ? 10.484  -19.327 2.585   1.00 42.92 ? 71   VAL B CG1 1 
ATOM   1073 C  CG2 . VAL B 1 71  ? 11.095  -18.323 4.800   1.00 41.06 ? 71   VAL B CG2 1 
ATOM   1074 N  N   . SER B 1 72  ? 13.762  -20.109 5.257   1.00 42.16 ? 72   SER B N   1 
ATOM   1075 C  CA  . SER B 1 72  ? 14.840  -20.241 6.237   1.00 41.92 ? 72   SER B CA  1 
ATOM   1076 C  C   . SER B 1 72  ? 14.849  -19.436 7.542   1.00 40.53 ? 72   SER B C   1 
ATOM   1077 O  O   . SER B 1 72  ? 15.487  -19.895 8.478   1.00 44.03 ? 72   SER B O   1 
ATOM   1078 C  CB  . SER B 1 72  ? 16.176  -19.993 5.563   1.00 41.71 ? 72   SER B CB  1 
ATOM   1079 O  OG  . SER B 1 72  ? 16.147  -18.751 4.910   1.00 42.36 ? 72   SER B OG  1 
ATOM   1080 N  N   . GLU B 1 73  ? 14.257  -18.278 7.680   0.83 38.07 ? 73   GLU B N   1 
ATOM   1081 C  CA  . GLU B 1 73  ? 14.530  -17.559 8.962   0.83 37.11 ? 73   GLU B CA  1 
ATOM   1082 C  C   . GLU B 1 73  ? 15.496  -16.463 8.627   0.83 34.99 ? 73   GLU B C   1 
ATOM   1083 O  O   . GLU B 1 73  ? 15.228  -15.334 8.862   0.83 32.47 ? 73   GLU B O   1 
ATOM   1084 C  CB  . GLU B 1 73  ? 15.164  -18.451 10.089  0.83 37.60 ? 73   GLU B CB  1 
ATOM   1085 C  CG  . GLU B 1 73  ? 15.296  -17.847 11.512  0.83 39.49 ? 73   GLU B CG  1 
ATOM   1086 C  CD  . GLU B 1 73  ? 14.987  -18.831 12.705  0.83 40.99 ? 73   GLU B CD  1 
ATOM   1087 O  OE1 . GLU B 1 73  ? 14.366  -19.892 12.530  0.83 35.28 ? 73   GLU B OE1 1 
ATOM   1088 O  OE2 . GLU B 1 73  ? 15.326  -18.506 13.897  1.00 46.03 ? 73   GLU B OE2 1 
ATOM   1089 N  N   . SER B 1 74  ? 16.609  -16.818 7.994   1.00 34.36 ? 74   SER B N   1 
ATOM   1090 C  CA  . SER B 1 74  ? 17.475  -15.814 7.442   1.00 33.63 ? 74   SER B CA  1 
ATOM   1091 C  C   . SER B 1 74  ? 16.737  -15.125 6.308   1.00 31.43 ? 74   SER B C   1 
ATOM   1092 O  O   . SER B 1 74  ? 16.913  -13.939 6.096   1.00 29.60 ? 74   SER B O   1 
ATOM   1093 C  CB  . SER B 1 74  ? 18.717  -16.422 6.863   1.00 34.43 ? 74   SER B CB  1 
ATOM   1094 O  OG  . SER B 1 74  ? 19.403  -15.415 6.179   1.00 36.70 ? 74   SER B OG  1 
ATOM   1095 N  N   . ALA B 1 75  ? 15.913  -15.904 5.611   1.00 28.85 ? 75   ALA B N   1 
ATOM   1096 C  CA  . ALA B 1 75  ? 15.057  -15.396 4.569   1.00 28.23 ? 75   ALA B CA  1 
ATOM   1097 C  C   . ALA B 1 75  ? 13.976  -14.444 5.153   1.00 26.96 ? 75   ALA B C   1 
ATOM   1098 O  O   . ALA B 1 75  ? 13.748  -13.404 4.576   1.00 28.50 ? 75   ALA B O   1 
ATOM   1099 C  CB  . ALA B 1 75  ? 14.456  -16.557 3.653   1.00 27.77 ? 75   ALA B CB  1 
ATOM   1100 N  N   . VAL B 1 76  ? 13.455  -14.725 6.328   0.66 24.94 ? 76   VAL B N   1 
ATOM   1101 C  CA  . VAL B 1 76  ? 12.446  -13.889 6.932   0.66 24.31 ? 76   VAL B CA  1 
ATOM   1102 C  C   . VAL B 1 76  ? 13.015  -12.576 7.394   0.66 23.41 ? 76   VAL B C   1 
ATOM   1103 O  O   . VAL B 1 76  ? 12.516  -11.562 7.173   0.66 20.55 ? 76   VAL B O   1 
ATOM   1104 C  CB  . VAL B 1 76  ? 11.826  -14.626 8.151   0.66 23.61 ? 76   VAL B CB  1 
ATOM   1105 C  CG1 . VAL B 1 76  ? 10.865  -13.724 8.864   1.00 25.61 ? 76   VAL B CG1 1 
ATOM   1106 C  CG2 . VAL B 1 76  ? 11.095  -15.805 7.692   1.00 26.46 ? 76   VAL B CG2 1 
ATOM   1107 N  N   . SER B 1 77  ? 14.074  -12.689 8.145   1.00 25.79 ? 77   SER B N   1 
ATOM   1108 C  CA  . SER B 1 77  ? 14.850  -11.603 8.720   1.00 26.23 ? 77   SER B CA  1 
ATOM   1109 C  C   . SER B 1 77  ? 15.287  -10.599 7.662   1.00 27.05 ? 77   SER B C   1 
ATOM   1110 O  O   . SER B 1 77  ? 15.323  -9.378  7.915   1.00 26.75 ? 77   SER B O   1 
ATOM   1111 C  CB  . SER B 1 77  ? 16.118  -12.244 9.352   1.00 25.90 ? 77   SER B CB  1 
ATOM   1112 O  OG  . SER B 1 77  ? 16.752  -11.342 10.230  1.00 28.25 ? 77   SER B OG  1 
ATOM   1113 N  N   . HIS B 1 78  ? 15.753  -11.134 6.513   1.00 26.21 ? 78   HIS B N   1 
ATOM   1114 C  CA  . HIS B 1 78  ? 16.156  -10.282 5.441   1.00 26.63 ? 78   HIS B CA  1 
ATOM   1115 C  C   . HIS B 1 78  ? 14.899  -9.462  4.872   1.00 27.31 ? 78   HIS B C   1 
ATOM   1116 O  O   . HIS B 1 78  ? 14.957  -8.291  4.665   1.00 26.59 ? 78   HIS B O   1 
ATOM   1117 C  CB  . HIS B 1 78  ? 16.858  -11.115 4.366   1.00 26.63 ? 78   HIS B CB  1 
ATOM   1118 C  CG  . HIS B 1 78  ? 17.136  -10.368 3.093   1.00 27.16 ? 78   HIS B CG  1 
ATOM   1119 N  ND1 . HIS B 1 78  ? 18.397  -9.900  2.742   1.00 39.14 ? 78   HIS B ND1 1 
ATOM   1120 C  CD2 . HIS B 1 78  ? 16.316  -10.005 2.085   1.00 33.71 ? 78   HIS B CD2 1 
ATOM   1121 C  CE1 . HIS B 1 78  ? 18.336  -9.293  1.564   1.00 38.33 ? 78   HIS B CE1 1 
ATOM   1122 N  NE2 . HIS B 1 78  ? 17.080  -9.323  1.156   1.00 38.40 ? 78   HIS B NE2 1 
ATOM   1123 N  N   . GLN B 1 79  ? 13.802  -10.139 4.624   1.00 27.52 ? 79   GLN B N   1 
ATOM   1124 C  CA  . GLN B 1 79  ? 12.520  -9.499  4.250   1.00 28.01 ? 79   GLN B CA  1 
ATOM   1125 C  C   . GLN B 1 79  ? 11.966  -8.515  5.273   1.00 27.65 ? 79   GLN B C   1 
ATOM   1126 O  O   . GLN B 1 79  ? 11.524  -7.442  4.944   1.00 28.21 ? 79   GLN B O   1 
ATOM   1127 C  CB  . GLN B 1 79  ? 11.533  -10.595 3.936   1.00 28.15 ? 79   GLN B CB  1 
ATOM   1128 C  CG  . GLN B 1 79  ? 11.917  -11.386 2.657   1.00 30.15 ? 79   GLN B CG  1 
ATOM   1129 C  CD  . GLN B 1 79  ? 11.127  -12.703 2.470   1.00 37.68 ? 79   GLN B CD  1 
ATOM   1130 O  OE1 . GLN B 1 79  ? 10.372  -13.135 3.363   1.00 37.00 ? 79   GLN B OE1 1 
ATOM   1131 N  NE2 . GLN B 1 79  ? 11.315  -13.344 1.296   1.00 36.40 ? 79   GLN B NE2 1 
ATOM   1132 N  N   . LEU B 1 80  ? 12.166  -8.807  6.541   1.00 27.04 ? 80   LEU B N   1 
ATOM   1133 C  CA  . LEU B 1 80  ? 11.641  -8.002  7.621   1.00 25.79 ? 80   LEU B CA  1 
ATOM   1134 C  C   . LEU B 1 80  ? 12.422  -6.638  7.738   1.00 26.69 ? 80   LEU B C   1 
ATOM   1135 O  O   . LEU B 1 80  ? 11.964  -5.721  8.350   1.00 25.98 ? 80   LEU B O   1 
ATOM   1136 C  CB  . LEU B 1 80  ? 11.784  -8.858  8.885   1.00 24.36 ? 80   LEU B CB  1 
ATOM   1137 C  CG  . LEU B 1 80  ? 10.688  -9.398  9.758   1.00 23.54 ? 80   LEU B CG  1 
ATOM   1138 C  CD1 . LEU B 1 80  ? 9.287   -9.329  9.302   1.00 21.70 ? 80   LEU B CD1 1 
ATOM   1139 C  CD2 . LEU B 1 80  ? 11.099  -10.654 10.517  1.00 21.55 ? 80   LEU B CD2 1 
ATOM   1140 N  N   . ARG B 1 81  ? 13.611  -6.535  7.169   1.00 27.92 ? 81   ARG B N   1 
ATOM   1141 C  CA  . ARG B 1 81  ? 14.466  -5.410  7.347   1.00 29.95 ? 81   ARG B CA  1 
ATOM   1142 C  C   . ARG B 1 81  ? 13.827  -4.125  6.789   1.00 29.31 ? 81   ARG B C   1 
ATOM   1143 O  O   . ARG B 1 81  ? 13.859  -3.058  7.407   1.00 27.99 ? 81   ARG B O   1 
ATOM   1144 C  CB  . ARG B 1 81  ? 15.777  -5.605  6.529   1.00 32.67 ? 81   ARG B CB  1 
ATOM   1145 C  CG  . ARG B 1 81  ? 16.833  -6.762  7.058   1.00 37.97 ? 81   ARG B CG  1 
ATOM   1146 C  CD  . ARG B 1 81  ? 18.317  -6.572  6.674   1.00 39.39 ? 81   ARG B CD  1 
ATOM   1147 N  NE  . ARG B 1 81  ? 18.674  -5.134  6.637   1.00 50.77 ? 81   ARG B NE  1 
ATOM   1148 C  CZ  . ARG B 1 81  ? 18.722  -4.300  7.714   1.00 58.50 ? 81   ARG B CZ  1 
ATOM   1149 N  NH1 . ARG B 1 81  ? 18.467  -4.747  8.963   1.00 61.97 ? 81   ARG B NH1 1 
ATOM   1150 N  NH2 . ARG B 1 81  ? 19.019  -3.002  7.555   1.00 59.43 ? 81   ARG B NH2 1 
ATOM   1151 N  N   . SER B 1 82  ? 13.307  -4.235  5.590   1.00 26.93 ? 82   SER B N   1 
ATOM   1152 C  CA  . SER B 1 82  ? 12.790  -3.093  4.977   1.00 28.19 ? 82   SER B CA  1 
ATOM   1153 C  C   . SER B 1 82  ? 11.350  -2.873  5.561   1.00 25.64 ? 82   SER B C   1 
ATOM   1154 O  O   . SER B 1 82  ? 10.857  -1.782  5.592   1.00 25.01 ? 82   SER B O   1 
ATOM   1155 C  CB  . SER B 1 82  ? 12.877  -3.265  3.456   1.00 28.70 ? 82   SER B CB  1 
ATOM   1156 O  OG  . SER B 1 82  ? 11.924  -4.235  3.040   1.00 33.01 ? 82   SER B OG  1 
ATOM   1157 N  N   . LEU B 1 83  ? 10.728  -3.897  6.092   1.00 24.30 ? 83   LEU B N   1 
ATOM   1158 C  CA  . LEU B 1 83  ? 9.481   -3.728  6.840   1.00 23.87 ? 83   LEU B CA  1 
ATOM   1159 C  C   . LEU B 1 83  ? 9.687   -2.962  8.149   1.00 24.34 ? 83   LEU B C   1 
ATOM   1160 O  O   . LEU B 1 83  ? 8.806   -2.180  8.589   1.00 22.74 ? 83   LEU B O   1 
ATOM   1161 C  CB  . LEU B 1 83  ? 8.844   -5.089  7.120   1.00 23.88 ? 83   LEU B CB  1 
ATOM   1162 C  CG  . LEU B 1 83  ? 8.202   -5.764  5.907   1.00 24.39 ? 83   LEU B CG  1 
ATOM   1163 C  CD1 . LEU B 1 83  ? 7.693   -7.110  6.335   1.00 28.01 ? 83   LEU B CD1 1 
ATOM   1164 C  CD2 . LEU B 1 83  ? 7.108   -4.951  5.164   1.00 20.81 ? 83   LEU B CD2 1 
ATOM   1165 N  N   . ARG B 1 84  ? 10.869  -3.135  8.743   1.00 23.20 ? 84   ARG B N   1 
ATOM   1166 C  CA  . ARG B 1 84  ? 11.202  -2.376  9.912   1.00 24.08 ? 84   ARG B CA  1 
ATOM   1167 C  C   . ARG B 1 84  ? 11.524  -0.957  9.559   1.00 25.40 ? 84   ARG B C   1 
ATOM   1168 O  O   . ARG B 1 84  ? 11.035  -0.001  10.183  1.00 22.97 ? 84   ARG B O   1 
ATOM   1169 C  CB  . ARG B 1 84  ? 12.442  -2.957  10.607  1.00 24.93 ? 84   ARG B CB  1 
ATOM   1170 C  CG  . ARG B 1 84  ? 12.278  -4.229  11.553  1.00 27.74 ? 84   ARG B CG  1 
ATOM   1171 C  CD  . ARG B 1 84  ? 13.548  -5.119  11.605  1.00 31.73 ? 84   ARG B CD  1 
ATOM   1172 N  NE  . ARG B 1 84  ? 14.718  -4.326  11.917  1.00 32.54 ? 84   ARG B NE  1 
ATOM   1173 C  CZ  . ARG B 1 84  ? 15.941  -4.534  11.476  1.00 36.03 ? 84   ARG B CZ  1 
ATOM   1174 N  NH1 . ARG B 1 84  ? 16.260  -5.550  10.669  1.00 35.26 ? 84   ARG B NH1 1 
ATOM   1175 N  NH2 . ARG B 1 84  ? 16.895  -3.723  11.939  1.00 40.91 ? 84   ARG B NH2 1 
ATOM   1176 N  N   . ASN B 1 85  ? 12.482  -0.809  8.647   1.00 26.83 ? 85   ASN B N   1 
ATOM   1177 C  CA  . ASN B 1 85  ? 12.933  0.499   8.289   1.00 28.45 ? 85   ASN B CA  1 
ATOM   1178 C  C   . ASN B 1 85  ? 11.751  1.419   7.865   1.00 28.79 ? 85   ASN B C   1 
ATOM   1179 O  O   . ASN B 1 85  ? 11.745  2.556   8.172   1.00 28.35 ? 85   ASN B O   1 
ATOM   1180 C  CB  . ASN B 1 85  ? 13.931  0.385   7.147   1.00 30.92 ? 85   ASN B CB  1 
ATOM   1181 C  CG  . ASN B 1 85  ? 14.686  1.695   6.910   1.00 37.48 ? 85   ASN B CG  1 
ATOM   1182 O  OD1 . ASN B 1 85  ? 14.875  2.144   5.771   1.00 42.10 ? 85   ASN B OD1 1 
ATOM   1183 N  ND2 . ASN B 1 85  ? 15.151  2.294   8.000   1.00 41.05 ? 85   ASN B ND2 1 
ATOM   1184 N  N   . LEU B 1 86  ? 10.769  0.938   7.096   1.00 29.65 ? 86   LEU B N   1 
ATOM   1185 C  CA  . LEU B 1 86  ? 9.648   1.816   6.684   1.00 29.46 ? 86   LEU B CA  1 
ATOM   1186 C  C   . LEU B 1 86  ? 8.489   1.730   7.726   1.00 28.45 ? 86   LEU B C   1 
ATOM   1187 O  O   . LEU B 1 86  ? 7.395   2.163   7.492   1.00 32.13 ? 86   LEU B O   1 
ATOM   1188 C  CB  . LEU B 1 86  ? 9.234   1.405   5.284   1.00 30.49 ? 86   LEU B CB  1 
ATOM   1189 C  CG  . LEU B 1 86  ? 9.999   2.022   4.075   1.00 33.13 ? 86   LEU B CG  1 
ATOM   1190 C  CD1 . LEU B 1 86  ? 9.595   3.523   3.995   1.00 36.88 ? 86   LEU B CD1 1 
ATOM   1191 C  CD2 . LEU B 1 86  ? 11.518  1.891   4.070   1.00 34.60 ? 86   LEU B CD2 1 
ATOM   1192 N  N   . ARG B 1 87  ? 8.727   1.104   8.855   1.00 26.79 ? 87   ARG B N   1 
ATOM   1193 C  CA  . ARG B 1 87  ? 7.774   1.048   9.982   1.00 27.30 ? 87   ARG B CA  1 
ATOM   1194 C  C   . ARG B 1 87  ? 6.410   0.416   9.675   1.00 25.32 ? 87   ARG B C   1 
ATOM   1195 O  O   . ARG B 1 87  ? 5.419   0.906   10.153  1.00 22.21 ? 87   ARG B O   1 
ATOM   1196 C  CB  . ARG B 1 87  ? 7.536   2.444   10.616  1.00 28.29 ? 87   ARG B CB  1 
ATOM   1197 C  CG  . ARG B 1 87  ? 8.766   3.420   10.628  1.00 32.38 ? 87   ARG B CG  1 
ATOM   1198 C  CD  . ARG B 1 87  ? 8.551   4.851   11.327  1.00 28.84 ? 87   ARG B CD  1 
ATOM   1199 N  NE  . ARG B 1 87  ? 8.061   4.657   12.674  1.00 34.08 ? 87   ARG B NE  1 
ATOM   1200 C  CZ  . ARG B 1 87  ? 6.764   4.762   13.079  1.00 37.05 ? 87   ARG B CZ  1 
ATOM   1201 N  NH1 . ARG B 1 87  ? 5.762   5.168   12.280  1.00 35.27 ? 87   ARG B NH1 1 
ATOM   1202 N  NH2 . ARG B 1 87  ? 6.484   4.511   14.353  1.00 41.23 ? 87   ARG B NH2 1 
ATOM   1203 N  N   . LEU B 1 88  ? 6.414   -0.631  8.838   1.00 23.74 ? 88   LEU B N   1 
ATOM   1204 C  CA  . LEU B 1 88  ? 5.298   -1.534  8.659   1.00 23.84 ? 88   LEU B CA  1 
ATOM   1205 C  C   . LEU B 1 88  ? 5.089   -2.456  9.810   1.00 23.37 ? 88   LEU B C   1 
ATOM   1206 O  O   . LEU B 1 88  ? 3.986   -2.936  10.031  1.00 22.81 ? 88   LEU B O   1 
ATOM   1207 C  CB  . LEU B 1 88  ? 5.461   -2.381  7.364   1.00 23.19 ? 88   LEU B CB  1 
ATOM   1208 C  CG  . LEU B 1 88  ? 5.304   -1.322  6.215   1.00 26.92 ? 88   LEU B CG  1 
ATOM   1209 C  CD1 . LEU B 1 88  ? 6.582   -1.054  5.475   1.00 25.19 ? 88   LEU B CD1 1 
ATOM   1210 C  CD2 . LEU B 1 88  ? 4.238   -1.604  5.325   1.00 29.29 ? 88   LEU B CD2 1 
ATOM   1211 N  N   . VAL B 1 89  ? 6.176   -2.801  10.473  1.00 24.55 ? 89   VAL B N   1 
ATOM   1212 C  CA  . VAL B 1 89  ? 6.142   -3.743  11.591  1.00 24.95 ? 89   VAL B CA  1 
ATOM   1213 C  C   . VAL B 1 89  ? 6.996   -3.137  12.715  1.00 25.91 ? 89   VAL B C   1 
ATOM   1214 O  O   . VAL B 1 89  ? 7.887   -2.321  12.455  1.00 26.79 ? 89   VAL B O   1 
ATOM   1215 C  CB  . VAL B 1 89  ? 6.706   -5.114  11.179  1.00 24.45 ? 89   VAL B CB  1 
ATOM   1216 C  CG1 . VAL B 1 89  ? 6.045   -5.645  9.951   1.00 21.88 ? 89   VAL B CG1 1 
ATOM   1217 C  CG2 . VAL B 1 89  ? 8.270   -5.071  10.969  1.00 25.64 ? 89   VAL B CG2 1 
ATOM   1218 N  N   . SER B 1 90  ? 6.679   -3.487  13.950  1.00 27.28 ? 90   SER B N   1 
ATOM   1219 C  CA  . SER B 1 90  ? 7.524   -3.238  15.096  1.00 28.25 ? 90   SER B CA  1 
ATOM   1220 C  C   . SER B 1 90  ? 7.765   -4.577  15.812  1.00 29.46 ? 90   SER B C   1 
ATOM   1221 O  O   . SER B 1 90  ? 7.179   -5.595  15.451  1.00 28.50 ? 90   SER B O   1 
ATOM   1222 C  CB  . SER B 1 90  ? 6.834   -2.287  16.100  1.00 27.78 ? 90   SER B CB  1 
ATOM   1223 O  OG  . SER B 1 90  ? 5.651   -2.917  16.639  1.00 25.54 ? 90   SER B OG  1 
ATOM   1224 N  N   . TYR B 1 91  ? 8.573   -4.543  16.885  1.00 30.94 ? 91   TYR B N   1 
ATOM   1225 C  CA  . TYR B 1 91  ? 8.873   -5.756  17.633  1.00 31.93 ? 91   TYR B CA  1 
ATOM   1226 C  C   . TYR B 1 91  ? 8.997   -5.518  19.147  1.00 33.08 ? 91   TYR B C   1 
ATOM   1227 O  O   . TYR B 1 91  ? 9.412   -4.451  19.580  1.00 31.39 ? 91   TYR B O   1 
ATOM   1228 C  CB  . TYR B 1 91  ? 10.173  -6.383  17.098  1.00 31.67 ? 91   TYR B CB  1 
ATOM   1229 C  CG  . TYR B 1 91  ? 11.366  -5.459  17.273  1.00 31.11 ? 91   TYR B CG  1 
ATOM   1230 C  CD1 . TYR B 1 91  ? 11.647  -4.478  16.335  1.00 30.30 ? 91   TYR B CD1 1 
ATOM   1231 C  CD2 . TYR B 1 91  ? 12.167  -5.538  18.420  1.00 30.51 ? 91   TYR B CD2 1 
ATOM   1232 C  CE1 . TYR B 1 91  ? 12.672  -3.605  16.516  1.00 31.42 ? 91   TYR B CE1 1 
ATOM   1233 C  CE2 . TYR B 1 91  ? 13.215  -4.678  18.611  1.00 34.68 ? 91   TYR B CE2 1 
ATOM   1234 C  CZ  . TYR B 1 91  ? 13.478  -3.728  17.635  1.00 34.20 ? 91   TYR B CZ  1 
ATOM   1235 O  OH  . TYR B 1 91  ? 14.542  -2.876  17.777  1.00 37.98 ? 91   TYR B OH  1 
ATOM   1236 N  N   . ARG B 1 92  ? 8.635   -6.548  19.901  1.00 34.91 ? 92   ARG B N   1 
ATOM   1237 C  CA  . ARG B 1 92  ? 8.944   -6.638  21.334  1.00 37.47 ? 92   ARG B CA  1 
ATOM   1238 C  C   . ARG B 1 92  ? 9.937   -7.802  21.608  1.00 37.36 ? 92   ARG B C   1 
ATOM   1239 O  O   . ARG B 1 92  ? 9.951   -8.828  20.906  1.00 37.57 ? 92   ARG B O   1 
ATOM   1240 C  CB  . ARG B 1 92  ? 7.664   -6.835  22.193  1.00 37.35 ? 92   ARG B CB  1 
ATOM   1241 C  CG  . ARG B 1 92  ? 6.871   -8.095  21.975  1.00 37.87 ? 92   ARG B CG  1 
ATOM   1242 C  CD  . ARG B 1 92  ? 5.436   -8.175  22.730  1.00 37.04 ? 92   ARG B CD  1 
ATOM   1243 N  NE  . ARG B 1 92  ? 5.666   -8.766  23.982  1.00 35.34 ? 92   ARG B NE  1 
ATOM   1244 C  CZ  . ARG B 1 92  ? 5.555   -10.039 24.329  1.00 36.74 ? 92   ARG B CZ  1 
ATOM   1245 N  NH1 . ARG B 1 92  ? 4.980   -10.947 23.592  1.00 34.48 ? 92   ARG B NH1 1 
ATOM   1246 N  NH2 . ARG B 1 92  ? 5.957   -10.359 25.562  1.00 40.71 ? 92   ARG B NH2 1 
ATOM   1247 N  N   . LYS B 1 93  ? 10.745  -7.625  22.638  1.00 37.94 ? 93   LYS B N   1 
ATOM   1248 C  CA  . LYS B 1 93  ? 11.451  -8.746  23.249  1.00 38.49 ? 93   LYS B CA  1 
ATOM   1249 C  C   . LYS B 1 93  ? 10.766  -9.382  24.483  1.00 36.75 ? 93   LYS B C   1 
ATOM   1250 O  O   . LYS B 1 93  ? 10.153  -8.710  25.366  1.00 35.32 ? 93   LYS B O   1 
ATOM   1251 C  CB  . LYS B 1 93  ? 12.941  -8.421  23.384  1.00 40.15 ? 93   LYS B CB  1 
ATOM   1252 C  CG  . LYS B 1 93  ? 13.354  -7.545  24.455  1.00 44.82 ? 93   LYS B CG  1 
ATOM   1253 C  CD  . LYS B 1 93  ? 14.834  -7.018  24.176  1.00 48.62 ? 93   LYS B CD  1 
ATOM   1254 C  CE  . LYS B 1 93  ? 14.890  -5.768  23.259  1.00 50.47 ? 93   LYS B CE  1 
ATOM   1255 N  NZ  . LYS B 1 93  ? 16.174  -4.952  23.305  1.00 49.02 ? 93   LYS B NZ  1 
ATOM   1256 N  N   . GLN B 1 94  ? 10.727  -10.710 24.421  1.00 34.96 ? 94   GLN B N   1 
ATOM   1257 C  CA  . GLN B 1 94  ? 10.290  -11.568 25.536  1.00 35.14 ? 94   GLN B CA  1 
ATOM   1258 C  C   . GLN B 1 94  ? 11.401  -12.624 25.793  1.00 33.47 ? 94   GLN B C   1 
ATOM   1259 O  O   . GLN B 1 94  ? 11.493  -13.614 25.085  1.00 32.03 ? 94   GLN B O   1 
ATOM   1260 C  CB  . GLN B 1 94  ? 8.942   -12.279 25.238  1.00 35.26 ? 94   GLN B CB  1 
ATOM   1261 C  CG  . GLN B 1 94  ? 8.352   -13.078 26.420  1.00 34.88 ? 94   GLN B CG  1 
ATOM   1262 C  CD  . GLN B 1 94  ? 7.004   -13.772 26.052  1.00 40.40 ? 94   GLN B CD  1 
ATOM   1263 O  OE1 . GLN B 1 94  ? 6.011   -13.106 25.703  1.00 38.50 ? 94   GLN B OE1 1 
ATOM   1264 N  NE2 . GLN B 1 94  ? 6.971   -15.103 26.173  1.00 39.30 ? 94   GLN B NE2 1 
ATOM   1265 N  N   . GLY B 1 95  ? 12.183  -12.420 26.845  1.00 34.37 ? 95   GLY B N   1 
ATOM   1266 C  CA  . GLY B 1 95  ? 13.367  -13.245 27.134  1.00 34.65 ? 95   GLY B CA  1 
ATOM   1267 C  C   . GLY B 1 95  ? 14.319  -13.260 25.916  1.00 34.36 ? 95   GLY B C   1 
ATOM   1268 O  O   . GLY B 1 95  ? 14.838  -12.254 25.478  1.00 33.75 ? 95   GLY B O   1 
ATOM   1269 N  N   . ARG B 1 96  ? 14.472  -14.410 25.326  1.00 34.72 ? 96   ARG B N   1 
ATOM   1270 C  CA  . ARG B 1 96  ? 15.312  -14.534 24.139  1.00 36.74 ? 96   ARG B CA  1 
ATOM   1271 C  C   . ARG B 1 96  ? 14.581  -14.422 22.784  1.00 35.62 ? 96   ARG B C   1 
ATOM   1272 O  O   . ARG B 1 96  ? 15.221  -14.451 21.734  1.00 35.85 ? 96   ARG B O   1 
ATOM   1273 C  CB  . ARG B 1 96  ? 16.129  -15.826 24.236  1.00 36.97 ? 96   ARG B CB  1 
ATOM   1274 C  CG  . ARG B 1 96  ? 15.413  -17.106 24.177  1.00 41.24 ? 96   ARG B CG  1 
ATOM   1275 C  CD  . ARG B 1 96  ? 16.299  -18.241 24.625  1.00 50.36 ? 96   ARG B CD  1 
ATOM   1276 N  NE  . ARG B 1 96  ? 16.811  -17.991 25.995  1.00 56.50 ? 96   ARG B NE  1 
ATOM   1277 C  CZ  . ARG B 1 96  ? 17.303  -18.933 26.801  1.00 60.70 ? 96   ARG B CZ  1 
ATOM   1278 N  NH1 . ARG B 1 96  ? 17.360  -20.212 26.423  1.00 62.11 ? 96   ARG B NH1 1 
ATOM   1279 N  NH2 . ARG B 1 96  ? 17.717  -18.596 28.013  1.00 64.45 ? 96   ARG B NH2 1 
ATOM   1280 N  N   . HIS B 1 97  ? 13.243  -14.312 22.852  1.00 34.51 ? 97   HIS B N   1 
ATOM   1281 C  CA  . HIS B 1 97  ? 12.330  -14.248 21.710  1.00 32.97 ? 97   HIS B CA  1 
ATOM   1282 C  C   . HIS B 1 97  ? 12.177  -12.776 21.337  1.00 30.66 ? 97   HIS B C   1 
ATOM   1283 O  O   . HIS B 1 97  ? 12.136  -11.880 22.145  1.00 27.18 ? 97   HIS B O   1 
ATOM   1284 C  CB  . HIS B 1 97  ? 10.939  -14.965 22.038  1.00 34.37 ? 97   HIS B CB  1 
ATOM   1285 C  CG  . HIS B 1 97  ? 11.091  -16.427 22.350  1.00 39.22 ? 97   HIS B CG  1 
ATOM   1286 N  ND1 . HIS B 1 97  ? 11.323  -16.892 23.640  1.00 45.71 ? 97   HIS B ND1 1 
ATOM   1287 C  CD2 . HIS B 1 97  ? 11.181  -17.511 21.539  1.00 41.91 ? 97   HIS B CD2 1 
ATOM   1288 C  CE1 . HIS B 1 97  ? 11.507  -18.201 23.613  1.00 46.18 ? 97   HIS B CE1 1 
ATOM   1289 N  NE2 . HIS B 1 97  ? 11.420  -18.605 22.355  1.00 47.89 ? 97   HIS B NE2 1 
ATOM   1290 N  N   . VAL B 1 98  ? 12.143  -12.564 20.049  1.00 30.12 ? 98   VAL B N   1 
ATOM   1291 C  CA  . VAL B 1 98  ? 11.713  -11.329 19.446  1.00 29.92 ? 98   VAL B CA  1 
ATOM   1292 C  C   . VAL B 1 98  ? 10.395  -11.510 18.648  1.00 28.49 ? 98   VAL B C   1 
ATOM   1293 O  O   . VAL B 1 98  ? 10.357  -12.258 17.677  1.00 30.36 ? 98   VAL B O   1 
ATOM   1294 C  CB  . VAL B 1 98  ? 12.847  -10.733 18.533  1.00 31.04 ? 98   VAL B CB  1 
ATOM   1295 C  CG1 . VAL B 1 98  ? 12.384  -9.286  18.015  1.00 29.38 ? 98   VAL B CG1 1 
ATOM   1296 C  CG2 . VAL B 1 98  ? 14.215  -10.693 19.323  1.00 30.22 ? 98   VAL B CG2 1 
ATOM   1297 N  N   . TYR B 1 99  ? 9.338   -10.792 19.043  1.00 26.89 ? 99   TYR B N   1 
ATOM   1298 C  CA  . TYR B 1 99  ? 8.024   -10.929 18.473  1.00 26.93 ? 99   TYR B CA  1 
ATOM   1299 C  C   . TYR B 1 99  ? 7.722   -9.667  17.723  1.00 26.51 ? 99   TYR B C   1 
ATOM   1300 O  O   . TYR B 1 99  ? 7.838   -8.567  18.233  1.00 27.56 ? 99   TYR B O   1 
ATOM   1301 C  CB  . TYR B 1 99  ? 6.910   -11.140 19.540  1.00 28.91 ? 99   TYR B CB  1 
ATOM   1302 C  CG  . TYR B 1 99  ? 6.962   -12.506 20.178  1.00 30.28 ? 99   TYR B CG  1 
ATOM   1303 C  CD1 . TYR B 1 99  ? 6.602   -13.608 19.454  1.00 35.16 ? 99   TYR B CD1 1 
ATOM   1304 C  CD2 . TYR B 1 99  ? 7.396   -12.683 21.498  1.00 34.91 ? 99   TYR B CD2 1 
ATOM   1305 C  CE1 . TYR B 1 99  ? 6.649   -14.889 20.004  1.00 39.13 ? 99   TYR B CE1 1 
ATOM   1306 C  CE2 . TYR B 1 99  ? 7.464   -13.988 22.080  1.00 37.30 ? 99   TYR B CE2 1 
ATOM   1307 C  CZ  . TYR B 1 99  ? 7.092   -15.073 21.310  1.00 41.55 ? 99   TYR B CZ  1 
ATOM   1308 O  OH  . TYR B 1 99  ? 7.118   -16.388 21.792  1.00 51.44 ? 99   TYR B OH  1 
ATOM   1309 N  N   . TYR B 1 100 ? 7.315   -9.875  16.494  1.00 26.10 ? 100  TYR B N   1 
ATOM   1310 C  CA  . TYR B 1 100 ? 6.968   -8.851  15.547  1.00 25.19 ? 100  TYR B CA  1 
ATOM   1311 C  C   . TYR B 1 100 ? 5.466   -8.694  15.549  1.00 23.73 ? 100  TYR B C   1 
ATOM   1312 O  O   . TYR B 1 100 ? 4.715   -9.672  15.755  1.00 22.86 ? 100  TYR B O   1 
ATOM   1313 C  CB  . TYR B 1 100 ? 7.501   -9.233  14.140  1.00 23.57 ? 100  TYR B CB  1 
ATOM   1314 C  CG  . TYR B 1 100 ? 8.973   -8.962  14.013  1.00 23.83 ? 100  TYR B CG  1 
ATOM   1315 C  CD1 . TYR B 1 100 ? 9.370   -7.767  13.514  1.00 25.55 ? 100  TYR B CD1 1 
ATOM   1316 C  CD2 . TYR B 1 100 ? 9.984   -9.903  14.425  1.00 25.34 ? 100  TYR B CD2 1 
ATOM   1317 C  CE1 . TYR B 1 100 ? 10.680  -7.439  13.365  1.00 26.75 ? 100  TYR B CE1 1 
ATOM   1318 C  CE2 . TYR B 1 100 ? 11.421  -9.600  14.239  1.00 21.82 ? 100  TYR B CE2 1 
ATOM   1319 C  CZ  . TYR B 1 100 ? 11.732  -8.336  13.732  1.00 26.28 ? 100  TYR B CZ  1 
ATOM   1320 O  OH  . TYR B 1 100 ? 13.000  -7.833  13.500  1.00 17.76 ? 100  TYR B OH  1 
ATOM   1321 N  N   . GLN B 1 101 ? 5.053   -7.459  15.251  1.00 24.81 ? 101  GLN B N   1 
ATOM   1322 C  CA  . GLN B 1 101 ? 3.634   -7.080  15.036  1.00 26.77 ? 101  GLN B CA  1 
ATOM   1323 C  C   . GLN B 1 101 ? 3.499   -6.101  13.920  1.00 26.10 ? 101  GLN B C   1 
ATOM   1324 O  O   . GLN B 1 101 ? 4.472   -5.468  13.591  1.00 28.61 ? 101  GLN B O   1 
ATOM   1325 C  CB  . GLN B 1 101 ? 3.093   -6.361  16.283  1.00 27.69 ? 101  GLN B CB  1 
ATOM   1326 C  CG  . GLN B 1 101 ? 3.006   -7.290  17.446  1.00 31.66 ? 101  GLN B CG  1 
ATOM   1327 C  CD  . GLN B 1 101 ? 2.132   -6.647  18.572  1.00 41.55 ? 101  GLN B CD  1 
ATOM   1328 O  OE1 . GLN B 1 101 ? 2.485   -5.560  19.137  1.00 40.96 ? 101  GLN B OE1 1 
ATOM   1329 N  NE2 . GLN B 1 101 ? 0.964   -7.268  18.829  1.00 42.28 ? 101  GLN B NE2 1 
ATOM   1330 N  N   . LEU B 1 102 ? 2.310   -5.998  13.313  1.00 25.48 ? 102  LEU B N   1 
ATOM   1331 C  CA  . LEU B 1 102 ? 1.911   -4.795  12.593  1.00 24.48 ? 102  LEU B CA  1 
ATOM   1332 C  C   . LEU B 1 102 ? 2.111   -3.563  13.474  1.00 25.59 ? 102  LEU B C   1 
ATOM   1333 O  O   . LEU B 1 102 ? 1.733   -3.470  14.702  1.00 22.27 ? 102  LEU B O   1 
ATOM   1334 C  CB  . LEU B 1 102 ? 0.505   -4.883  12.079  1.00 24.15 ? 102  LEU B CB  1 
ATOM   1335 C  CG  . LEU B 1 102 ? 0.286   -6.034  11.071  1.00 25.50 ? 102  LEU B CG  1 
ATOM   1336 C  CD1 . LEU B 1 102 ? -1.166  -6.044  10.531  1.00 27.44 ? 102  LEU B CD1 1 
ATOM   1337 C  CD2 . LEU B 1 102 ? 1.326   -6.070  9.905   1.00 24.21 ? 102  LEU B CD2 1 
ATOM   1338 N  N   . GLN B 1 103 ? 2.744   -2.586  12.842  1.00 26.90 ? 103  GLN B N   1 
ATOM   1339 C  CA  . GLN B 1 103 ? 3.213   -1.416  13.584  1.00 27.74 ? 103  GLN B CA  1 
ATOM   1340 C  C   . GLN B 1 103 ? 2.091   -0.783  14.400  1.00 26.42 ? 103  GLN B C   1 
ATOM   1341 O  O   . GLN B 1 103 ? 2.196   -0.586  15.635  1.00 27.50 ? 103  GLN B O   1 
ATOM   1342 C  CB  . GLN B 1 103 ? 3.892   -0.458  12.577  1.00 29.07 ? 103  GLN B CB  1 
ATOM   1343 C  CG  . GLN B 1 103 ? 4.017   1.008   13.100  1.00 35.48 ? 103  GLN B CG  1 
ATOM   1344 C  CD  . GLN B 1 103 ? 4.986   1.083   14.120  1.00 39.41 ? 103  GLN B CD  1 
ATOM   1345 O  OE1 . GLN B 1 103 ? 4.773   1.739   15.122  1.00 43.23 ? 103  GLN B OE1 1 
ATOM   1346 N  NE2 . GLN B 1 103 ? 6.117   0.404   13.891  1.00 39.57 ? 103  GLN B NE2 1 
ATOM   1347 N  N   . ASP B 1 104 ? 0.977   -0.494  13.743  1.00 24.77 ? 104  ASP B N   1 
ATOM   1348 C  CA  . ASP B 1 104 ? -0.145  0.129   14.415  1.00 23.03 ? 104  ASP B CA  1 
ATOM   1349 C  C   . ASP B 1 104 ? -1.398  -0.005  13.567  1.00 23.22 ? 104  ASP B C   1 
ATOM   1350 O  O   . ASP B 1 104 ? -1.390  -0.577  12.452  1.00 23.20 ? 104  ASP B O   1 
ATOM   1351 C  CB  . ASP B 1 104 ? 0.166   1.612   14.708  1.00 23.18 ? 104  ASP B CB  1 
ATOM   1352 C  CG  . ASP B 1 104 ? 0.231   2.475   13.476  1.00 22.49 ? 104  ASP B CG  1 
ATOM   1353 O  OD1 . ASP B 1 104 ? -0.278  2.120   12.407  1.00 20.21 ? 104  ASP B OD1 1 
ATOM   1354 O  OD2 . ASP B 1 104 ? 0.771   3.613   13.531  1.00 25.70 ? 104  ASP B OD2 1 
ATOM   1355 N  N   . HIS B 1 105 ? -2.450  0.615   14.028  1.00 23.16 ? 105  HIS B N   1 
ATOM   1356 C  CA  . HIS B 1 105 ? -3.710  0.509   13.307  1.00 23.00 ? 105  HIS B CA  1 
ATOM   1357 C  C   . HIS B 1 105 ? -3.707  0.991   11.845  1.00 20.20 ? 105  HIS B C   1 
ATOM   1358 O  O   . HIS B 1 105 ? -4.520  0.563   11.021  1.00 20.59 ? 105  HIS B O   1 
ATOM   1359 C  CB  . HIS B 1 105 ? -4.776  1.200   14.074  1.00 20.87 ? 105  HIS B CB  1 
ATOM   1360 C  CG  . HIS B 1 105 ? -4.606  2.664   14.209  1.00 20.25 ? 105  HIS B CG  1 
ATOM   1361 N  ND1 . HIS B 1 105 ? -3.915  3.166   15.285  1.00 28.46 ? 105  HIS B ND1 1 
ATOM   1362 C  CD2 . HIS B 1 105 ? -5.012  3.742   13.468  1.00 15.79 ? 105  HIS B CD2 1 
ATOM   1363 C  CE1 . HIS B 1 105 ? -3.960  4.496   15.256  1.00 26.61 ? 105  HIS B CE1 1 
ATOM   1364 N  NE2 . HIS B 1 105 ? -4.586  4.871   14.142  1.00 22.62 ? 105  HIS B NE2 1 
ATOM   1365 N  N   . HIS B 1 106 ? -2.873  1.928   11.548  1.00 20.65 ? 106  HIS B N   1 
ATOM   1366 C  CA  . HIS B 1 106 ? -2.681  2.293   10.095  1.00 22.29 ? 106  HIS B CA  1 
ATOM   1367 C  C   . HIS B 1 106 ? -2.258  1.120   9.252   1.00 20.84 ? 106  HIS B C   1 
ATOM   1368 O  O   . HIS B 1 106 ? -2.800  0.924   8.216   1.00 21.59 ? 106  HIS B O   1 
ATOM   1369 C  CB  . HIS B 1 106 ? -1.665  3.350   9.876   1.00 21.69 ? 106  HIS B CB  1 
ATOM   1370 C  CG  . HIS B 1 106 ? -1.987  4.651   10.516  1.00 25.91 ? 106  HIS B CG  1 
ATOM   1371 N  ND1 . HIS B 1 106 ? -1.032  5.386   11.188  1.00 26.00 ? 106  HIS B ND1 1 
ATOM   1372 C  CD2 . HIS B 1 106 ? -3.155  5.357   10.596  1.00 26.33 ? 106  HIS B CD2 1 
ATOM   1373 C  CE1 . HIS B 1 106 ? -1.595  6.500   11.650  1.00 27.48 ? 106  HIS B CE1 1 
ATOM   1374 N  NE2 . HIS B 1 106 ? -2.877  6.506   11.290  1.00 24.30 ? 106  HIS B NE2 1 
ATOM   1375 N  N   . ILE B 1 107 ? -1.352  0.299   9.747   1.00 21.13 ? 107  ILE B N   1 
ATOM   1376 C  CA  . ILE B 1 107 ? -0.923  -0.854  9.010   1.00 21.03 ? 107  ILE B CA  1 
ATOM   1377 C  C   . ILE B 1 107 ? -2.010  -1.923  8.847   1.00 21.94 ? 107  ILE B C   1 
ATOM   1378 O  O   . ILE B 1 107 ? -2.133  -2.596  7.756   1.00 21.15 ? 107  ILE B O   1 
ATOM   1379 C  CB  . ILE B 1 107 ? 0.431   -1.366  9.614   1.00 20.83 ? 107  ILE B CB  1 
ATOM   1380 C  CG1 . ILE B 1 107 ? 1.415   -0.195  9.685   1.00 20.45 ? 107  ILE B CG1 1 
ATOM   1381 C  CG2 . ILE B 1 107 ? 1.018   -2.480  8.791   1.00 22.96 ? 107  ILE B CG2 1 
ATOM   1382 C  CD1 . ILE B 1 107 ? 1.568   0.698   8.308   1.00 21.18 ? 107  ILE B CD1 1 
ATOM   1383 N  N   . VAL B 1 108 ? -2.827  -2.074  9.882   1.00 23.24 ? 108  VAL B N   1 
ATOM   1384 C  CA  . VAL B 1 108 ? -3.907  -3.081  9.895   1.00 22.11 ? 108  VAL B CA  1 
ATOM   1385 C  C   . VAL B 1 108 ? -4.845  -2.630  8.844   1.00 21.61 ? 108  VAL B C   1 
ATOM   1386 O  O   . VAL B 1 108 ? -5.238  -3.400  7.980   1.00 20.83 ? 108  VAL B O   1 
ATOM   1387 C  CB  . VAL B 1 108 ? -4.603  -3.161  11.332  1.00 24.61 ? 108  VAL B CB  1 
ATOM   1388 C  CG1 . VAL B 1 108 ? -5.825  -4.113  11.362  1.00 25.26 ? 108  VAL B CG1 1 
ATOM   1389 C  CG2 . VAL B 1 108 ? -3.594  -3.561  12.419  1.00 26.35 ? 108  VAL B CG2 1 
ATOM   1390 N  N   . ALA B 1 109 ? -5.189  -1.356  8.854   1.00 21.80 ? 109  ALA B N   1 
ATOM   1391 C  CA  . ALA B 1 109 ? -6.210  -0.826  7.862   1.00 23.74 ? 109  ALA B CA  1 
ATOM   1392 C  C   . ALA B 1 109 ? -5.707  -0.877  6.387   1.00 25.33 ? 109  ALA B C   1 
ATOM   1393 O  O   . ALA B 1 109 ? -6.324  -1.472  5.477   1.00 26.03 ? 109  ALA B O   1 
ATOM   1394 C  CB  . ALA B 1 109 ? -6.643  0.617   8.269   1.00 23.09 ? 109  ALA B CB  1 
ATOM   1395 N  N   . LEU B 1 110 ? -4.553  -0.300  6.165   1.00 25.77 ? 110  LEU B N   1 
ATOM   1396 C  CA  . LEU B 1 110 ? -3.813  -0.472  4.865   1.00 26.82 ? 110  LEU B CA  1 
ATOM   1397 C  C   . LEU B 1 110 ? -3.897  -1.850  4.286   1.00 24.90 ? 110  LEU B C   1 
ATOM   1398 O  O   . LEU B 1 110 ? -4.310  -2.045  3.131   1.00 24.68 ? 110  LEU B O   1 
ATOM   1399 C  CB  . LEU B 1 110 ? -2.364  -0.155  5.154   1.00 28.63 ? 110  LEU B CB  1 
ATOM   1400 C  CG  . LEU B 1 110 ? -1.430  0.337   4.121   1.00 33.96 ? 110  LEU B CG  1 
ATOM   1401 C  CD1 . LEU B 1 110 ? -0.395  1.048   4.911   1.00 37.96 ? 110  LEU B CD1 1 
ATOM   1402 C  CD2 . LEU B 1 110 ? -0.846  -0.819  3.429   1.00 39.52 ? 110  LEU B CD2 1 
ATOM   1403 N  N   . TYR B 1 111 ? -3.535  -2.835  5.084   1.00 24.23 ? 111  TYR B N   1 
ATOM   1404 C  CA  . TYR B 1 111 ? -3.540  -4.244  4.651   1.00 25.54 ? 111  TYR B CA  1 
ATOM   1405 C  C   . TYR B 1 111 ? -4.912  -4.828  4.336   1.00 26.09 ? 111  TYR B C   1 
ATOM   1406 O  O   . TYR B 1 111 ? -5.115  -5.542  3.339   1.00 27.14 ? 111  TYR B O   1 
ATOM   1407 C  CB  . TYR B 1 111 ? -2.811  -5.189  5.724   1.00 26.44 ? 111  TYR B CB  1 
ATOM   1408 C  CG  . TYR B 1 111 ? -2.866  -6.628  5.352   1.00 23.06 ? 111  TYR B CG  1 
ATOM   1409 C  CD1 . TYR B 1 111 ? -1.936  -7.174  4.465   1.00 28.92 ? 111  TYR B CD1 1 
ATOM   1410 C  CD2 . TYR B 1 111 ? -3.905  -7.434  5.811   1.00 24.66 ? 111  TYR B CD2 1 
ATOM   1411 C  CE1 . TYR B 1 111 ? -2.046  -8.519  4.036   1.00 27.93 ? 111  TYR B CE1 1 
ATOM   1412 C  CE2 . TYR B 1 111 ? -4.034  -8.780  5.408   1.00 27.04 ? 111  TYR B CE2 1 
ATOM   1413 C  CZ  . TYR B 1 111 ? -3.081  -9.310  4.521   1.00 27.00 ? 111  TYR B CZ  1 
ATOM   1414 O  OH  . TYR B 1 111 ? -3.161  -10.610 4.061   1.00 25.93 ? 111  TYR B OH  1 
ATOM   1415 N  N   . GLN B 1 112 ? -5.845  -4.598  5.249   1.00 26.74 ? 112  GLN B N   1 
ATOM   1416 C  CA  . GLN B 1 112 ? -7.163  -5.216  5.183   1.00 27.67 ? 112  GLN B CA  1 
ATOM   1417 C  C   . GLN B 1 112 ? -7.918  -4.600  4.012   1.00 26.53 ? 112  GLN B C   1 
ATOM   1418 O  O   . GLN B 1 112 ? -8.493  -5.265  3.207   1.00 27.82 ? 112  GLN B O   1 
ATOM   1419 C  CB  . GLN B 1 112 ? -7.945  -5.069  6.546   1.00 28.17 ? 112  GLN B CB  1 
ATOM   1420 C  CG  . GLN B 1 112 ? -9.291  -6.014  6.519   1.00 32.24 ? 112  GLN B CG  1 
ATOM   1421 C  CD  . GLN B 1 112 ? -8.863  -7.488  6.377   1.00 34.37 ? 112  GLN B CD  1 
ATOM   1422 O  OE1 . GLN B 1 112 ? -7.971  -7.900  7.099   1.00 35.53 ? 112  GLN B OE1 1 
ATOM   1423 N  NE2 . GLN B 1 112 ? -9.383  -8.209  5.401   1.00 38.90 ? 112  GLN B NE2 1 
ATOM   1424 N  N   . ASN B 1 113 ? -7.852  -3.299  3.924   1.00 26.79 ? 113  ASN B N   1 
ATOM   1425 C  CA  . ASN B 1 113 ? -8.520  -2.566  2.856   1.00 28.74 ? 113  ASN B CA  1 
ATOM   1426 C  C   . ASN B 1 113 ? -7.993  -2.956  1.461   1.00 29.10 ? 113  ASN B C   1 
ATOM   1427 O  O   . ASN B 1 113 ? -8.796  -3.142  0.559   1.00 30.90 ? 113  ASN B O   1 
ATOM   1428 C  CB  . ASN B 1 113 ? -8.411  -1.058  3.071   1.00 27.97 ? 113  ASN B CB  1 
ATOM   1429 C  CG  . ASN B 1 113 ? -9.451  -0.540  4.041   1.00 31.60 ? 113  ASN B CG  1 
ATOM   1430 O  OD1 . ASN B 1 113 ? -10.615 -0.377  3.649   1.00 32.89 ? 113  ASN B OD1 1 
ATOM   1431 N  ND2 . ASN B 1 113 ? -9.055  -0.270  5.307   1.00 30.37 ? 113  ASN B ND2 1 
ATOM   1432 N  N   . ALA B 1 114 ? -6.691  -3.187  1.322   1.00 27.73 ? 114  ALA B N   1 
ATOM   1433 C  CA  . ALA B 1 114 ? -6.077  -3.580  0.024   1.00 27.21 ? 114  ALA B CA  1 
ATOM   1434 C  C   . ALA B 1 114 ? -6.416  -5.025  -0.312  1.00 28.84 ? 114  ALA B C   1 
ATOM   1435 O  O   . ALA B 1 114 ? -6.687  -5.330  -1.486  1.00 27.03 ? 114  ALA B O   1 
ATOM   1436 C  CB  . ALA B 1 114 ? -4.634  -3.421  0.062   1.00 26.89 ? 114  ALA B CB  1 
ATOM   1437 N  N   . LEU B 1 115 ? -6.449  -5.895  0.716   1.00 29.62 ? 115  LEU B N   1 
ATOM   1438 C  CA  . LEU B 1 115 ? -6.858  -7.255  0.470   1.00 29.61 ? 115  LEU B CA  1 
ATOM   1439 C  C   . LEU B 1 115 ? -8.330  -7.316  0.051   1.00 30.17 ? 115  LEU B C   1 
ATOM   1440 O  O   . LEU B 1 115 ? -8.626  -7.992  -0.914  1.00 29.00 ? 115  LEU B O   1 
ATOM   1441 C  CB  . LEU B 1 115 ? -6.618  -8.161  1.654   1.00 28.41 ? 115  LEU B CB  1 
ATOM   1442 C  CG  . LEU B 1 115 ? -6.879  -9.656  1.433   1.00 28.46 ? 115  LEU B CG  1 
ATOM   1443 C  CD1 . LEU B 1 115 ? -5.847  -10.214 0.476   1.00 28.23 ? 115  LEU B CD1 1 
ATOM   1444 C  CD2 . LEU B 1 115 ? -6.861  -10.421 2.807   1.00 26.58 ? 115  LEU B CD2 1 
ATOM   1445 N  N   . ASP B 1 116 ? -9.218  -6.611  0.761   1.00 32.31 ? 116  ASP B N   1 
ATOM   1446 C  CA  . ASP B 1 116 ? -10.681 -6.656  0.469   1.00 32.96 ? 116  ASP B CA  1 
ATOM   1447 C  C   . ASP B 1 116 ? -10.983 -6.113  -0.915  1.00 34.17 ? 116  ASP B C   1 
ATOM   1448 O  O   . ASP B 1 116 ? -11.806 -6.705  -1.647  1.00 36.01 ? 116  ASP B O   1 
ATOM   1449 C  CB  . ASP B 1 116 ? -11.499 -5.885  1.489   1.00 32.72 ? 116  ASP B CB  1 
ATOM   1450 C  CG  . ASP B 1 116 ? -11.475 -6.516  2.865   1.00 36.97 ? 116  ASP B CG  1 
ATOM   1451 O  OD1 . ASP B 1 116 ? -11.144 -7.737  2.915   1.00 37.73 ? 116  ASP B OD1 1 
ATOM   1452 O  OD2 . ASP B 1 116 ? -11.807 -5.874  3.940   1.00 38.67 ? 116  ASP B OD2 1 
ATOM   1453 N  N   . HIS B 1 117 ? -10.345 -4.996  -1.285  1.00 34.01 ? 117  HIS B N   1 
ATOM   1454 C  CA  . HIS B 1 117 ? -10.498 -4.426  -2.619  1.00 34.26 ? 117  HIS B CA  1 
ATOM   1455 C  C   . HIS B 1 117 ? -9.974  -5.418  -3.695  1.00 36.35 ? 117  HIS B C   1 
ATOM   1456 O  O   . HIS B 1 117 ? -10.479 -5.513  -4.833  1.00 37.55 ? 117  HIS B O   1 
ATOM   1457 C  CB  . HIS B 1 117 ? -9.693  -3.117  -2.697  1.00 34.65 ? 117  HIS B CB  1 
ATOM   1458 C  CG  . HIS B 1 117 ? -9.915  -2.335  -3.958  1.00 32.98 ? 117  HIS B CG  1 
ATOM   1459 N  ND1 . HIS B 1 117 ? -11.106 -1.695  -4.230  1.00 27.61 ? 117  HIS B ND1 1 
ATOM   1460 C  CD2 . HIS B 1 117 ? -9.092  -2.041  -4.988  1.00 34.37 ? 117  HIS B CD2 1 
ATOM   1461 C  CE1 . HIS B 1 117 ? -11.003 -1.025  -5.362  1.00 32.68 ? 117  HIS B CE1 1 
ATOM   1462 N  NE2 . HIS B 1 117 ? -9.791  -1.212  -5.845  1.00 35.85 ? 117  HIS B NE2 1 
ATOM   1463 N  N   . LEU B 1 118 ? -8.972  -6.202  -3.354  1.00 36.71 ? 118  LEU B N   1 
ATOM   1464 C  CA  . LEU B 1 118 ? -8.515  -7.198  -4.292  1.00 38.61 ? 118  LEU B CA  1 
ATOM   1465 C  C   . LEU B 1 118 ? -9.531  -8.343  -4.472  1.00 39.24 ? 118  LEU B C   1 
ATOM   1466 O  O   . LEU B 1 118 ? -9.736  -8.849  -5.566  1.00 40.21 ? 118  LEU B O   1 
ATOM   1467 C  CB  . LEU B 1 118 ? -7.188  -7.770  -3.822  1.00 38.67 ? 118  LEU B CB  1 
ATOM   1468 C  CG  . LEU B 1 118 ? -6.451  -8.699  -4.818  1.00 41.54 ? 118  LEU B CG  1 
ATOM   1469 C  CD1 . LEU B 1 118 ? -5.844  -7.860  -5.962  1.00 43.86 ? 118  LEU B CD1 1 
ATOM   1470 C  CD2 . LEU B 1 118 ? -5.344  -9.598  -4.101  1.00 40.43 ? 118  LEU B CD2 1 
ATOM   1471 N  N   . GLN B 1 119 ? -10.185 -8.742  -3.399  1.00 40.43 ? 119  GLN B N   1 
ATOM   1472 C  CA  . GLN B 1 119 ? -11.011 -9.937  -3.450  1.00 42.45 ? 119  GLN B CA  1 
ATOM   1473 C  C   . GLN B 1 119 ? -12.519 -9.710  -3.661  1.00 43.02 ? 119  GLN B C   1 
ATOM   1474 O  O   . GLN B 1 119 ? -13.289 -10.681 -3.563  1.00 43.64 ? 119  GLN B O   1 
ATOM   1475 C  CB  . GLN B 1 119 ? -10.777 -10.688 -2.164  1.00 42.15 ? 119  GLN B CB  1 
ATOM   1476 C  CG  . GLN B 1 119 ? -9.315  -11.103 -2.026  1.00 44.28 ? 119  GLN B CG  1 
ATOM   1477 C  CD  . GLN B 1 119 ? -9.129  -12.009 -0.844  1.00 43.64 ? 119  GLN B CD  1 
ATOM   1478 O  OE1 . GLN B 1 119 ? -9.577  -11.705 0.272   1.00 41.33 ? 119  GLN B OE1 1 
ATOM   1479 N  NE2 . GLN B 1 119 ? -8.494  -13.118 -1.083  1.00 42.35 ? 119  GLN B NE2 1 
ATOM   1480 N  N   . GLU B 1 120 ? -12.929 -8.452  -3.893  1.00 43.57 ? 120  GLU B N   1 
ATOM   1481 C  CA  . GLU B 1 120 ? -14.355 -8.061  -3.876  1.00 44.25 ? 120  GLU B CA  1 
ATOM   1482 C  C   . GLU B 1 120 ? -15.006 -8.259  -5.266  1.00 45.83 ? 120  GLU B C   1 
ATOM   1483 O  O   . GLU B 1 120 ? -14.323 -8.633  -6.245  1.00 43.82 ? 120  GLU B O   1 
ATOM   1484 C  CB  . GLU B 1 120 ? -14.565 -6.564  -3.486  1.00 43.09 ? 120  GLU B CB  1 
ATOM   1485 C  CG  . GLU B 1 120 ? -14.169 -5.604  -4.614  1.00 42.97 ? 120  GLU B CG  1 
ATOM   1486 C  CD  . GLU B 1 120 ? -13.994 -4.154  -4.176  1.00 43.40 ? 120  GLU B CD  1 
ATOM   1487 O  OE1 . GLU B 1 120 ? -14.016 -3.855  -2.959  1.00 45.64 ? 120  GLU B OE1 1 
ATOM   1488 O  OE2 . GLU B 1 120 ? -13.849 -3.297  -5.059  1.00 43.03 ? 120  GLU B OE2 1 
ATOM   1489 N  N   . SER B 1 121 ? -16.327 -7.942  -5.277  1.00 48.44 ? 121  SER B N   1 
ATOM   1490 C  CA  . SER B 1 121 ? -17.107 -7.358  -6.419  1.00 50.43 ? 121  SER B CA  1 
ATOM   1491 C  C   . SER B 1 121 ? -16.492 -7.689  -7.714  1.00 51.97 ? 121  SER B C   1 
ATOM   1492 O  O   . SER B 1 121 ? -16.349 -8.884  -7.962  1.00 54.77 ? 121  SER B O   1 
ATOM   1493 C  CB  . SER B 1 121 ? -17.326 -5.826  -6.284  1.00 49.81 ? 121  SER B CB  1 
ATOM   1494 N  N   . ARG B 1 122 ? -16.127 -6.723  -8.543  1.00 53.25 ? 122  ARG B N   1 
ATOM   1495 C  CA  . ARG B 1 122 ? -15.517 -7.066  -9.820  1.00 55.91 ? 122  ARG B CA  1 
ATOM   1496 C  C   . ARG B 1 122 ? -13.995 -6.838  -9.838  1.00 56.78 ? 122  ARG B C   1 
ATOM   1497 O  O   . ARG B 1 122 ? -13.388 -7.156  -8.807  1.00 58.29 ? 122  ARG B O   1 
ATOM   1498 C  CB  . ARG B 1 122 ? -16.153 -6.303  -10.958 1.00 56.28 ? 122  ARG B CB  1 
ATOM   1499 C  CG  . ARG B 1 122 ? -15.908 -6.947  -12.291 1.00 59.67 ? 122  ARG B CG  1 
ATOM   1500 C  CD  . ARG B 1 122 ? -16.368 -6.083  -13.455 1.00 64.93 ? 122  ARG B CD  1 
ATOM   1501 N  NE  . ARG B 1 122 ? -17.821 -5.841  -13.414 1.00 68.82 ? 122  ARG B NE  1 
ATOM   1502 C  CZ  . ARG B 1 122 ? -18.528 -5.112  -14.319 1.00 70.77 ? 122  ARG B CZ  1 
ATOM   1503 N  NH1 . ARG B 1 122 ? -17.945 -4.529  -15.381 1.00 71.21 ? 122  ARG B NH1 1 
ATOM   1504 N  NH2 . ARG B 1 122 ? -19.838 -4.973  -14.151 1.00 69.20 ? 122  ARG B NH2 1 
ATOM   1505 O  OXT . ARG B 1 122 ? -13.401 -6.372  -10.849 1.00 56.86 ? 122  ARG B OXT 1 
HETATM 1506 ZN ZN  . ZN  C 2 .   ? 0.671   4.800   12.015  1.00 35.51 ? 502  ZN  A ZN  1 
HETATM 1507 ZN ZN  . ZN  D 2 .   ? -12.841 -1.855  -3.053  1.00 45.63 ? 501  ZN  B ZN  1 
HETATM 1508 O  O   . HOH E 3 .   ? 3.005   3.634   -11.317 1.00 47.39 ? 1005 HOH A O   1 
HETATM 1509 O  O   . HOH E 3 .   ? -5.286  -16.894 0.309   1.00 36.68 ? 1008 HOH A O   1 
HETATM 1510 O  O   . HOH E 3 .   ? -6.247  17.108  -24.846 1.00 54.10 ? 1013 HOH A O   1 
HETATM 1511 O  O   . HOH E 3 .   ? 8.793   8.125   10.183  1.00 65.50 ? 1016 HOH A O   1 
HETATM 1512 O  O   . HOH E 3 .   ? -5.913  22.223  -5.480  1.00 43.75 ? 1017 HOH A O   1 
HETATM 1513 O  O   . HOH E 3 .   ? -3.094  -11.140 -10.689 1.00 49.50 ? 1018 HOH A O   1 
HETATM 1514 O  O   . HOH E 3 .   ? 1.302   -3.489  -11.120 1.00 42.19 ? 1019 HOH A O   1 
HETATM 1515 O  O   . HOH E 3 .   ? -15.507 -1.178  -5.843  1.00 53.80 ? 1020 HOH A O   1 
HETATM 1516 O  O   . HOH E 3 .   ? 1.040   13.694  -11.320 1.00 30.82 ? 1027 HOH A O   1 
HETATM 1517 O  O   . HOH E 3 .   ? -23.621 10.541  -10.416 1.00 49.20 ? 1029 HOH A O   1 
HETATM 1518 O  O   . HOH E 3 .   ? -4.282  -3.403  -10.481 1.00 51.90 ? 1030 HOH A O   1 
HETATM 1519 O  O   . HOH E 3 .   ? -16.401 10.099  -11.258 1.00 41.00 ? 1036 HOH A O   1 
HETATM 1520 O  O   . HOH E 3 .   ? -1.479  -13.393 -9.408  1.00 54.94 ? 1037 HOH A O   1 
HETATM 1521 O  O   . HOH E 3 .   ? 8.000   11.980  -14.003 1.00 46.17 ? 1042 HOH A O   1 
HETATM 1522 O  O   . HOH E 3 .   ? -11.289 -6.539  -7.247  1.00 91.81 ? 1044 HOH A O   1 
HETATM 1523 O  O   . HOH E 3 .   ? 6.148   9.284   -11.238 1.00 55.16 ? 1046 HOH A O   1 
HETATM 1524 O  O   . HOH E 3 .   ? -6.932  23.981  -1.566  1.00 54.61 ? 1048 HOH A O   1 
HETATM 1525 O  O   . HOH E 3 .   ? -4.260  -22.128 -3.406  1.00 64.41 ? 1049 HOH A O   1 
HETATM 1526 O  O   . HOH E 3 .   ? -7.779  21.939  -7.605  1.00 72.21 ? 1050 HOH A O   1 
HETATM 1527 O  O   . HOH E 3 .   ? -6.364  -22.925 3.017   1.00 59.48 ? 1052 HOH A O   1 
HETATM 1528 O  O   . HOH E 3 .   ? -17.800 2.985   -5.364  1.00 48.83 ? 1054 HOH A O   1 
HETATM 1529 O  O   . HOH E 3 .   ? -5.081  8.436   11.272  1.00 43.00 ? 1056 HOH A O   1 
HETATM 1530 O  O   . HOH E 3 .   ? -15.003 20.335  -15.892 1.00 73.14 ? 1059 HOH A O   1 
HETATM 1531 O  O   . HOH F 3 .   ? 2.472   17.648  1.004   1.00 24.87 ? 1000 HOH B O   1 
HETATM 1532 O  O   . HOH F 3 .   ? 12.127  -21.721 12.315  1.00 45.71 ? 1001 HOH B O   1 
HETATM 1533 O  O   . HOH F 3 .   ? 6.254   6.306   9.816   1.00 32.92 ? 1002 HOH B O   1 
HETATM 1534 O  O   . HOH F 3 .   ? -11.308 -9.935  1.626   1.00 42.95 ? 1003 HOH B O   1 
HETATM 1535 O  O   . HOH F 3 .   ? -7.379  -0.337  11.655  1.00 29.50 ? 1004 HOH B O   1 
HETATM 1536 O  O   . HOH F 3 .   ? 6.492   -17.267 27.859  1.00 43.30 ? 1006 HOH B O   1 
HETATM 1537 O  O   . HOH F 3 .   ? 5.500   -6.949  18.964  1.00 47.99 ? 1007 HOH B O   1 
HETATM 1538 O  O   . HOH F 3 .   ? 12.154  -13.104 16.089  1.00 32.06 ? 1009 HOH B O   1 
HETATM 1539 O  O   . HOH F 3 .   ? -13.818 -4.042  3.827   1.00 50.50 ? 1010 HOH B O   1 
HETATM 1540 O  O   . HOH F 3 .   ? -2.764  1.376   17.214  1.00 41.82 ? 1011 HOH B O   1 
HETATM 1541 O  O   . HOH F 3 .   ? -11.713 -2.910  4.818   1.00 46.69 ? 1012 HOH B O   1 
HETATM 1542 O  O   . HOH F 3 .   ? 3.923   -0.635  17.564  1.00 46.99 ? 1014 HOH B O   1 
HETATM 1543 O  O   . HOH F 3 .   ? 13.124  -17.284 26.584  1.00 50.87 ? 1015 HOH B O   1 
HETATM 1544 O  O   . HOH F 3 .   ? -11.147 -7.767  -9.596  1.00 39.59 ? 1021 HOH B O   1 
HETATM 1545 O  O   . HOH F 3 .   ? 7.663   -6.961  25.885  1.00 38.99 ? 1022 HOH B O   1 
HETATM 1546 O  O   . HOH F 3 .   ? 15.400  -13.794 18.842  1.00 37.27 ? 1023 HOH B O   1 
HETATM 1547 O  O   . HOH F 3 .   ? 8.350   13.118  -6.520  1.00 33.29 ? 1024 HOH B O   1 
HETATM 1548 O  O   . HOH F 3 .   ? 14.016  9.206   -1.003  1.00 50.00 ? 1025 HOH B O   1 
HETATM 1549 O  O   . HOH F 3 .   ? 2.741   -3.156  17.378  1.00 45.27 ? 1026 HOH B O   1 
HETATM 1550 O  O   . HOH F 3 .   ? 10.418  11.518  -6.965  1.00 33.42 ? 1028 HOH B O   1 
HETATM 1551 O  O   . HOH F 3 .   ? 14.361  -0.317  3.348   1.00 38.65 ? 1031 HOH B O   1 
HETATM 1552 O  O   . HOH F 3 .   ? -3.572  -12.016 17.419  1.00 66.54 ? 1032 HOH B O   1 
HETATM 1553 O  O   . HOH F 3 .   ? -4.367  -12.857 7.541   1.00 35.18 ? 1033 HOH B O   1 
HETATM 1554 O  O   . HOH F 3 .   ? 14.484  -13.133 1.015   1.00 47.10 ? 1034 HOH B O   1 
HETATM 1555 O  O   . HOH F 3 .   ? 18.915  -12.291 6.815   1.00 43.15 ? 1035 HOH B O   1 
HETATM 1556 O  O   . HOH F 3 .   ? -0.450  -7.144  14.256  1.00 42.41 ? 1038 HOH B O   1 
HETATM 1557 O  O   . HOH F 3 .   ? 11.366  1.066   -0.490  1.00 33.85 ? 1039 HOH B O   1 
HETATM 1558 O  O   . HOH F 3 .   ? 10.580  8.029   -7.302  1.00 51.09 ? 1040 HOH B O   1 
HETATM 1559 O  O   . HOH F 3 .   ? -4.949  -12.096 4.973   1.00 47.68 ? 1041 HOH B O   1 
HETATM 1560 O  O   . HOH F 3 .   ? -18.853 -9.482  -7.981  1.00 45.52 ? 1043 HOH B O   1 
HETATM 1561 O  O   . HOH F 3 .   ? 14.549  -7.846  10.764  1.00 50.54 ? 1045 HOH B O   1 
HETATM 1562 O  O   . HOH F 3 .   ? 18.901  -9.517  7.156   1.00 62.44 ? 1047 HOH B O   1 
HETATM 1563 O  O   . HOH F 3 .   ? 7.349   -7.469  -6.827  1.00 38.16 ? 1051 HOH B O   1 
HETATM 1564 O  O   . HOH F 3 .   ? 11.550  12.108  -0.071  1.00 53.89 ? 1053 HOH B O   1 
HETATM 1565 O  O   . HOH F 3 .   ? 11.758  9.747   2.594   1.00 44.39 ? 1055 HOH B O   1 
HETATM 1566 O  O   . HOH F 3 .   ? -3.818  -17.311 9.519   1.00 54.15 ? 1057 HOH B O   1 
HETATM 1567 O  O   . HOH F 3 .   ? 15.068  -20.187 2.755   1.00 50.47 ? 1058 HOH B O   1 
# 
